data_8I6V
#
_entry.id   8I6V
#
_cell.length_a   1.00
_cell.length_b   1.00
_cell.length_c   1.00
_cell.angle_alpha   90.00
_cell.angle_beta   90.00
_cell.angle_gamma   90.00
#
_symmetry.space_group_name_H-M   'P 1'
#
loop_
_entity.id
_entity.type
_entity.pdbx_description
1 polymer 'Vacuolar transporter chaperone complex subunit 1'
2 polymer 'Vacuolar transporter chaperone 3 complex subunit 3'
3 polymer 'Vacuolar transporter chaperone complex subunit 4'
4 non-polymer '(2S)-3-(hexadecanoyloxy)-2-[(9Z)-octadec-9-enoyloxy]propyl 2-(trimethylammonio)ethyl phosphate'
5 non-polymer 'PHOSPHATE ION'
6 non-polymer TRIPHOSPHATE
7 non-polymer 'MANGANESE (II) ION'
8 water water
#
loop_
_entity_poly.entity_id
_entity_poly.type
_entity_poly.pdbx_seq_one_letter_code
_entity_poly.pdbx_strand_id
1 'polypeptide(L)'
;MSSAPLLQRTPGKKIALPTRVEPKVFFANERTFLSWLNFTVMLGGLGVGLLNFGDKIGRVSAGLFTFVAMGTMIYALVTY
HWRAAAIRRRGSGPYDDRLGPTLLCFFLLVAVIINFILRLKYNDANTKL
;
A,B,C
2 'polypeptide(L)'
;MLFGIKLANDVYPPWKDSYIDYERLKKLLKESVIHDGRSSVDSWSERNESDFVEALDKELEKVYTFQISKYNAVLRKLDD
LEENTKSAEKIQKINSEQFKNTLEECLDEAQRLDNFDRLNFTGFIKIVKKHDKLHPNYPSVKSLLQVRLKELPFNNSEEY
SPLLYRISYLYEFLRSNYDHPNTVSKSLASTSKLSHFSNLEDASFKSYKFWVHDDNIMEVKARILRHLPALVYASVPNEN
DDFVDNLESDVRVQPEARLNIGSKSNSLSSDGNSNQDVEIGKSKSVIFPQSYDPTITTLYFDNDFFDLYNNRLLKISGAP
TLRLRWIGKLLDKPDIFLEKRTFTENTETGNSSFEEIRLQMKAKFINNFIFKNDPSYKNYLINQLRERGTQKEELEKLSR
DFDNIQNFIVEEKLQPVLRATYNRTAFQIPGDQSIRVTIDSNIMYIREDSLDKNRPIRNPENWHRDDIDSNIPNPLRFLR
AGEYSKFPYSVMEIKVINQDNSQMPNYEWIKDLTNSHLVNEVPKFSLYLQGVASLFGEDDKYVNILPFWLPDLETDIRKN
PQEAYEEEKKTLQKQKSIHDKLDNMRRLSKISVPDGKTTERQGQKDQNTRHVIADLEDHESSDEEGTALPKKSAVKKGKK
FKTNAAFLKILAGKNISENGNDPYSDDTDSASSFQLPPGVKKPVHLLKNAGPVKVEAKVWLANERTFNRWLSVTTLLSVL
TFSIYNSVQKAEFPQLADLLAYVYFFLTLFCGVWAYRTYLKRLTLIKGRSGKHLDAPVGPILVAVVLIVTLVVNFSVAFK
EAARRERGLVNVSSQPSLPRTLKPIQDFIFNLVGE
;
D
3 'polypeptide(L)'
;MKFGEHLSKSLIRQYSYYYISYDDLKTELEDNLSKNNGQWTQELETDFLESLEIELDKVYTFCKVKHSEVFRRVKEVQEQ
VQHTVRLLDSNNPPTQLDFEILEEELSDIIADVHDLAKFSRLNYTGFQKIIKKHDKKTGFILKPVFQVRLDSKPFFKENY
DELVVKISQLYDIARTSGRPIKGDSSAGGKQQNFVRQTTKYWVHPDNITELKLIILKHLPVLVFNTNKEFEREDSAITSI
YFDNENLDLYYGRLRKDEGAEAHRLRWYGGMSTDTIFVERKTHREDWTGEKSVKARFALKERHVNDFLKGKYTVDQVFAK
MRKEGKKPMNEIENLEALASEIQYVMLKKKLRPVVRSFYNRTAFQLPGDARVRISLDTELTMVREDNFDGVDRTHKNWRR
TDIGVDWPFKQLDDKDICRFPYAVLEVKLQTQLGQEPPEWVRELVGSHLVEPVPKFSKFIHGVATLLNDKVDSIPFWLPQ
MDVDIRKPPLPTNIEITRPGRSDNEDNDFDEDDEDDAALVAAMTNAPGNSLDIEESVGYGATSAPTSNTNHVVESANAAY
YQRKIRNAENPISKKYYEIVAFFDHYFNGDQISKIPKGTTFDTQIRAPPGKTICVPVRVEPKVYFATERTYLSWLSISIL
LGGVSTTLLTYGSPTAMIGSIGFFITSLAVLIRTVMVYAKRVVNIRLKRAVDYEDKIGPGMVSVFLILSILFSFFCNLVA
K
;
E
#
# COMPACT_ATOMS: atom_id res chain seq x y z
N VAL A 21 28.65 3.82 7.62
CA VAL A 21 27.58 2.90 7.97
C VAL A 21 27.46 1.79 6.93
N GLU A 22 28.16 1.96 5.80
CA GLU A 22 28.17 0.96 4.75
C GLU A 22 29.33 0.01 4.99
N PRO A 23 29.08 -1.25 5.35
CA PRO A 23 30.19 -2.16 5.65
C PRO A 23 31.11 -2.43 4.47
N LYS A 24 30.58 -2.35 3.25
CA LYS A 24 31.33 -2.81 2.08
C LYS A 24 32.59 -1.99 1.83
N VAL A 25 32.57 -0.69 2.17
CA VAL A 25 33.77 0.13 2.02
C VAL A 25 34.88 -0.39 2.94
N PHE A 26 34.54 -0.64 4.20
CA PHE A 26 35.53 -1.15 5.15
C PHE A 26 36.01 -2.54 4.73
N PHE A 27 35.10 -3.37 4.24
CA PHE A 27 35.46 -4.71 3.78
C PHE A 27 36.45 -4.62 2.63
N ALA A 28 36.21 -3.72 1.66
CA ALA A 28 37.14 -3.56 0.55
C ALA A 28 38.50 -3.06 1.03
N ASN A 29 38.50 -2.14 2.00
CA ASN A 29 39.76 -1.68 2.57
C ASN A 29 40.56 -2.83 3.16
N GLU A 30 39.90 -3.67 3.96
CA GLU A 30 40.59 -4.82 4.55
C GLU A 30 41.05 -5.80 3.49
N ARG A 31 40.25 -6.00 2.45
CA ARG A 31 40.64 -6.91 1.38
C ARG A 31 41.90 -6.43 0.69
N THR A 32 41.99 -5.13 0.40
CA THR A 32 43.20 -4.60 -0.21
C THR A 32 44.40 -4.74 0.71
N PHE A 33 44.21 -4.46 2.01
CA PHE A 33 45.32 -4.59 2.95
C PHE A 33 45.84 -6.01 3.01
N LEU A 34 44.94 -6.99 3.09
CA LEU A 34 45.37 -8.39 3.20
C LEU A 34 45.97 -8.90 1.90
N SER A 35 45.44 -8.45 0.75
CA SER A 35 46.05 -8.81 -0.51
C SER A 35 47.47 -8.30 -0.61
N TRP A 36 47.73 -7.09 -0.09
CA TRP A 36 49.10 -6.60 -0.06
C TRP A 36 49.95 -7.35 0.95
N LEU A 37 49.37 -7.75 2.09
CA LEU A 37 50.12 -8.45 3.12
C LEU A 37 50.53 -9.85 2.70
N ASN A 38 49.81 -10.48 1.76
CA ASN A 38 50.23 -11.77 1.26
C ASN A 38 51.65 -11.73 0.71
N PHE A 39 51.98 -10.67 -0.05
CA PHE A 39 53.31 -10.54 -0.62
C PHE A 39 54.37 -10.52 0.47
N THR A 40 54.16 -9.68 1.49
CA THR A 40 55.13 -9.57 2.56
C THR A 40 55.29 -10.87 3.31
N VAL A 41 54.19 -11.58 3.58
CA VAL A 41 54.28 -12.83 4.31
C VAL A 41 55.09 -13.85 3.51
N MET A 42 54.80 -13.97 2.22
CA MET A 42 55.54 -14.92 1.39
C MET A 42 57.02 -14.57 1.32
N LEU A 43 57.32 -13.29 1.09
CA LEU A 43 58.72 -12.88 0.96
C LEU A 43 59.47 -13.05 2.27
N GLY A 44 58.83 -12.75 3.40
CA GLY A 44 59.49 -12.95 4.68
C GLY A 44 59.74 -14.41 4.99
N GLY A 45 58.78 -15.28 4.66
CA GLY A 45 59.02 -16.70 4.81
C GLY A 45 60.18 -17.18 3.95
N LEU A 46 60.24 -16.70 2.70
CA LEU A 46 61.36 -17.05 1.84
C LEU A 46 62.69 -16.56 2.42
N GLY A 47 62.72 -15.34 2.94
CA GLY A 47 63.94 -14.80 3.50
C GLY A 47 64.40 -15.57 4.71
N VAL A 48 63.48 -15.90 5.61
CA VAL A 48 63.83 -16.67 6.80
C VAL A 48 64.35 -18.05 6.39
N GLY A 49 63.68 -18.70 5.43
CA GLY A 49 64.16 -20.00 4.98
C GLY A 49 65.54 -19.93 4.35
N LEU A 50 65.79 -18.90 3.54
CA LEU A 50 67.10 -18.75 2.91
C LEU A 50 68.19 -18.44 3.91
N LEU A 51 67.89 -17.64 4.93
CA LEU A 51 68.92 -17.26 5.90
C LEU A 51 69.22 -18.42 6.84
N ASN A 52 68.19 -19.11 7.33
CA ASN A 52 68.43 -20.16 8.32
C ASN A 52 69.06 -21.40 7.69
N PHE A 53 68.70 -21.71 6.44
CA PHE A 53 69.26 -22.86 5.74
C PHE A 53 69.90 -22.39 4.44
N GLY A 54 71.11 -22.88 4.17
CA GLY A 54 71.81 -22.57 2.95
C GLY A 54 73.20 -22.03 3.20
N ASP A 55 73.95 -21.93 2.10
CA ASP A 55 75.32 -21.46 2.12
C ASP A 55 75.36 -19.93 2.16
N LYS A 56 76.54 -19.35 1.90
CA LYS A 56 76.67 -17.90 1.91
C LYS A 56 75.75 -17.22 0.90
N ILE A 57 75.42 -17.91 -0.19
CA ILE A 57 74.56 -17.31 -1.21
C ILE A 57 73.18 -17.02 -0.62
N GLY A 58 72.64 -17.99 0.12
CA GLY A 58 71.34 -17.79 0.75
C GLY A 58 71.36 -16.68 1.80
N ARG A 59 72.43 -16.63 2.61
CA ARG A 59 72.52 -15.57 3.61
C ARG A 59 72.67 -14.20 2.98
N VAL A 60 73.33 -14.12 1.82
CA VAL A 60 73.43 -12.83 1.12
C VAL A 60 72.08 -12.44 0.54
N SER A 61 71.37 -13.38 -0.08
CA SER A 61 70.11 -13.04 -0.73
C SER A 61 68.98 -12.82 0.26
N ALA A 62 69.10 -13.34 1.49
CA ALA A 62 68.03 -13.21 2.47
C ALA A 62 67.76 -11.76 2.82
N GLY A 63 68.83 -10.99 3.08
CA GLY A 63 68.65 -9.58 3.37
C GLY A 63 68.13 -8.81 2.17
N LEU A 64 68.58 -9.18 0.97
CA LEU A 64 68.12 -8.50 -0.23
C LEU A 64 66.62 -8.67 -0.43
N PHE A 65 66.11 -9.88 -0.18
CA PHE A 65 64.68 -10.11 -0.28
C PHE A 65 63.90 -9.53 0.89
N THR A 66 64.48 -9.54 2.10
CA THR A 66 63.83 -8.97 3.25
C THR A 66 63.66 -7.46 3.13
N PHE A 67 64.60 -6.78 2.48
CA PHE A 67 64.44 -5.35 2.24
C PHE A 67 63.21 -5.07 1.40
N VAL A 68 63.01 -5.84 0.33
CA VAL A 68 61.84 -5.68 -0.52
C VAL A 68 60.57 -6.01 0.25
N ALA A 69 60.61 -7.08 1.05
CA ALA A 69 59.44 -7.45 1.84
C ALA A 69 59.06 -6.34 2.81
N MET A 70 60.04 -5.77 3.49
CA MET A 70 59.78 -4.68 4.44
C MET A 70 59.22 -3.46 3.71
N GLY A 71 59.75 -3.16 2.53
CA GLY A 71 59.21 -2.06 1.74
C GLY A 71 57.76 -2.27 1.38
N THR A 72 57.41 -3.48 0.93
CA THR A 72 56.02 -3.78 0.59
C THR A 72 55.12 -3.67 1.81
N MET A 73 55.58 -4.18 2.96
CA MET A 73 54.80 -4.10 4.18
C MET A 73 54.54 -2.65 4.59
N ILE A 74 55.58 -1.82 4.57
CA ILE A 74 55.43 -0.42 4.96
C ILE A 74 54.50 0.30 3.98
N TYR A 75 54.66 0.05 2.68
CA TYR A 75 53.79 0.67 1.69
C TYR A 75 52.34 0.27 1.90
N ALA A 76 52.10 -1.01 2.19
CA ALA A 76 50.73 -1.48 2.42
C ALA A 76 50.12 -0.80 3.64
N LEU A 77 50.88 -0.71 4.74
CA LEU A 77 50.35 -0.07 5.94
C LEU A 77 50.04 1.40 5.70
N VAL A 78 50.95 2.10 5.01
CA VAL A 78 50.74 3.52 4.72
C VAL A 78 49.51 3.70 3.84
N THR A 79 49.38 2.89 2.78
CA THR A 79 48.24 3.01 1.89
C THR A 79 46.93 2.71 2.61
N TYR A 80 46.92 1.70 3.47
CA TYR A 80 45.71 1.37 4.21
C TYR A 80 45.29 2.50 5.14
N HIS A 81 46.23 2.98 5.96
CA HIS A 81 45.89 4.07 6.87
C HIS A 81 45.60 5.38 6.15
N TRP A 82 46.05 5.51 4.90
CA TRP A 82 45.70 6.67 4.10
C TRP A 82 44.26 6.60 3.60
N ARG A 83 43.78 5.40 3.30
CA ARG A 83 42.40 5.20 2.85
C ARG A 83 41.42 5.11 3.99
N ALA A 84 41.88 5.13 5.24
CA ALA A 84 41.00 5.10 6.40
C ALA A 84 40.35 6.45 6.68
N ALA A 85 40.46 7.40 5.75
CA ALA A 85 39.85 8.71 5.89
C ALA A 85 38.54 8.82 5.12
N ALA A 86 37.76 7.73 5.08
CA ALA A 86 36.45 7.77 4.45
C ALA A 86 35.38 8.41 5.34
N ILE A 87 35.68 8.63 6.62
CA ILE A 87 34.73 9.26 7.53
C ILE A 87 34.94 10.77 7.66
N ARG A 88 36.14 11.26 7.37
CA ARG A 88 36.46 12.68 7.55
C ARG A 88 37.59 13.02 6.60
N ARG A 89 37.81 14.32 6.39
CA ARG A 89 38.81 14.83 5.45
C ARG A 89 38.55 14.32 4.04
N ARG A 90 37.27 14.18 3.68
CA ARG A 90 36.91 13.70 2.35
C ARG A 90 37.26 14.75 1.30
N GLY A 91 37.59 14.26 0.10
CA GLY A 91 37.97 15.13 -0.99
C GLY A 91 39.09 14.55 -1.83
N SER A 92 39.78 13.55 -1.29
CA SER A 92 40.86 12.88 -2.01
C SER A 92 40.26 12.09 -3.17
N GLY A 93 40.63 12.46 -4.40
CA GLY A 93 40.08 11.83 -5.57
C GLY A 93 40.66 10.46 -5.82
N PRO A 94 40.70 10.05 -7.09
CA PRO A 94 41.24 8.71 -7.41
C PRO A 94 42.72 8.63 -7.09
N TYR A 95 43.09 7.57 -6.37
CA TYR A 95 44.49 7.33 -6.03
C TYR A 95 45.15 6.62 -7.19
N ASP A 96 45.54 7.38 -8.21
CA ASP A 96 46.25 6.84 -9.36
C ASP A 96 47.73 6.67 -9.02
N ASP A 97 47.98 5.91 -7.96
CA ASP A 97 49.33 5.72 -7.44
C ASP A 97 50.04 4.69 -8.31
N ARG A 98 50.44 5.14 -9.49
CA ARG A 98 51.18 4.33 -10.45
C ARG A 98 52.68 4.27 -10.14
N LEU A 99 53.13 4.98 -9.11
CA LEU A 99 54.54 5.02 -8.75
C LEU A 99 54.88 4.12 -7.58
N GLY A 100 53.90 3.68 -6.79
CA GLY A 100 54.16 2.82 -5.66
C GLY A 100 54.40 1.39 -6.06
N PRO A 101 53.36 0.73 -6.59
CA PRO A 101 53.54 -0.67 -7.03
C PRO A 101 54.66 -0.85 -8.05
N THR A 102 54.79 0.08 -9.00
CA THR A 102 55.73 -0.11 -10.10
C THR A 102 57.17 0.06 -9.66
N LEU A 103 57.43 1.01 -8.76
CA LEU A 103 58.79 1.16 -8.23
C LEU A 103 59.22 -0.07 -7.45
N LEU A 104 58.31 -0.65 -6.67
CA LEU A 104 58.56 -1.89 -5.97
C LEU A 104 58.45 -3.11 -6.88
N CYS A 105 57.86 -2.94 -8.06
CA CYS A 105 57.77 -4.01 -9.05
C CYS A 105 59.11 -4.32 -9.70
N PHE A 106 60.10 -3.43 -9.58
CA PHE A 106 61.40 -3.65 -10.16
C PHE A 106 62.43 -4.16 -9.16
N PHE A 107 62.21 -3.93 -7.86
CA PHE A 107 63.18 -4.41 -6.86
C PHE A 107 63.24 -5.92 -6.83
N LEU A 108 62.11 -6.59 -6.95
CA LEU A 108 62.10 -8.06 -6.98
C LEU A 108 62.81 -8.57 -8.22
N LEU A 109 62.61 -7.93 -9.37
CA LEU A 109 63.33 -8.32 -10.58
C LEU A 109 64.83 -8.12 -10.42
N VAL A 110 65.23 -7.02 -9.78
CA VAL A 110 66.65 -6.77 -9.51
C VAL A 110 67.22 -7.86 -8.62
N ALA A 111 66.47 -8.25 -7.58
CA ALA A 111 66.93 -9.31 -6.69
C ALA A 111 67.06 -10.64 -7.43
N VAL A 112 66.09 -10.95 -8.30
CA VAL A 112 66.14 -12.19 -9.06
C VAL A 112 67.35 -12.21 -9.99
N ILE A 113 67.59 -11.09 -10.68
CA ILE A 113 68.74 -11.02 -11.58
C ILE A 113 70.05 -11.12 -10.79
N ILE A 114 70.12 -10.46 -9.64
CA ILE A 114 71.31 -10.53 -8.81
C ILE A 114 71.58 -11.96 -8.36
N ASN A 115 70.52 -12.66 -7.93
CA ASN A 115 70.67 -14.05 -7.50
C ASN A 115 71.11 -14.94 -8.65
N PHE A 116 70.53 -14.73 -9.84
CA PHE A 116 70.94 -15.52 -11.00
C PHE A 116 72.41 -15.30 -11.33
N ILE A 117 72.85 -14.05 -11.33
CA ILE A 117 74.23 -13.73 -11.73
C ILE A 117 75.22 -14.23 -10.69
N LEU A 118 74.92 -14.02 -9.40
CA LEU A 118 75.86 -14.37 -8.35
C LEU A 118 75.91 -15.87 -8.12
N ARG A 119 74.78 -16.58 -8.27
CA ARG A 119 74.79 -18.02 -8.08
C ARG A 119 75.56 -18.72 -9.19
N LEU A 120 75.46 -18.21 -10.42
CA LEU A 120 76.18 -18.82 -11.55
C LEU A 120 77.68 -18.70 -11.39
N LYS A 121 78.16 -17.74 -10.60
CA LYS A 121 79.60 -17.59 -10.39
C LYS A 121 80.20 -18.83 -9.74
N TYR A 122 79.51 -19.39 -8.74
CA TYR A 122 80.01 -20.57 -8.04
C TYR A 122 79.06 -21.75 -8.21
N GLU B 22 36.61 6.72 -15.27
CA GLU B 22 35.96 6.46 -13.98
C GLU B 22 36.96 5.87 -12.98
N PRO B 23 36.97 6.42 -11.76
CA PRO B 23 37.87 5.88 -10.73
C PRO B 23 37.58 4.43 -10.39
N LYS B 24 36.33 3.98 -10.53
CA LYS B 24 35.99 2.60 -10.24
C LYS B 24 36.73 1.65 -11.18
N VAL B 25 36.79 1.99 -12.46
CA VAL B 25 37.50 1.14 -13.42
C VAL B 25 39.00 1.16 -13.13
N PHE B 26 39.52 2.31 -12.70
CA PHE B 26 40.93 2.39 -12.32
C PHE B 26 41.23 1.46 -11.15
N PHE B 27 40.35 1.44 -10.15
CA PHE B 27 40.55 0.56 -9.00
C PHE B 27 40.37 -0.91 -9.38
N ALA B 28 39.49 -1.20 -10.34
CA ALA B 28 39.38 -2.56 -10.85
C ALA B 28 40.68 -2.99 -11.54
N ASN B 29 41.27 -2.09 -12.31
CA ASN B 29 42.56 -2.37 -12.92
C ASN B 29 43.63 -2.60 -11.85
N GLU B 30 43.58 -1.82 -10.78
CA GLU B 30 44.52 -2.02 -9.67
C GLU B 30 44.32 -3.38 -9.04
N ARG B 31 43.07 -3.81 -8.86
CA ARG B 31 42.81 -5.14 -8.29
C ARG B 31 43.35 -6.24 -9.19
N THR B 32 43.16 -6.10 -10.50
CA THR B 32 43.70 -7.08 -11.43
C THR B 32 45.22 -7.13 -11.36
N PHE B 33 45.85 -5.96 -11.24
CA PHE B 33 47.31 -5.93 -11.10
C PHE B 33 47.76 -6.58 -9.80
N LEU B 34 47.02 -6.38 -8.72
CA LEU B 34 47.35 -7.02 -7.46
C LEU B 34 47.24 -8.54 -7.57
N SER B 35 46.21 -9.04 -8.26
CA SER B 35 46.11 -10.48 -8.47
C SER B 35 47.29 -11.00 -9.30
N TRP B 36 47.66 -10.27 -10.35
CA TRP B 36 48.81 -10.67 -11.16
C TRP B 36 50.09 -10.69 -10.33
N LEU B 37 50.27 -9.67 -9.49
CA LEU B 37 51.46 -9.61 -8.65
C LEU B 37 51.47 -10.74 -7.64
N ASN B 38 50.31 -11.12 -7.11
CA ASN B 38 50.24 -12.26 -6.20
C ASN B 38 50.71 -13.54 -6.89
N PHE B 39 50.17 -13.80 -8.08
CA PHE B 39 50.56 -15.00 -8.82
C PHE B 39 52.05 -15.00 -9.12
N THR B 40 52.55 -13.87 -9.63
CA THR B 40 53.96 -13.79 -10.02
C THR B 40 54.87 -13.91 -8.81
N VAL B 41 54.50 -13.29 -7.69
CA VAL B 41 55.33 -13.38 -6.49
C VAL B 41 55.39 -14.82 -5.99
N MET B 42 54.26 -15.52 -5.97
CA MET B 42 54.27 -16.91 -5.53
C MET B 42 55.15 -17.76 -6.44
N LEU B 43 54.99 -17.60 -7.76
CA LEU B 43 55.76 -18.41 -8.70
C LEU B 43 57.26 -18.11 -8.59
N GLY B 44 57.62 -16.83 -8.53
CA GLY B 44 59.03 -16.48 -8.42
C GLY B 44 59.64 -16.92 -7.11
N GLY B 45 58.88 -16.83 -6.02
CA GLY B 45 59.37 -17.33 -4.75
C GLY B 45 59.64 -18.81 -4.78
N LEU B 46 58.71 -19.59 -5.34
CA LEU B 46 58.95 -21.03 -5.46
C LEU B 46 60.15 -21.32 -6.35
N GLY B 47 60.28 -20.59 -7.45
CA GLY B 47 61.42 -20.80 -8.33
C GLY B 47 62.74 -20.53 -7.66
N VAL B 48 62.83 -19.41 -6.93
CA VAL B 48 64.07 -19.07 -6.22
C VAL B 48 64.36 -20.10 -5.13
N GLY B 49 63.33 -20.51 -4.39
CA GLY B 49 63.53 -21.50 -3.35
C GLY B 49 64.07 -22.81 -3.89
N LEU B 50 63.54 -23.26 -5.03
CA LEU B 50 64.07 -24.49 -5.62
C LEU B 50 65.46 -24.27 -6.21
N LEU B 51 65.73 -23.08 -6.74
CA LEU B 51 67.03 -22.80 -7.33
C LEU B 51 68.14 -22.86 -6.27
N ASN B 52 67.91 -22.24 -5.12
CA ASN B 52 68.97 -22.13 -4.12
C ASN B 52 69.22 -23.44 -3.38
N PHE B 53 68.42 -24.48 -3.62
CA PHE B 53 68.59 -25.78 -2.98
C PHE B 53 68.52 -26.93 -3.99
N GLY B 54 68.93 -26.67 -5.24
CA GLY B 54 68.79 -27.66 -6.29
C GLY B 54 70.10 -27.93 -6.99
N ASP B 55 70.12 -29.05 -7.72
CA ASP B 55 71.27 -29.46 -8.51
C ASP B 55 71.17 -28.87 -9.90
N LYS B 56 72.01 -29.36 -10.83
CA LYS B 56 72.06 -28.80 -12.17
C LYS B 56 70.71 -28.90 -12.87
N ILE B 57 70.08 -30.06 -12.81
CA ILE B 57 68.74 -30.21 -13.37
C ILE B 57 67.77 -29.30 -12.64
N GLY B 58 67.84 -29.28 -11.31
CA GLY B 58 66.98 -28.39 -10.54
C GLY B 58 67.28 -26.93 -10.83
N ARG B 59 68.56 -26.58 -10.99
CA ARG B 59 68.91 -25.20 -11.30
C ARG B 59 68.32 -24.77 -12.64
N VAL B 60 68.43 -25.62 -13.65
CA VAL B 60 67.88 -25.28 -14.97
C VAL B 60 66.36 -25.15 -14.89
N SER B 61 65.70 -26.10 -14.21
CA SER B 61 64.25 -26.05 -14.11
C SER B 61 63.80 -24.80 -13.37
N ALA B 62 64.46 -24.46 -12.26
CA ALA B 62 64.08 -23.29 -11.48
C ALA B 62 64.33 -22.01 -12.28
N GLY B 63 65.43 -21.96 -13.03
CA GLY B 63 65.66 -20.83 -13.91
C GLY B 63 64.55 -20.67 -14.92
N LEU B 64 64.09 -21.79 -15.48
CA LEU B 64 63.01 -21.72 -16.45
C LEU B 64 61.70 -21.24 -15.82
N PHE B 65 61.35 -21.77 -14.64
CA PHE B 65 60.13 -21.33 -13.97
C PHE B 65 60.20 -19.85 -13.60
N THR B 66 61.35 -19.40 -13.08
CA THR B 66 61.48 -18.01 -12.70
C THR B 66 61.48 -17.10 -13.91
N PHE B 67 62.05 -17.55 -15.04
CA PHE B 67 61.96 -16.77 -16.27
C PHE B 67 60.51 -16.64 -16.73
N VAL B 68 59.75 -17.73 -16.66
CA VAL B 68 58.34 -17.68 -17.04
C VAL B 68 57.58 -16.71 -16.13
N ALA B 69 57.84 -16.78 -14.83
CA ALA B 69 57.19 -15.88 -13.89
C ALA B 69 57.55 -14.43 -14.18
N MET B 70 58.83 -14.16 -14.47
CA MET B 70 59.26 -12.79 -14.73
C MET B 70 58.67 -12.27 -16.04
N GLY B 71 58.58 -13.12 -17.05
CA GLY B 71 57.94 -12.70 -18.30
C GLY B 71 56.47 -12.39 -18.11
N THR B 72 55.75 -13.23 -17.37
CA THR B 72 54.36 -12.94 -17.07
C THR B 72 54.22 -11.67 -16.25
N MET B 73 55.14 -11.44 -15.31
CA MET B 73 55.11 -10.24 -14.49
C MET B 73 55.33 -8.99 -15.33
N ILE B 74 56.28 -9.05 -16.28
CA ILE B 74 56.51 -7.92 -17.17
C ILE B 74 55.30 -7.68 -18.05
N TYR B 75 54.70 -8.75 -18.58
CA TYR B 75 53.51 -8.60 -19.39
C TYR B 75 52.37 -7.97 -18.60
N ALA B 76 52.18 -8.41 -17.35
CA ALA B 76 51.14 -7.83 -16.52
C ALA B 76 51.41 -6.37 -16.21
N LEU B 77 52.68 -6.02 -15.95
CA LEU B 77 53.03 -4.62 -15.71
C LEU B 77 52.74 -3.76 -16.93
N VAL B 78 53.09 -4.26 -18.12
CA VAL B 78 52.83 -3.52 -19.35
C VAL B 78 51.33 -3.35 -19.58
N THR B 79 50.56 -4.42 -19.36
CA THR B 79 49.11 -4.35 -19.56
C THR B 79 48.47 -3.38 -18.57
N TYR B 80 48.91 -3.41 -17.31
CA TYR B 80 48.39 -2.50 -16.30
C TYR B 80 48.74 -1.05 -16.64
N HIS B 81 49.97 -0.81 -17.10
CA HIS B 81 50.36 0.55 -17.50
C HIS B 81 49.52 1.03 -18.68
N TRP B 82 49.30 0.16 -19.67
CA TRP B 82 48.51 0.54 -20.83
C TRP B 82 47.06 0.84 -20.45
N ARG B 83 46.46 -0.05 -19.66
CA ARG B 83 45.05 0.14 -19.29
C ARG B 83 44.87 1.36 -18.40
N ALA B 84 45.79 1.59 -17.46
CA ALA B 84 45.67 2.73 -16.55
C ALA B 84 45.84 4.07 -17.25
N ALA B 85 46.35 4.09 -18.48
CA ALA B 85 46.50 5.33 -19.23
C ALA B 85 45.60 5.42 -20.45
N ALA B 86 45.09 4.30 -20.95
CA ALA B 86 44.19 4.31 -22.10
C ALA B 86 42.75 4.65 -21.73
N ILE B 87 42.41 4.66 -20.44
CA ILE B 87 41.06 4.97 -20.01
C ILE B 87 40.86 6.48 -19.92
N ARG B 88 41.89 7.22 -19.52
CA ARG B 88 41.80 8.69 -19.54
C ARG B 88 41.56 9.19 -20.96
N ARG B 89 42.23 8.57 -21.95
CA ARG B 89 41.94 8.88 -23.34
C ARG B 89 40.59 8.33 -23.78
N ARG B 90 40.04 7.36 -23.05
CA ARG B 90 38.74 6.75 -23.38
C ARG B 90 38.75 6.19 -24.80
N GLY B 91 39.86 5.59 -25.20
CA GLY B 91 40.00 5.06 -26.54
C GLY B 91 39.62 3.60 -26.64
N SER B 92 40.53 2.78 -27.19
CA SER B 92 40.25 1.36 -27.40
C SER B 92 40.52 0.54 -26.15
N GLY B 93 41.77 0.56 -25.67
CA GLY B 93 42.14 -0.16 -24.48
C GLY B 93 42.30 -1.65 -24.71
N PRO B 94 43.28 -2.26 -24.04
CA PRO B 94 43.49 -3.71 -24.13
C PRO B 94 42.64 -4.49 -23.12
N TYR B 95 41.34 -4.17 -23.06
CA TYR B 95 40.46 -4.84 -22.11
C TYR B 95 40.32 -6.32 -22.43
N ASP B 96 40.19 -6.66 -23.72
CA ASP B 96 40.05 -8.03 -24.15
C ASP B 96 41.44 -8.63 -24.37
N ASP B 97 41.71 -9.78 -23.76
CA ASP B 97 42.99 -10.45 -23.88
C ASP B 97 42.75 -11.92 -24.20
N ARG B 98 43.55 -12.46 -25.12
CA ARG B 98 43.44 -13.86 -25.52
C ARG B 98 44.79 -14.53 -25.70
N LEU B 99 45.88 -13.84 -25.35
CA LEU B 99 47.23 -14.36 -25.53
C LEU B 99 47.97 -14.56 -24.22
N GLY B 100 47.73 -13.70 -23.22
CA GLY B 100 48.38 -13.82 -21.94
C GLY B 100 48.14 -15.15 -21.26
N PRO B 101 46.86 -15.46 -20.96
CA PRO B 101 46.56 -16.76 -20.34
C PRO B 101 47.04 -17.96 -21.14
N THR B 102 46.87 -17.94 -22.46
CA THR B 102 47.27 -19.08 -23.27
C THR B 102 48.78 -19.26 -23.28
N LEU B 103 49.52 -18.16 -23.41
CA LEU B 103 50.98 -18.24 -23.37
C LEU B 103 51.47 -18.69 -22.00
N LEU B 104 50.82 -18.21 -20.93
CA LEU B 104 51.19 -18.65 -19.59
C LEU B 104 50.95 -20.16 -19.42
N CYS B 105 49.80 -20.65 -19.90
CA CYS B 105 49.51 -22.07 -19.84
C CYS B 105 50.55 -22.87 -20.62
N PHE B 106 50.89 -22.42 -21.82
CA PHE B 106 51.87 -23.13 -22.64
C PHE B 106 53.22 -23.17 -21.94
N PHE B 107 53.67 -22.04 -21.38
CA PHE B 107 54.96 -22.00 -20.71
C PHE B 107 54.99 -22.90 -19.48
N LEU B 108 53.91 -22.88 -18.68
CA LEU B 108 53.87 -23.73 -17.50
C LEU B 108 53.89 -25.21 -17.89
N LEU B 109 53.10 -25.57 -18.89
CA LEU B 109 53.06 -26.96 -19.35
C LEU B 109 54.42 -27.41 -19.86
N VAL B 110 55.06 -26.56 -20.67
CA VAL B 110 56.37 -26.90 -21.23
C VAL B 110 57.40 -27.04 -20.12
N ALA B 111 57.40 -26.13 -19.15
CA ALA B 111 58.35 -26.20 -18.06
C ALA B 111 58.15 -27.46 -17.23
N VAL B 112 56.90 -27.81 -16.93
CA VAL B 112 56.63 -29.02 -16.15
C VAL B 112 57.09 -30.25 -16.91
N ILE B 113 56.80 -30.30 -18.21
CA ILE B 113 57.18 -31.46 -19.02
C ILE B 113 58.70 -31.61 -19.07
N ILE B 114 59.41 -30.50 -19.30
CA ILE B 114 60.87 -30.56 -19.35
C ILE B 114 61.43 -30.98 -18.01
N ASN B 115 60.90 -30.43 -16.92
CA ASN B 115 61.39 -30.79 -15.59
C ASN B 115 61.21 -32.28 -15.32
N PHE B 116 60.02 -32.81 -15.63
CA PHE B 116 59.77 -34.22 -15.38
C PHE B 116 60.65 -35.12 -16.25
N ILE B 117 60.77 -34.80 -17.54
CA ILE B 117 61.56 -35.65 -18.42
C ILE B 117 63.03 -35.61 -18.04
N LEU B 118 63.53 -34.45 -17.62
CA LEU B 118 64.93 -34.35 -17.24
C LEU B 118 65.19 -35.00 -15.88
N ARG B 119 64.21 -34.99 -14.99
CA ARG B 119 64.39 -35.66 -13.70
C ARG B 119 64.35 -37.17 -13.85
N LEU B 120 63.46 -37.68 -14.70
CA LEU B 120 63.38 -39.13 -14.92
C LEU B 120 64.40 -39.64 -15.93
N LYS B 121 65.07 -38.75 -16.66
CA LYS B 121 66.07 -39.19 -17.64
C LYS B 121 67.31 -39.74 -16.96
N TYR B 122 67.77 -39.07 -15.90
CA TYR B 122 68.96 -39.51 -15.19
C TYR B 122 68.63 -39.90 -13.75
N ARG C 20 29.02 -2.26 -26.30
CA ARG C 20 28.27 -2.11 -25.05
C ARG C 20 28.88 -2.95 -23.94
N VAL C 21 30.10 -3.44 -24.17
CA VAL C 21 30.82 -4.24 -23.19
C VAL C 21 31.74 -3.32 -22.39
N GLU C 22 31.85 -3.61 -21.09
CA GLU C 22 32.65 -2.81 -20.19
C GLU C 22 33.83 -3.63 -19.66
N PRO C 23 34.93 -2.98 -19.30
CA PRO C 23 36.09 -3.72 -18.77
C PRO C 23 35.82 -4.41 -17.45
N LYS C 24 34.78 -4.03 -16.72
CA LYS C 24 34.55 -4.59 -15.39
C LYS C 24 34.22 -6.07 -15.41
N VAL C 25 33.69 -6.59 -16.52
CA VAL C 25 33.39 -8.02 -16.60
C VAL C 25 34.62 -8.81 -17.04
N PHE C 26 35.42 -8.26 -17.94
CA PHE C 26 36.68 -8.90 -18.30
C PHE C 26 37.63 -8.95 -17.12
N PHE C 27 37.62 -7.90 -16.28
CA PHE C 27 38.46 -7.91 -15.09
C PHE C 27 38.01 -8.98 -14.10
N ALA C 28 36.70 -9.16 -13.93
CA ALA C 28 36.21 -10.22 -13.05
C ALA C 28 36.58 -11.59 -13.60
N ASN C 29 36.47 -11.78 -14.92
CA ASN C 29 36.89 -13.04 -15.52
C ASN C 29 38.37 -13.29 -15.29
N GLU C 30 39.20 -12.27 -15.46
CA GLU C 30 40.64 -12.42 -15.24
C GLU C 30 40.94 -12.75 -13.77
N ARG C 31 40.24 -12.09 -12.84
CA ARG C 31 40.46 -12.37 -11.43
C ARG C 31 40.09 -13.82 -11.09
N THR C 32 38.98 -14.31 -11.64
CA THR C 32 38.62 -15.71 -11.43
C THR C 32 39.68 -16.64 -12.02
N PHE C 33 40.17 -16.31 -13.22
CA PHE C 33 41.19 -17.12 -13.86
C PHE C 33 42.45 -17.19 -13.00
N LEU C 34 42.90 -16.04 -12.48
CA LEU C 34 44.09 -16.05 -11.64
C LEU C 34 43.86 -16.72 -10.30
N SER C 35 42.63 -16.71 -9.78
CA SER C 35 42.35 -17.49 -8.57
C SER C 35 42.53 -18.98 -8.85
N TRP C 36 41.98 -19.46 -9.97
CA TRP C 36 42.14 -20.87 -10.30
C TRP C 36 43.61 -21.21 -10.56
N LEU C 37 44.35 -20.31 -11.22
CA LEU C 37 45.78 -20.51 -11.38
C LEU C 37 46.51 -20.48 -10.04
N ASN C 38 45.99 -19.74 -9.06
CA ASN C 38 46.58 -19.80 -7.72
C ASN C 38 46.44 -21.20 -7.13
N PHE C 39 45.24 -21.78 -7.25
CA PHE C 39 45.06 -23.18 -6.85
C PHE C 39 46.08 -24.09 -7.54
N THR C 40 46.15 -24.01 -8.86
CA THR C 40 46.99 -24.96 -9.59
C THR C 40 48.47 -24.69 -9.37
N VAL C 41 48.86 -23.44 -9.07
CA VAL C 41 50.25 -23.15 -8.78
C VAL C 41 50.65 -23.73 -7.43
N MET C 42 49.77 -23.62 -6.42
CA MET C 42 50.05 -24.29 -5.15
C MET C 42 50.22 -25.78 -5.35
N LEU C 43 49.29 -26.40 -6.09
CA LEU C 43 49.34 -27.85 -6.28
C LEU C 43 50.58 -28.25 -7.08
N GLY C 44 50.89 -27.52 -8.14
CA GLY C 44 52.07 -27.83 -8.94
C GLY C 44 53.36 -27.59 -8.21
N GLY C 45 53.42 -26.58 -7.35
CA GLY C 45 54.60 -26.40 -6.52
C GLY C 45 54.82 -27.56 -5.58
N LEU C 46 53.74 -28.06 -4.95
CA LEU C 46 53.87 -29.25 -4.12
C LEU C 46 54.34 -30.44 -4.95
N GLY C 47 53.78 -30.60 -6.15
CA GLY C 47 54.16 -31.73 -6.99
C GLY C 47 55.62 -31.68 -7.41
N VAL C 48 56.08 -30.51 -7.84
CA VAL C 48 57.47 -30.37 -8.27
C VAL C 48 58.42 -30.55 -7.09
N GLY C 49 58.06 -30.00 -5.93
CA GLY C 49 58.89 -30.19 -4.75
C GLY C 49 59.00 -31.65 -4.34
N LEU C 50 57.90 -32.41 -4.48
CA LEU C 50 57.97 -33.83 -4.18
C LEU C 50 58.70 -34.61 -5.26
N LEU C 51 58.68 -34.11 -6.50
CA LEU C 51 59.37 -34.80 -7.59
C LEU C 51 60.89 -34.65 -7.46
N ASN C 52 61.36 -33.43 -7.17
CA ASN C 52 62.79 -33.19 -7.15
C ASN C 52 63.48 -33.99 -6.05
N PHE C 53 62.86 -34.07 -4.88
CA PHE C 53 63.43 -34.78 -3.74
C PHE C 53 62.65 -36.05 -3.48
N GLY C 54 63.00 -36.75 -2.39
CA GLY C 54 62.26 -37.92 -1.97
C GLY C 54 62.60 -39.17 -2.76
N ASP C 55 61.98 -40.27 -2.34
CA ASP C 55 62.18 -41.57 -2.95
C ASP C 55 61.14 -41.81 -4.04
N LYS C 56 61.03 -43.06 -4.51
CA LYS C 56 60.05 -43.38 -5.54
C LYS C 56 58.63 -43.14 -5.05
N ILE C 57 58.38 -43.32 -3.76
CA ILE C 57 57.08 -42.99 -3.19
C ILE C 57 56.79 -41.51 -3.36
N GLY C 58 57.78 -40.67 -3.06
CA GLY C 58 57.64 -39.25 -3.33
C GLY C 58 57.43 -38.95 -4.79
N ARG C 59 58.09 -39.71 -5.67
CA ARG C 59 57.91 -39.52 -7.10
C ARG C 59 56.47 -39.83 -7.53
N VAL C 60 55.90 -40.91 -7.01
CA VAL C 60 54.53 -41.27 -7.37
C VAL C 60 53.54 -40.23 -6.83
N SER C 61 53.74 -39.80 -5.59
CA SER C 61 52.90 -38.74 -5.03
C SER C 61 53.00 -37.47 -5.86
N ALA C 62 54.22 -37.13 -6.28
CA ALA C 62 54.44 -35.94 -7.11
C ALA C 62 53.73 -36.07 -8.45
N GLY C 63 53.80 -37.23 -9.08
CA GLY C 63 53.11 -37.43 -10.35
C GLY C 63 51.61 -37.28 -10.21
N LEU C 64 51.04 -37.88 -9.16
CA LEU C 64 49.60 -37.74 -8.94
C LEU C 64 49.22 -36.29 -8.69
N PHE C 65 50.00 -35.58 -7.87
CA PHE C 65 49.69 -34.20 -7.55
C PHE C 65 49.80 -33.30 -8.78
N THR C 66 50.83 -33.53 -9.61
CA THR C 66 50.96 -32.72 -10.82
C THR C 66 49.89 -33.06 -11.84
N PHE C 67 49.40 -34.30 -11.86
CA PHE C 67 48.25 -34.62 -12.69
C PHE C 67 47.02 -33.84 -12.23
N VAL C 68 46.79 -33.78 -10.92
CA VAL C 68 45.67 -33.02 -10.39
C VAL C 68 45.81 -31.54 -10.76
N ALA C 69 47.01 -31.00 -10.58
CA ALA C 69 47.24 -29.59 -10.89
C ALA C 69 47.04 -29.31 -12.38
N MET C 70 47.53 -30.20 -13.24
CA MET C 70 47.35 -30.02 -14.68
C MET C 70 45.88 -30.06 -15.05
N GLY C 71 45.13 -31.00 -14.49
CA GLY C 71 43.70 -31.05 -14.76
C GLY C 71 42.99 -29.77 -14.34
N THR C 72 43.33 -29.27 -13.15
CA THR C 72 42.72 -28.02 -12.69
C THR C 72 43.08 -26.86 -13.61
N MET C 73 44.34 -26.81 -14.06
CA MET C 73 44.77 -25.73 -14.95
C MET C 73 44.04 -25.76 -16.29
N ILE C 74 43.90 -26.96 -16.87
CA ILE C 74 43.17 -27.07 -18.13
C ILE C 74 41.70 -26.71 -17.95
N TYR C 75 41.09 -27.16 -16.86
CA TYR C 75 39.70 -26.79 -16.60
C TYR C 75 39.55 -25.28 -16.46
N ALA C 76 40.48 -24.64 -15.76
CA ALA C 76 40.43 -23.19 -15.60
C ALA C 76 40.54 -22.48 -16.94
N LEU C 77 41.47 -22.93 -17.79
CA LEU C 77 41.64 -22.28 -19.08
C LEU C 77 40.42 -22.48 -19.97
N VAL C 78 39.84 -23.68 -19.96
CA VAL C 78 38.65 -23.94 -20.76
C VAL C 78 37.49 -23.07 -20.30
N THR C 79 37.28 -22.97 -18.98
CA THR C 79 36.21 -22.14 -18.46
C THR C 79 36.44 -20.67 -18.79
N TYR C 80 37.70 -20.21 -18.71
CA TYR C 80 37.99 -18.82 -19.04
C TYR C 80 37.71 -18.53 -20.50
N HIS C 81 38.11 -19.43 -21.40
CA HIS C 81 37.84 -19.21 -22.82
C HIS C 81 36.34 -19.21 -23.11
N TRP C 82 35.60 -20.14 -22.50
CA TRP C 82 34.15 -20.16 -22.70
C TRP C 82 33.51 -18.87 -22.17
N ARG C 83 33.97 -18.39 -21.02
CA ARG C 83 33.44 -17.15 -20.47
C ARG C 83 33.75 -15.97 -21.38
N ALA C 84 34.97 -15.91 -21.92
CA ALA C 84 35.32 -14.82 -22.83
C ALA C 84 34.45 -14.87 -24.08
N ALA C 85 34.23 -16.06 -24.64
CA ALA C 85 33.37 -16.17 -25.81
C ALA C 85 31.94 -15.76 -25.50
N ALA C 86 31.42 -16.16 -24.32
CA ALA C 86 30.08 -15.77 -23.92
C ALA C 86 29.95 -14.26 -23.77
N ILE C 87 30.98 -13.62 -23.21
CA ILE C 87 30.97 -12.17 -23.10
C ILE C 87 31.04 -11.53 -24.48
N ARG C 88 31.76 -12.15 -25.41
CA ARG C 88 31.86 -11.61 -26.77
C ARG C 88 30.50 -11.57 -27.45
N ARG C 89 29.69 -12.62 -27.27
CA ARG C 89 28.35 -12.66 -27.87
C ARG C 89 27.32 -12.01 -26.96
N ARG C 90 27.62 -10.78 -26.52
CA ARG C 90 26.76 -10.00 -25.63
C ARG C 90 26.28 -10.82 -24.44
N GLY C 91 24.97 -10.76 -24.18
CA GLY C 91 24.36 -11.53 -23.11
C GLY C 91 24.91 -11.22 -21.73
N SER C 92 24.50 -12.07 -20.78
CA SER C 92 24.98 -11.97 -19.40
C SER C 92 25.07 -13.40 -18.86
N GLY C 93 26.27 -13.97 -18.91
CA GLY C 93 26.50 -15.33 -18.46
C GLY C 93 27.45 -15.52 -17.30
N PRO C 94 28.52 -14.68 -17.17
CA PRO C 94 29.53 -15.04 -16.15
C PRO C 94 29.09 -14.79 -14.71
N TYR C 95 28.17 -15.63 -14.24
CA TYR C 95 27.83 -15.63 -12.82
C TYR C 95 27.70 -17.01 -12.19
N ASP C 96 27.48 -18.07 -12.95
CA ASP C 96 27.22 -19.39 -12.39
C ASP C 96 28.34 -20.36 -12.78
N ASP C 97 28.89 -21.05 -11.79
CA ASP C 97 29.85 -22.13 -12.03
C ASP C 97 29.82 -23.04 -10.82
N ARG C 98 29.24 -24.23 -10.96
CA ARG C 98 29.01 -25.13 -9.84
C ARG C 98 29.75 -26.46 -9.97
N LEU C 99 29.95 -26.97 -11.19
CA LEU C 99 30.60 -28.27 -11.35
C LEU C 99 32.06 -28.23 -10.89
N GLY C 100 32.76 -27.14 -11.19
CA GLY C 100 34.18 -27.03 -10.93
C GLY C 100 34.58 -27.15 -9.47
N PRO C 101 33.92 -26.40 -8.57
CA PRO C 101 34.26 -26.54 -7.15
C PRO C 101 34.05 -27.94 -6.61
N THR C 102 32.94 -28.59 -6.97
CA THR C 102 32.70 -29.95 -6.49
C THR C 102 33.73 -30.92 -7.06
N LEU C 103 34.05 -30.77 -8.34
CA LEU C 103 35.05 -31.65 -8.96
C LEU C 103 36.41 -31.48 -8.28
N LEU C 104 36.81 -30.23 -8.03
CA LEU C 104 38.09 -29.99 -7.37
C LEU C 104 38.11 -30.55 -5.96
N CYS C 105 37.01 -30.37 -5.21
CA CYS C 105 36.94 -30.89 -3.85
C CYS C 105 37.06 -32.41 -3.84
N PHE C 106 36.30 -33.08 -4.72
CA PHE C 106 36.36 -34.54 -4.78
C PHE C 106 37.75 -35.01 -5.18
N PHE C 107 38.33 -34.38 -6.21
CA PHE C 107 39.66 -34.78 -6.67
C PHE C 107 40.70 -34.60 -5.57
N LEU C 108 40.65 -33.48 -4.86
CA LEU C 108 41.63 -33.23 -3.81
C LEU C 108 41.47 -34.21 -2.65
N LEU C 109 40.24 -34.50 -2.25
CA LEU C 109 40.04 -35.46 -1.17
C LEU C 109 40.57 -36.83 -1.56
N VAL C 110 40.26 -37.27 -2.78
CA VAL C 110 40.75 -38.57 -3.26
C VAL C 110 42.27 -38.58 -3.31
N ALA C 111 42.87 -37.50 -3.84
CA ALA C 111 44.32 -37.43 -3.95
C ALA C 111 44.99 -37.50 -2.58
N VAL C 112 44.48 -36.72 -1.62
CA VAL C 112 45.08 -36.68 -0.30
C VAL C 112 44.97 -38.04 0.39
N ILE C 113 43.79 -38.67 0.32
CA ILE C 113 43.63 -39.95 1.00
C ILE C 113 44.47 -41.03 0.35
N ILE C 114 44.57 -41.02 -1.00
CA ILE C 114 45.36 -42.02 -1.68
C ILE C 114 46.85 -41.86 -1.33
N ASN C 115 47.35 -40.62 -1.35
CA ASN C 115 48.75 -40.41 -1.02
C ASN C 115 49.05 -40.80 0.43
N PHE C 116 48.16 -40.45 1.36
CA PHE C 116 48.37 -40.82 2.75
C PHE C 116 48.38 -42.33 2.93
N ILE C 117 47.45 -43.03 2.30
CA ILE C 117 47.41 -44.49 2.42
C ILE C 117 48.66 -45.11 1.80
N LEU C 118 49.07 -44.61 0.63
CA LEU C 118 50.22 -45.17 -0.05
C LEU C 118 51.50 -44.97 0.75
N ARG C 119 51.67 -43.78 1.35
CA ARG C 119 52.82 -43.55 2.21
C ARG C 119 52.76 -44.36 3.49
N LEU C 120 51.55 -44.62 4.00
CA LEU C 120 51.42 -45.36 5.25
C LEU C 120 51.97 -46.78 5.12
N LYS C 121 51.71 -47.41 3.98
CA LYS C 121 52.18 -48.77 3.72
C LYS C 121 53.71 -48.86 3.73
N MET D 1 -62.96 11.70 4.90
CA MET D 1 -64.26 11.28 4.39
C MET D 1 -64.17 10.89 2.92
N LEU D 2 -65.31 10.59 2.32
CA LEU D 2 -65.34 10.27 0.91
C LEU D 2 -65.04 11.52 0.08
N PHE D 3 -64.59 11.29 -1.17
CA PHE D 3 -64.25 12.42 -2.02
C PHE D 3 -65.50 13.23 -2.38
N GLY D 4 -66.64 12.57 -2.56
CA GLY D 4 -67.86 13.29 -2.84
C GLY D 4 -68.27 14.22 -1.71
N ILE D 5 -68.15 13.74 -0.46
CA ILE D 5 -68.50 14.55 0.69
C ILE D 5 -67.58 15.75 0.81
N LYS D 6 -66.27 15.53 0.63
CA LYS D 6 -65.31 16.62 0.69
C LYS D 6 -65.57 17.65 -0.41
N LEU D 7 -65.90 17.16 -1.61
CA LEU D 7 -66.23 18.05 -2.71
C LEU D 7 -67.46 18.89 -2.40
N ALA D 8 -68.49 18.25 -1.82
CA ALA D 8 -69.72 18.97 -1.48
C ALA D 8 -69.47 20.01 -0.40
N ASN D 9 -68.64 19.69 0.59
CA ASN D 9 -68.44 20.57 1.74
C ASN D 9 -67.40 21.66 1.50
N ASP D 10 -66.68 21.63 0.38
CA ASP D 10 -65.66 22.64 0.10
C ASP D 10 -66.04 23.54 -1.07
N VAL D 11 -67.26 23.47 -1.57
CA VAL D 11 -67.68 24.30 -2.68
C VAL D 11 -67.86 25.74 -2.20
N TYR D 12 -67.25 26.67 -2.90
CA TYR D 12 -67.43 28.08 -2.59
C TYR D 12 -68.84 28.50 -2.96
N PRO D 13 -69.62 29.07 -2.05
CA PRO D 13 -71.04 29.35 -2.34
C PRO D 13 -71.24 30.24 -3.55
N PRO D 14 -70.39 31.25 -3.79
CA PRO D 14 -70.49 31.98 -5.06
C PRO D 14 -70.14 31.16 -6.29
N TRP D 15 -69.47 30.01 -6.13
CA TRP D 15 -68.99 29.25 -7.29
C TRP D 15 -69.59 27.85 -7.34
N LYS D 16 -70.90 27.73 -7.12
CA LYS D 16 -71.52 26.41 -7.10
C LYS D 16 -71.41 25.70 -8.44
N ASP D 17 -71.66 26.43 -9.54
CA ASP D 17 -71.77 25.80 -10.85
C ASP D 17 -70.43 25.42 -11.45
N SER D 18 -69.37 26.17 -11.13
CA SER D 18 -68.10 25.99 -11.82
C SER D 18 -67.40 24.68 -11.44
N TYR D 19 -67.81 24.04 -10.35
CA TYR D 19 -67.14 22.84 -9.89
C TYR D 19 -67.48 21.63 -10.77
N ILE D 20 -66.70 20.57 -10.60
CA ILE D 20 -66.90 19.35 -11.37
C ILE D 20 -68.18 18.64 -10.93
N ASP D 21 -68.81 17.95 -11.88
CA ASP D 21 -69.96 17.10 -11.60
C ASP D 21 -69.46 15.67 -11.49
N TYR D 22 -68.95 15.32 -10.30
CA TYR D 22 -68.32 14.01 -10.10
C TYR D 22 -69.36 12.89 -10.12
N GLU D 23 -70.47 13.07 -9.40
CA GLU D 23 -71.47 12.00 -9.30
C GLU D 23 -72.12 11.72 -10.65
N ARG D 24 -72.41 12.77 -11.42
CA ARG D 24 -73.01 12.57 -12.74
C ARG D 24 -72.07 11.78 -13.65
N LEU D 25 -70.77 12.12 -13.63
CA LEU D 25 -69.82 11.40 -14.46
C LEU D 25 -69.68 9.95 -14.01
N LYS D 26 -69.66 9.71 -12.70
CA LYS D 26 -69.57 8.34 -12.20
C LYS D 26 -70.79 7.52 -12.61
N LYS D 27 -71.98 8.12 -12.52
CA LYS D 27 -73.19 7.40 -12.95
C LYS D 27 -73.16 7.14 -14.46
N LEU D 28 -72.70 8.13 -15.24
CA LEU D 28 -72.63 7.95 -16.68
C LEU D 28 -71.62 6.88 -17.07
N LEU D 29 -70.60 6.67 -16.24
CA LEU D 29 -69.64 5.60 -16.48
C LEU D 29 -70.22 4.21 -16.21
N LYS D 30 -71.42 4.14 -15.63
CA LYS D 30 -72.05 2.88 -15.26
C LYS D 30 -71.18 2.08 -14.29
N GLU D 31 -70.58 2.79 -13.33
CA GLU D 31 -69.78 2.12 -12.31
C GLU D 31 -70.63 1.23 -11.41
N SER D 32 -71.93 1.52 -11.30
CA SER D 32 -72.81 0.66 -10.52
C SER D 32 -72.90 -0.75 -11.11
N VAL D 33 -72.94 -0.84 -12.44
CA VAL D 33 -72.99 -2.15 -13.09
C VAL D 33 -71.70 -2.92 -12.83
N ILE D 34 -70.57 -2.22 -12.80
CA ILE D 34 -69.31 -2.87 -12.44
C ILE D 34 -69.33 -3.31 -10.98
N HIS D 35 -69.84 -2.37 -10.16
CA HIS D 35 -69.96 -2.65 -8.72
C HIS D 35 -70.88 -3.88 -8.58
N ASP D 36 -72.20 -3.71 -8.69
CA ASP D 36 -73.08 -4.90 -8.65
C ASP D 36 -72.57 -5.86 -9.74
N GLY D 37 -72.92 -7.15 -9.68
CA GLY D 37 -72.49 -8.05 -10.78
C GLY D 37 -73.65 -8.71 -11.51
N ARG D 38 -74.62 -9.26 -10.77
CA ARG D 38 -75.78 -9.98 -11.34
C ARG D 38 -76.16 -9.53 -12.76
N SER D 39 -76.55 -8.26 -12.94
CA SER D 39 -77.08 -7.79 -14.24
C SER D 39 -75.99 -7.15 -15.11
N SER D 40 -74.87 -7.82 -15.34
CA SER D 40 -73.76 -7.17 -16.09
C SER D 40 -74.04 -7.26 -17.59
N VAL D 41 -75.25 -7.71 -17.95
CA VAL D 41 -75.56 -7.95 -19.39
C VAL D 41 -75.34 -6.69 -20.22
N ASP D 42 -75.81 -5.53 -19.76
CA ASP D 42 -75.69 -4.32 -20.62
C ASP D 42 -74.22 -3.89 -20.67
N SER D 43 -73.53 -4.20 -21.76
CA SER D 43 -72.07 -3.92 -21.88
C SER D 43 -71.78 -2.46 -22.28
N TRP D 44 -70.54 -2.16 -22.69
CA TRP D 44 -70.17 -0.81 -23.08
C TRP D 44 -70.23 -0.67 -24.60
N SER D 45 -71.12 0.18 -25.08
CA SER D 45 -71.29 0.42 -26.51
C SER D 45 -70.64 1.73 -26.91
N GLU D 46 -70.58 1.95 -28.23
CA GLU D 46 -69.93 3.15 -28.76
C GLU D 46 -70.71 4.42 -28.46
N ARG D 47 -72.05 4.32 -28.42
CA ARG D 47 -72.85 5.49 -28.05
C ARG D 47 -72.56 5.92 -26.62
N ASN D 48 -72.41 4.96 -25.71
CA ASN D 48 -72.06 5.29 -24.34
C ASN D 48 -70.69 5.97 -24.27
N GLU D 49 -69.72 5.48 -25.04
CA GLU D 49 -68.39 6.09 -25.06
C GLU D 49 -68.47 7.52 -25.59
N SER D 50 -69.24 7.73 -26.66
CA SER D 50 -69.39 9.07 -27.20
C SER D 50 -70.03 10.01 -26.18
N ASP D 51 -71.06 9.54 -25.48
CA ASP D 51 -71.70 10.37 -24.47
C ASP D 51 -70.75 10.70 -23.32
N PHE D 52 -69.98 9.71 -22.86
CA PHE D 52 -69.05 9.96 -21.76
C PHE D 52 -67.96 10.95 -22.18
N VAL D 53 -67.41 10.77 -23.38
CA VAL D 53 -66.39 11.71 -23.87
C VAL D 53 -66.98 13.11 -24.01
N GLU D 54 -68.22 13.20 -24.48
CA GLU D 54 -68.90 14.49 -24.60
C GLU D 54 -69.04 15.18 -23.26
N ALA D 55 -69.54 14.46 -22.26
CA ALA D 55 -69.73 15.05 -20.93
C ALA D 55 -68.40 15.46 -20.32
N LEU D 56 -67.38 14.62 -20.45
CA LEU D 56 -66.06 14.97 -19.93
C LEU D 56 -65.50 16.20 -20.62
N ASP D 57 -65.71 16.31 -21.94
CA ASP D 57 -65.19 17.44 -22.69
C ASP D 57 -65.81 18.75 -22.23
N LYS D 58 -67.14 18.79 -22.11
CA LYS D 58 -67.77 20.02 -21.61
C LYS D 58 -67.45 20.29 -20.14
N GLU D 59 -67.27 19.26 -19.32
CA GLU D 59 -66.88 19.51 -17.94
C GLU D 59 -65.51 20.17 -17.88
N LEU D 60 -64.54 19.62 -18.63
CA LEU D 60 -63.21 20.21 -18.68
C LEU D 60 -63.25 21.63 -19.23
N GLU D 61 -64.02 21.84 -20.29
CA GLU D 61 -64.15 23.17 -20.88
C GLU D 61 -64.64 24.18 -19.85
N LYS D 62 -65.75 23.86 -19.17
CA LYS D 62 -66.29 24.79 -18.18
C LYS D 62 -65.28 25.09 -17.08
N VAL D 63 -64.72 24.03 -16.47
CA VAL D 63 -63.85 24.22 -15.32
C VAL D 63 -62.62 25.05 -15.70
N TYR D 64 -61.95 24.68 -16.79
CA TYR D 64 -60.70 25.34 -17.12
C TYR D 64 -60.91 26.73 -17.72
N THR D 65 -62.01 26.96 -18.44
CA THR D 65 -62.31 28.32 -18.87
C THR D 65 -62.56 29.24 -17.68
N PHE D 66 -63.30 28.75 -16.67
CA PHE D 66 -63.50 29.56 -15.48
C PHE D 66 -62.18 29.85 -14.79
N GLN D 67 -61.32 28.83 -14.68
CA GLN D 67 -60.02 29.03 -14.02
C GLN D 67 -59.18 30.06 -14.77
N ILE D 68 -59.12 29.97 -16.10
CA ILE D 68 -58.33 30.90 -16.88
C ILE D 68 -58.88 32.31 -16.75
N SER D 69 -60.21 32.45 -16.77
CA SER D 69 -60.81 33.79 -16.63
C SER D 69 -60.45 34.41 -15.28
N LYS D 70 -60.56 33.63 -14.21
CA LYS D 70 -60.23 34.17 -12.89
C LYS D 70 -58.76 34.53 -12.78
N TYR D 71 -57.88 33.67 -13.31
CA TYR D 71 -56.45 33.96 -13.26
C TYR D 71 -56.11 35.22 -14.04
N ASN D 72 -56.73 35.38 -15.22
CA ASN D 72 -56.48 36.58 -16.02
C ASN D 72 -56.99 37.84 -15.32
N ALA D 73 -58.14 37.74 -14.66
CA ALA D 73 -58.64 38.89 -13.90
C ALA D 73 -57.68 39.27 -12.79
N VAL D 74 -57.19 38.35 -11.96
CA VAL D 74 -56.35 38.76 -10.78
C VAL D 74 -55.04 39.39 -11.23
N LEU D 75 -54.31 38.75 -12.14
CA LEU D 75 -52.98 39.26 -12.54
C LEU D 75 -53.11 40.72 -12.95
N ARG D 76 -54.14 41.07 -13.72
CA ARG D 76 -54.31 42.46 -14.25
C ARG D 76 -54.51 43.47 -13.13
N LYS D 77 -55.37 43.18 -12.16
CA LYS D 77 -55.49 44.12 -11.03
C LYS D 77 -54.09 44.39 -10.50
N LEU D 78 -53.27 43.35 -10.34
CA LEU D 78 -51.94 43.52 -9.70
C LEU D 78 -51.05 44.27 -10.67
N ASP D 79 -51.31 44.20 -11.98
CA ASP D 79 -50.51 45.03 -12.92
C ASP D 79 -50.76 46.51 -12.63
N ASP D 80 -52.00 46.86 -12.28
CA ASP D 80 -52.32 48.28 -11.98
C ASP D 80 -51.41 48.78 -10.87
N LEU D 81 -51.45 48.12 -9.72
CA LEU D 81 -50.64 48.61 -8.59
C LEU D 81 -49.22 48.76 -9.11
N GLU D 82 -48.88 48.04 -10.16
CA GLU D 82 -47.50 48.07 -10.69
C GLU D 82 -47.23 49.39 -11.40
N GLU D 83 -48.25 49.95 -12.06
CA GLU D 83 -48.08 51.28 -12.71
C GLU D 83 -47.66 52.31 -11.66
N ASN D 84 -48.40 52.37 -10.57
CA ASN D 84 -48.10 53.39 -9.53
C ASN D 84 -46.77 53.06 -8.86
N THR D 85 -45.84 52.48 -9.60
CA THR D 85 -44.57 52.03 -8.98
C THR D 85 -43.40 52.39 -9.86
N LYS D 86 -43.40 51.87 -11.08
CA LYS D 86 -42.33 52.18 -12.05
C LYS D 86 -41.92 53.63 -11.93
N SER D 87 -42.82 54.56 -12.23
CA SER D 87 -42.44 56.00 -12.26
C SER D 87 -41.91 56.44 -10.91
N ALA D 88 -40.68 56.93 -10.86
CA ALA D 88 -40.19 57.52 -9.60
C ALA D 88 -41.03 58.78 -9.31
N GLU D 89 -42.11 58.98 -10.07
CA GLU D 89 -42.98 60.17 -9.91
C GLU D 89 -44.34 59.72 -9.37
N LYS D 90 -45.06 58.86 -10.11
CA LYS D 90 -46.36 58.31 -9.61
C LYS D 90 -46.13 57.64 -8.28
N ILE D 91 -44.89 57.65 -7.81
CA ILE D 91 -44.60 57.09 -6.49
C ILE D 91 -45.16 58.00 -5.39
N GLN D 92 -44.93 59.31 -5.52
CA GLN D 92 -45.38 60.25 -4.49
C GLN D 92 -46.90 60.41 -4.49
N LYS D 93 -47.58 59.98 -5.54
CA LYS D 93 -49.03 60.10 -5.64
C LYS D 93 -49.77 58.88 -5.12
N ILE D 94 -49.05 57.93 -4.52
CA ILE D 94 -49.63 56.66 -4.12
C ILE D 94 -50.37 56.83 -2.78
N ASN D 95 -51.25 55.87 -2.49
CA ASN D 95 -51.99 55.82 -1.25
C ASN D 95 -51.85 54.44 -0.63
N SER D 96 -51.68 54.39 0.69
CA SER D 96 -51.41 53.12 1.36
C SER D 96 -52.65 52.25 1.46
N GLU D 97 -53.79 52.85 1.82
CA GLU D 97 -54.96 52.06 2.22
C GLU D 97 -55.54 51.28 1.06
N GLN D 98 -55.78 51.94 -0.07
CA GLN D 98 -56.38 51.25 -1.21
C GLN D 98 -55.47 50.16 -1.74
N PHE D 99 -54.16 50.41 -1.78
CA PHE D 99 -53.21 49.40 -2.21
C PHE D 99 -53.21 48.20 -1.26
N LYS D 100 -53.25 48.45 0.05
CA LYS D 100 -53.27 47.36 1.01
C LYS D 100 -54.54 46.51 0.86
N ASN D 101 -55.69 47.17 0.70
CA ASN D 101 -56.93 46.43 0.51
C ASN D 101 -56.91 45.63 -0.79
N THR D 102 -56.37 46.21 -1.86
CA THR D 102 -56.26 45.49 -3.11
C THR D 102 -55.35 44.28 -2.98
N LEU D 103 -54.23 44.42 -2.27
CA LEU D 103 -53.34 43.29 -2.06
C LEU D 103 -54.02 42.19 -1.25
N GLU D 104 -54.79 42.56 -0.22
CA GLU D 104 -55.51 41.57 0.56
C GLU D 104 -56.54 40.83 -0.28
N GLU D 105 -57.28 41.57 -1.12
CA GLU D 105 -58.25 40.93 -1.99
C GLU D 105 -57.57 40.00 -2.98
N CYS D 106 -56.42 40.42 -3.52
CA CYS D 106 -55.66 39.56 -4.44
C CYS D 106 -55.21 38.28 -3.74
N LEU D 107 -54.72 38.39 -2.51
CA LEU D 107 -54.29 37.20 -1.78
C LEU D 107 -55.45 36.25 -1.54
N ASP D 108 -56.61 36.78 -1.14
CA ASP D 108 -57.78 35.93 -0.92
C ASP D 108 -58.19 35.24 -2.22
N GLU D 109 -58.21 35.98 -3.33
CA GLU D 109 -58.58 35.37 -4.60
C GLU D 109 -57.60 34.29 -5.02
N ALA D 110 -56.30 34.53 -4.80
CA ALA D 110 -55.30 33.52 -5.14
C ALA D 110 -55.49 32.25 -4.31
N GLN D 111 -55.76 32.39 -3.01
CA GLN D 111 -55.98 31.21 -2.17
C GLN D 111 -57.21 30.44 -2.63
N ARG D 112 -58.30 31.15 -2.91
CA ARG D 112 -59.51 30.49 -3.38
C ARG D 112 -59.27 29.76 -4.70
N LEU D 113 -58.53 30.39 -5.61
CA LEU D 113 -58.22 29.77 -6.89
C LEU D 113 -57.37 28.52 -6.70
N ASP D 114 -56.42 28.55 -5.77
CA ASP D 114 -55.60 27.38 -5.51
C ASP D 114 -56.45 26.21 -5.00
N ASN D 115 -57.35 26.49 -4.06
CA ASN D 115 -58.23 25.41 -3.56
C ASN D 115 -59.11 24.86 -4.68
N PHE D 116 -59.66 25.75 -5.51
CA PHE D 116 -60.50 25.33 -6.62
C PHE D 116 -59.74 24.43 -7.57
N ASP D 117 -58.52 24.83 -7.93
CA ASP D 117 -57.71 24.04 -8.85
C ASP D 117 -57.39 22.68 -8.27
N ARG D 118 -57.04 22.63 -6.98
CA ARG D 118 -56.70 21.34 -6.36
C ARG D 118 -57.89 20.40 -6.41
N LEU D 119 -59.07 20.87 -5.99
CA LEU D 119 -60.24 20.01 -5.97
C LEU D 119 -60.59 19.51 -7.37
N ASN D 120 -60.62 20.42 -8.34
CA ASN D 120 -61.03 20.02 -9.69
C ASN D 120 -60.03 19.06 -10.32
N PHE D 121 -58.73 19.30 -10.12
CA PHE D 121 -57.72 18.40 -10.66
C PHE D 121 -57.85 17.01 -10.04
N THR D 122 -58.07 16.94 -8.72
CA THR D 122 -58.24 15.63 -8.09
C THR D 122 -59.43 14.89 -8.68
N GLY D 123 -60.55 15.59 -8.85
CA GLY D 123 -61.73 14.94 -9.42
C GLY D 123 -61.49 14.43 -10.83
N PHE D 124 -60.88 15.27 -11.67
CA PHE D 124 -60.64 14.88 -13.05
C PHE D 124 -59.68 13.69 -13.14
N ILE D 125 -58.61 13.68 -12.34
CA ILE D 125 -57.67 12.57 -12.37
C ILE D 125 -58.35 11.29 -11.91
N LYS D 126 -59.16 11.37 -10.85
CA LYS D 126 -59.87 10.18 -10.38
C LYS D 126 -60.81 9.63 -11.45
N ILE D 127 -61.54 10.52 -12.12
CA ILE D 127 -62.47 10.07 -13.17
C ILE D 127 -61.71 9.41 -14.32
N VAL D 128 -60.61 10.02 -14.75
CA VAL D 128 -59.85 9.48 -15.89
C VAL D 128 -59.27 8.12 -15.54
N LYS D 129 -58.70 7.98 -14.34
CA LYS D 129 -58.13 6.69 -13.95
C LYS D 129 -59.22 5.63 -13.79
N LYS D 130 -60.37 6.01 -13.24
CA LYS D 130 -61.48 5.07 -13.12
C LYS D 130 -61.94 4.58 -14.48
N HIS D 131 -62.06 5.48 -15.46
CA HIS D 131 -62.46 5.08 -16.80
C HIS D 131 -61.41 4.19 -17.45
N ASP D 132 -60.12 4.51 -17.26
CA ASP D 132 -59.08 3.73 -17.89
C ASP D 132 -58.95 2.34 -17.28
N LYS D 133 -59.26 2.20 -15.98
CA LYS D 133 -59.18 0.89 -15.35
C LYS D 133 -60.16 -0.09 -15.98
N LEU D 134 -61.39 0.36 -16.25
CA LEU D 134 -62.37 -0.45 -16.93
C LEU D 134 -62.26 -0.25 -18.44
N HIS D 135 -62.90 -1.14 -19.19
CA HIS D 135 -62.96 -1.04 -20.64
C HIS D 135 -61.58 -0.85 -21.27
N PRO D 136 -60.68 -1.82 -21.13
CA PRO D 136 -59.33 -1.65 -21.70
C PRO D 136 -59.31 -1.59 -23.22
N ASN D 137 -60.33 -2.14 -23.90
CA ASN D 137 -60.31 -2.19 -25.35
C ASN D 137 -60.34 -0.79 -25.98
N TYR D 138 -61.18 0.09 -25.44
CA TYR D 138 -61.32 1.42 -26.01
C TYR D 138 -60.09 2.27 -25.68
N PRO D 139 -59.80 3.29 -26.50
CA PRO D 139 -58.64 4.14 -26.23
C PRO D 139 -58.80 4.95 -24.94
N SER D 140 -57.68 5.31 -24.35
CA SER D 140 -57.68 6.09 -23.13
C SER D 140 -58.17 7.51 -23.38
N VAL D 141 -58.70 8.13 -22.33
CA VAL D 141 -59.25 9.49 -22.40
C VAL D 141 -58.34 10.49 -21.71
N LYS D 142 -57.13 10.08 -21.30
CA LYS D 142 -56.23 11.01 -20.63
C LYS D 142 -55.74 12.12 -21.54
N SER D 143 -55.86 11.94 -22.86
CA SER D 143 -55.41 12.98 -23.79
C SER D 143 -56.20 14.27 -23.61
N LEU D 144 -57.50 14.16 -23.35
CA LEU D 144 -58.32 15.34 -23.13
C LEU D 144 -57.82 16.13 -21.93
N LEU D 145 -57.57 15.43 -20.81
CA LEU D 145 -57.08 16.10 -19.61
C LEU D 145 -55.70 16.71 -19.85
N GLN D 146 -54.83 16.00 -20.58
CA GLN D 146 -53.51 16.54 -20.85
C GLN D 146 -53.59 17.81 -21.70
N VAL D 147 -54.44 17.80 -22.72
CA VAL D 147 -54.60 18.97 -23.57
C VAL D 147 -55.15 20.14 -22.76
N ARG D 148 -56.15 19.88 -21.92
CA ARG D 148 -56.71 20.95 -21.10
C ARG D 148 -55.70 21.50 -20.11
N LEU D 149 -54.88 20.63 -19.52
CA LEU D 149 -53.87 21.08 -18.55
C LEU D 149 -52.79 21.90 -19.24
N LYS D 150 -52.38 21.50 -20.45
CA LYS D 150 -51.32 22.22 -21.14
C LYS D 150 -51.72 23.64 -21.52
N GLU D 151 -53.02 23.94 -21.61
CA GLU D 151 -53.49 25.25 -22.00
C GLU D 151 -53.42 26.28 -20.87
N LEU D 152 -53.13 25.85 -19.65
CA LEU D 152 -53.15 26.75 -18.52
C LEU D 152 -52.10 27.85 -18.69
N PRO D 153 -52.37 29.08 -18.25
CA PRO D 153 -51.37 30.15 -18.36
C PRO D 153 -50.10 29.85 -17.58
N PHE D 154 -50.19 29.18 -16.44
CA PHE D 154 -49.03 28.85 -15.63
C PHE D 154 -48.69 27.37 -15.78
N ASN D 155 -47.69 26.93 -15.02
CA ASN D 155 -47.28 25.54 -15.01
C ASN D 155 -47.93 24.81 -13.84
N ASN D 156 -48.45 23.63 -14.10
CA ASN D 156 -49.10 22.83 -13.06
C ASN D 156 -48.03 22.08 -12.28
N SER D 157 -47.73 22.57 -11.09
CA SER D 157 -46.71 21.96 -10.23
C SER D 157 -47.00 22.36 -8.79
N GLU D 158 -46.19 21.84 -7.88
CA GLU D 158 -46.34 22.10 -6.45
C GLU D 158 -45.61 23.36 -6.01
N GLU D 159 -44.97 24.07 -6.94
CA GLU D 159 -44.34 25.34 -6.63
C GLU D 159 -45.40 26.39 -6.31
N TYR D 160 -44.99 27.42 -5.59
CA TYR D 160 -45.89 28.51 -5.27
C TYR D 160 -46.29 29.24 -6.55
N SER D 161 -47.54 29.70 -6.59
CA SER D 161 -48.05 30.37 -7.77
C SER D 161 -47.31 31.70 -7.98
N PRO D 162 -47.14 32.11 -9.24
CA PRO D 162 -46.47 33.39 -9.51
C PRO D 162 -47.16 34.59 -8.87
N LEU D 163 -48.49 34.54 -8.73
CA LEU D 163 -49.20 35.63 -8.08
C LEU D 163 -48.71 35.83 -6.65
N LEU D 164 -48.37 34.74 -5.97
CA LEU D 164 -47.84 34.86 -4.60
C LEU D 164 -46.54 35.64 -4.59
N TYR D 165 -45.63 35.34 -5.52
CA TYR D 165 -44.37 36.07 -5.59
C TYR D 165 -44.60 37.55 -5.92
N ARG D 166 -45.49 37.81 -6.87
CA ARG D 166 -45.79 39.20 -7.24
C ARG D 166 -46.33 39.98 -6.05
N ILE D 167 -47.34 39.43 -5.38
CA ILE D 167 -47.92 40.10 -4.22
C ILE D 167 -46.88 40.27 -3.12
N SER D 168 -46.02 39.26 -2.94
CA SER D 168 -45.01 39.33 -1.89
C SER D 168 -44.06 40.50 -2.13
N TYR D 169 -43.53 40.63 -3.35
CA TYR D 169 -42.57 41.71 -3.52
C TYR D 169 -43.26 43.07 -3.64
N LEU D 170 -44.51 43.12 -4.13
CA LEU D 170 -45.26 44.36 -4.07
C LEU D 170 -45.42 44.84 -2.63
N TYR D 171 -45.79 43.91 -1.73
CA TYR D 171 -45.91 44.27 -0.32
C TYR D 171 -44.56 44.66 0.27
N GLU D 172 -43.49 43.99 -0.15
CA GLU D 172 -42.17 44.32 0.38
C GLU D 172 -41.79 45.76 0.03
N PHE D 173 -42.02 46.16 -1.22
CA PHE D 173 -41.75 47.56 -1.58
C PHE D 173 -42.69 48.52 -0.88
N LEU D 174 -43.97 48.15 -0.74
CA LEU D 174 -44.91 49.04 -0.07
C LEU D 174 -44.51 49.28 1.39
N ARG D 175 -44.06 48.23 2.07
CA ARG D 175 -43.64 48.36 3.46
C ARG D 175 -42.26 49.01 3.58
N SER D 176 -41.40 48.84 2.58
CA SER D 176 -40.00 49.22 2.73
C SER D 176 -39.83 50.73 2.80
N ASN D 177 -40.22 51.44 1.74
CA ASN D 177 -39.84 52.84 1.60
C ASN D 177 -40.99 53.82 1.72
N TYR D 178 -42.20 53.45 1.29
CA TYR D 178 -43.29 54.41 1.27
C TYR D 178 -43.75 54.76 2.68
N ASP D 179 -44.26 53.79 3.42
CA ASP D 179 -44.77 54.04 4.77
C ASP D 179 -44.50 52.80 5.62
N HIS D 180 -43.48 52.88 6.46
CA HIS D 180 -43.23 51.82 7.45
C HIS D 180 -44.41 51.65 8.40
N PRO D 181 -45.00 52.69 8.98
CA PRO D 181 -46.21 52.50 9.78
C PRO D 181 -47.44 52.39 8.88
N ASN D 182 -48.60 52.30 9.52
CA ASN D 182 -49.89 52.17 8.83
C ASN D 182 -49.90 50.95 7.89
N THR D 183 -49.34 49.85 8.37
CA THR D 183 -49.36 48.58 7.63
C THR D 183 -50.41 47.62 8.18
N VAL D 184 -50.38 47.37 9.49
CA VAL D 184 -51.42 46.64 10.21
C VAL D 184 -51.52 45.19 9.77
N SER D 185 -51.61 44.96 8.45
CA SER D 185 -51.86 43.62 7.93
C SER D 185 -50.77 42.65 8.34
N LYS D 186 -51.19 41.49 8.87
CA LYS D 186 -50.26 40.43 9.25
C LYS D 186 -50.42 39.18 8.39
N SER D 187 -51.56 38.98 7.75
CA SER D 187 -51.71 37.87 6.82
C SER D 187 -50.78 38.02 5.62
N LEU D 188 -50.63 39.26 5.13
CA LEU D 188 -49.72 39.51 4.01
C LEU D 188 -48.26 39.28 4.40
N ALA D 189 -47.95 39.26 5.70
CA ALA D 189 -46.59 38.99 6.12
C ALA D 189 -46.18 37.54 5.89
N SER D 190 -47.13 36.61 5.85
CA SER D 190 -46.80 35.21 5.62
C SER D 190 -46.19 34.97 4.26
N THR D 191 -46.45 35.84 3.28
CA THR D 191 -45.81 35.74 1.98
C THR D 191 -44.42 36.35 1.95
N SER D 192 -43.98 36.98 3.03
CA SER D 192 -42.66 37.61 3.07
C SER D 192 -41.54 36.59 2.89
N LYS D 193 -41.80 35.31 3.15
CA LYS D 193 -40.80 34.27 2.91
C LYS D 193 -40.47 34.14 1.43
N LEU D 194 -41.38 34.55 0.54
CA LEU D 194 -41.14 34.43 -0.89
C LEU D 194 -40.41 35.63 -1.48
N SER D 195 -40.21 36.69 -0.70
CA SER D 195 -39.56 37.89 -1.21
C SER D 195 -38.08 37.62 -1.44
N HIS D 196 -37.60 38.02 -2.62
CA HIS D 196 -36.19 37.85 -2.94
C HIS D 196 -35.32 38.76 -2.08
N PHE D 197 -34.25 38.21 -1.55
CA PHE D 197 -33.34 38.98 -0.70
C PHE D 197 -31.97 39.12 -1.34
N SER D 204 -28.31 28.98 4.21
CA SER D 204 -29.48 28.46 3.50
C SER D 204 -29.33 26.98 3.18
N PHE D 205 -30.41 26.38 2.67
CA PHE D 205 -30.41 24.96 2.33
C PHE D 205 -31.48 24.76 1.27
N LYS D 206 -31.06 24.51 0.03
CA LYS D 206 -31.98 24.35 -1.10
C LYS D 206 -31.82 22.97 -1.70
N SER D 207 -32.94 22.31 -1.95
CA SER D 207 -32.97 20.96 -2.49
C SER D 207 -33.69 20.96 -3.83
N TYR D 208 -33.10 20.29 -4.82
CA TYR D 208 -33.70 20.13 -6.14
C TYR D 208 -33.93 18.66 -6.41
N LYS D 209 -35.08 18.33 -6.98
CA LYS D 209 -35.47 16.96 -7.26
C LYS D 209 -35.72 16.79 -8.76
N PHE D 210 -35.22 15.67 -9.31
CA PHE D 210 -35.30 15.41 -10.74
C PHE D 210 -35.65 13.95 -10.99
N TRP D 211 -36.28 13.72 -12.13
CA TRP D 211 -36.48 12.38 -12.68
C TRP D 211 -35.48 12.16 -13.80
N VAL D 212 -34.90 10.97 -13.85
CA VAL D 212 -33.90 10.60 -14.84
C VAL D 212 -34.35 9.31 -15.52
N HIS D 213 -34.33 9.30 -16.85
CA HIS D 213 -34.61 8.09 -17.61
C HIS D 213 -33.44 7.13 -17.54
N ASP D 214 -33.73 5.85 -17.77
CA ASP D 214 -32.69 4.82 -17.69
C ASP D 214 -31.62 5.00 -18.76
N ASP D 215 -31.93 5.68 -19.85
CA ASP D 215 -30.98 5.89 -20.93
C ASP D 215 -30.03 7.05 -20.67
N ASN D 216 -30.23 7.81 -19.59
CA ASN D 216 -29.44 9.00 -19.32
C ASN D 216 -28.67 8.93 -18.01
N ILE D 217 -28.69 7.78 -17.32
CA ILE D 217 -28.09 7.71 -16.00
C ILE D 217 -26.57 7.80 -16.08
N MET D 218 -25.97 7.13 -17.06
CA MET D 218 -24.51 7.12 -17.17
C MET D 218 -23.96 8.51 -17.47
N GLU D 219 -24.63 9.28 -18.33
CA GLU D 219 -24.14 10.60 -18.67
C GLU D 219 -24.22 11.55 -17.48
N VAL D 220 -25.33 11.54 -16.75
CA VAL D 220 -25.43 12.40 -15.57
C VAL D 220 -24.46 11.94 -14.49
N LYS D 221 -24.21 10.64 -14.40
CA LYS D 221 -23.23 10.15 -13.44
C LYS D 221 -21.83 10.66 -13.78
N ALA D 222 -21.48 10.67 -15.07
CA ALA D 222 -20.19 11.24 -15.48
C ALA D 222 -20.12 12.73 -15.17
N ARG D 223 -21.20 13.46 -15.44
CA ARG D 223 -21.21 14.90 -15.15
C ARG D 223 -21.06 15.17 -13.66
N ILE D 224 -21.67 14.34 -12.81
CA ILE D 224 -21.52 14.51 -11.38
C ILE D 224 -20.11 14.13 -10.93
N LEU D 225 -19.59 13.00 -11.44
CA LEU D 225 -18.28 12.51 -11.04
C LEU D 225 -17.16 13.43 -11.47
N ARG D 226 -17.41 14.31 -12.44
CA ARG D 226 -16.41 15.33 -12.75
C ARG D 226 -16.10 16.20 -11.53
N HIS D 227 -17.08 16.41 -10.65
CA HIS D 227 -16.95 17.37 -9.56
C HIS D 227 -16.97 16.76 -8.17
N LEU D 228 -17.63 15.61 -7.99
CA LEU D 228 -17.77 15.02 -6.66
C LEU D 228 -17.35 13.56 -6.69
N PRO D 229 -16.84 13.05 -5.58
CA PRO D 229 -16.42 11.64 -5.52
C PRO D 229 -17.64 10.73 -5.40
N ALA D 230 -17.37 9.43 -5.38
CA ALA D 230 -18.38 8.41 -5.17
C ALA D 230 -18.16 7.77 -3.81
N LEU D 231 -19.27 7.49 -3.12
CA LEU D 231 -19.22 6.87 -1.80
C LEU D 231 -19.51 5.38 -1.94
N VAL D 232 -18.63 4.55 -1.42
CA VAL D 232 -18.76 3.10 -1.46
C VAL D 232 -19.10 2.61 -0.06
N TYR D 233 -20.15 1.80 0.05
CA TYR D 233 -20.59 1.30 1.34
C TYR D 233 -19.67 0.19 1.82
N ALA D 234 -19.21 0.31 3.06
CA ALA D 234 -18.35 -0.70 3.69
C ALA D 234 -18.97 -1.08 5.02
N SER D 235 -19.14 -2.39 5.23
CA SER D 235 -19.76 -2.87 6.45
C SER D 235 -18.77 -2.87 7.61
N VAL D 236 -19.25 -2.49 8.78
CA VAL D 236 -18.42 -2.50 9.99
C VAL D 236 -18.08 -3.94 10.35
N PRO D 237 -16.87 -4.23 10.80
CA PRO D 237 -16.53 -5.63 11.14
C PRO D 237 -17.42 -6.17 12.25
N ASN D 238 -17.76 -7.45 12.13
CA ASN D 238 -18.61 -8.11 13.11
C ASN D 238 -17.97 -9.39 13.62
N GLU D 239 -18.73 -10.21 14.35
CA GLU D 239 -18.20 -11.38 15.02
C GLU D 239 -17.74 -12.48 14.07
N ASN D 240 -18.06 -12.38 12.78
CA ASN D 240 -17.72 -13.41 11.81
C ASN D 240 -16.44 -13.12 11.04
N ASP D 241 -15.67 -12.11 11.47
CA ASP D 241 -14.48 -11.71 10.74
C ASP D 241 -13.23 -11.86 11.60
N ASP D 242 -13.09 -12.98 12.29
CA ASP D 242 -11.94 -13.27 13.13
C ASP D 242 -11.03 -14.27 12.45
N PHE D 243 -9.75 -13.92 12.31
CA PHE D 243 -8.77 -14.75 11.64
C PHE D 243 -7.72 -15.22 12.64
N VAL D 244 -6.86 -16.14 12.18
CA VAL D 244 -5.93 -16.84 13.06
C VAL D 244 -4.52 -16.27 12.92
N ASP D 245 -4.01 -16.24 11.69
CA ASP D 245 -2.66 -15.72 11.44
C ASP D 245 -2.54 -15.33 9.98
N ASN D 246 -2.43 -14.03 9.72
CA ASN D 246 -2.22 -13.53 8.37
C ASN D 246 -1.03 -12.59 8.35
N LEU D 247 -0.47 -12.41 7.16
CA LEU D 247 0.61 -11.46 6.99
C LEU D 247 0.09 -10.04 7.13
N GLU D 248 1.00 -9.12 7.43
CA GLU D 248 0.64 -7.71 7.50
C GLU D 248 0.22 -7.20 6.13
N SER D 249 -0.79 -6.32 6.12
CA SER D 249 -1.38 -5.81 4.88
C SER D 249 -1.88 -6.96 4.00
N ASP D 250 -2.51 -7.94 4.62
CA ASP D 250 -3.07 -9.08 3.89
C ASP D 250 -4.30 -8.66 3.09
N ASP D 293 -24.16 -3.26 -3.89
CA ASP D 293 -24.91 -2.30 -3.08
C ASP D 293 -26.11 -2.95 -2.41
N PRO D 294 -26.29 -2.67 -1.13
CA PRO D 294 -27.46 -3.21 -0.42
C PRO D 294 -28.75 -2.53 -0.85
N THR D 295 -29.86 -3.22 -0.59
CA THR D 295 -31.18 -2.73 -0.92
C THR D 295 -31.80 -2.12 0.33
N ILE D 296 -32.19 -0.85 0.23
CA ILE D 296 -32.77 -0.11 1.35
C ILE D 296 -34.28 -0.29 1.34
N THR D 297 -34.82 -0.63 2.52
CA THR D 297 -36.25 -0.83 2.71
C THR D 297 -36.75 0.13 3.78
N THR D 298 -37.81 0.88 3.45
CA THR D 298 -38.44 1.80 4.38
C THR D 298 -39.94 1.49 4.44
N LEU D 299 -40.46 1.37 5.65
CA LEU D 299 -41.87 1.11 5.90
C LEU D 299 -42.46 2.34 6.57
N TYR D 300 -43.50 2.92 5.95
CA TYR D 300 -44.01 4.21 6.36
C TYR D 300 -45.25 4.07 7.23
N PHE D 301 -45.48 5.08 8.09
CA PHE D 301 -46.58 5.07 9.04
C PHE D 301 -47.60 6.15 8.69
N ASP D 302 -48.88 5.82 8.89
CA ASP D 302 -49.97 6.77 8.70
C ASP D 302 -51.23 6.18 9.35
N ASN D 303 -52.23 7.04 9.54
CA ASN D 303 -53.50 6.63 10.13
C ASN D 303 -54.53 6.38 9.03
N ASP D 304 -55.77 6.10 9.45
CA ASP D 304 -56.82 5.74 8.49
C ASP D 304 -57.30 6.93 7.68
N PHE D 305 -57.16 8.15 8.21
CA PHE D 305 -57.52 9.34 7.47
C PHE D 305 -56.38 9.91 6.65
N PHE D 306 -55.19 9.30 6.72
CA PHE D 306 -54.00 9.77 6.00
C PHE D 306 -53.69 11.22 6.33
N ASP D 307 -53.66 11.53 7.62
CA ASP D 307 -53.42 12.91 8.05
C ASP D 307 -52.02 13.39 7.67
N LEU D 308 -51.01 12.53 7.85
CA LEU D 308 -49.65 12.95 7.56
C LEU D 308 -49.46 13.24 6.08
N TYR D 309 -50.02 12.40 5.21
CA TYR D 309 -49.94 12.63 3.77
C TYR D 309 -50.66 13.93 3.39
N ASN D 310 -51.84 14.17 3.97
CA ASN D 310 -52.59 15.38 3.68
C ASN D 310 -51.82 16.61 4.11
N ASN D 311 -51.24 16.61 5.31
CA ASN D 311 -50.53 17.77 5.80
C ASN D 311 -49.24 18.01 5.01
N ARG D 312 -48.56 16.93 4.60
CA ARG D 312 -47.36 17.09 3.81
C ARG D 312 -47.68 17.65 2.43
N LEU D 313 -48.77 17.19 1.82
CA LEU D 313 -49.17 17.67 0.51
C LEU D 313 -49.65 19.12 0.54
N LEU D 314 -50.08 19.62 1.70
CA LEU D 314 -50.59 20.97 1.83
C LEU D 314 -49.53 21.97 2.29
N LYS D 315 -48.28 21.54 2.41
CA LYS D 315 -47.17 22.42 2.80
C LYS D 315 -47.42 23.09 4.16
N ILE D 316 -47.94 22.32 5.11
CA ILE D 316 -48.16 22.82 6.46
C ILE D 316 -46.86 22.71 7.23
N SER D 317 -46.40 23.83 7.79
CA SER D 317 -45.13 23.85 8.50
C SER D 317 -45.18 22.93 9.72
N GLY D 318 -44.15 22.11 9.88
CA GLY D 318 -44.08 21.19 10.99
C GLY D 318 -44.71 19.83 10.76
N ALA D 319 -45.05 19.49 9.52
CA ALA D 319 -45.66 18.20 9.23
C ALA D 319 -44.61 17.10 9.29
N PRO D 320 -44.74 16.13 10.17
CA PRO D 320 -43.73 15.08 10.28
C PRO D 320 -44.07 13.83 9.48
N THR D 321 -43.06 12.97 9.33
CA THR D 321 -43.23 11.64 8.74
C THR D 321 -42.50 10.63 9.61
N LEU D 322 -43.06 9.43 9.72
CA LEU D 322 -42.52 8.38 10.57
C LEU D 322 -42.28 7.12 9.76
N ARG D 323 -41.10 6.52 9.92
CA ARG D 323 -40.76 5.35 9.13
C ARG D 323 -39.81 4.44 9.88
N LEU D 324 -39.76 3.18 9.43
CA LEU D 324 -38.78 2.19 9.84
C LEU D 324 -37.87 1.89 8.66
N ARG D 325 -36.57 1.83 8.90
CA ARG D 325 -35.61 1.66 7.82
C ARG D 325 -34.62 0.56 8.14
N TRP D 326 -34.27 -0.23 7.13
CA TRP D 326 -33.20 -1.21 7.25
C TRP D 326 -32.68 -1.55 5.85
N ILE D 327 -31.69 -2.45 5.80
CA ILE D 327 -31.11 -2.89 4.54
C ILE D 327 -31.08 -4.42 4.52
N GLY D 328 -31.00 -4.96 3.31
CA GLY D 328 -30.92 -6.39 3.14
C GLY D 328 -32.22 -7.10 3.50
N LYS D 329 -32.09 -8.36 3.87
CA LYS D 329 -33.22 -9.18 4.28
C LYS D 329 -33.44 -9.09 5.78
N LEU D 330 -34.68 -9.34 6.19
CA LEU D 330 -35.05 -9.28 7.59
C LEU D 330 -34.67 -10.53 8.37
N LEU D 331 -34.25 -11.60 7.69
CA LEU D 331 -33.84 -12.84 8.34
C LEU D 331 -32.35 -12.86 8.67
N ASP D 332 -31.61 -11.82 8.29
CA ASP D 332 -30.19 -11.72 8.63
C ASP D 332 -29.96 -10.91 9.90
N LYS D 333 -31.03 -10.49 10.58
CA LYS D 333 -30.96 -9.66 11.77
C LYS D 333 -30.17 -8.38 11.50
N PRO D 334 -30.69 -7.46 10.68
CA PRO D 334 -29.98 -6.20 10.47
C PRO D 334 -30.39 -5.14 11.49
N ASP D 335 -29.78 -3.96 11.42
CA ASP D 335 -30.15 -2.86 12.28
C ASP D 335 -31.42 -2.19 11.75
N ILE D 336 -32.39 -1.99 12.64
CA ILE D 336 -33.66 -1.36 12.29
C ILE D 336 -33.72 0.00 12.97
N PHE D 337 -34.01 1.04 12.20
CA PHE D 337 -34.02 2.40 12.69
C PHE D 337 -35.41 3.02 12.52
N LEU D 338 -35.94 3.57 13.60
CA LEU D 338 -37.20 4.31 13.56
C LEU D 338 -36.90 5.79 13.51
N GLU D 339 -37.29 6.44 12.41
CA GLU D 339 -37.02 7.86 12.21
C GLU D 339 -38.32 8.66 12.16
N LYS D 340 -38.29 9.83 12.79
CA LYS D 340 -39.32 10.84 12.64
C LYS D 340 -38.65 12.10 12.08
N ARG D 341 -39.08 12.51 10.89
CA ARG D 341 -38.47 13.63 10.18
C ARG D 341 -39.48 14.76 10.04
N THR D 342 -39.03 15.99 10.32
CA THR D 342 -39.89 17.17 10.29
C THR D 342 -39.19 18.30 9.56
N PHE D 343 -39.95 19.06 8.79
CA PHE D 343 -39.47 20.28 8.16
C PHE D 343 -40.21 21.45 8.77
N THR D 344 -39.48 22.41 9.32
CA THR D 344 -40.08 23.57 9.96
C THR D 344 -39.44 24.84 9.43
N GLU D 345 -40.25 25.90 9.32
CA GLU D 345 -39.82 27.17 8.75
C GLU D 345 -40.13 28.28 9.74
N ASN D 346 -39.10 28.78 10.44
CA ASN D 346 -39.24 29.90 11.36
C ASN D 346 -38.16 30.92 11.03
N THR D 347 -38.45 31.78 10.05
CA THR D 347 -37.60 32.89 9.65
C THR D 347 -38.32 33.67 8.57
N GLU D 348 -37.92 34.94 8.41
CA GLU D 348 -38.44 35.77 7.34
C GLU D 348 -37.69 35.57 6.03
N THR D 349 -36.53 34.91 6.06
CA THR D 349 -35.78 34.64 4.84
C THR D 349 -36.46 33.58 3.98
N GLY D 350 -37.27 32.71 4.59
CA GLY D 350 -37.88 31.61 3.89
C GLY D 350 -37.09 30.33 3.90
N ASN D 351 -35.87 30.34 4.45
CA ASN D 351 -35.08 29.13 4.54
C ASN D 351 -35.70 28.16 5.54
N SER D 352 -35.84 26.92 5.12
CA SER D 352 -36.40 25.88 5.98
C SER D 352 -35.29 25.21 6.78
N SER D 353 -35.70 24.47 7.82
CA SER D 353 -34.79 23.66 8.62
C SER D 353 -35.38 22.27 8.80
N PHE D 354 -34.50 21.29 8.88
CA PHE D 354 -34.88 19.88 8.92
C PHE D 354 -34.43 19.28 10.25
N GLU D 355 -35.34 18.57 10.91
CA GLU D 355 -35.05 17.92 12.18
C GLU D 355 -35.37 16.44 12.08
N GLU D 356 -34.50 15.61 12.63
CA GLU D 356 -34.71 14.16 12.60
C GLU D 356 -34.47 13.57 13.98
N ILE D 357 -35.36 12.68 14.38
CA ILE D 357 -35.22 11.91 15.62
C ILE D 357 -35.11 10.45 15.24
N ARG D 358 -34.02 9.81 15.63
CA ARG D 358 -33.71 8.45 15.23
C ARG D 358 -33.54 7.56 16.45
N LEU D 359 -34.14 6.37 16.41
CA LEU D 359 -33.99 5.37 17.45
C LEU D 359 -33.62 4.04 16.83
N GLN D 360 -32.89 3.21 17.57
CA GLN D 360 -32.55 1.86 17.14
C GLN D 360 -33.47 0.87 17.82
N MET D 361 -34.03 -0.05 17.04
CA MET D 361 -35.04 -0.98 17.53
C MET D 361 -34.54 -2.42 17.49
N LYS D 362 -35.21 -3.26 18.26
CA LYS D 362 -35.01 -4.71 18.22
C LYS D 362 -36.27 -5.37 17.68
N ALA D 363 -36.08 -6.40 16.86
CA ALA D 363 -37.20 -6.99 16.14
C ALA D 363 -38.28 -7.51 17.07
N LYS D 364 -37.90 -7.96 18.27
CA LYS D 364 -38.88 -8.51 19.20
C LYS D 364 -39.72 -7.42 19.88
N PHE D 365 -39.13 -6.26 20.13
CA PHE D 365 -39.77 -5.22 20.95
C PHE D 365 -40.65 -4.28 20.15
N ILE D 366 -40.70 -4.41 18.83
CA ILE D 366 -41.43 -3.44 18.02
C ILE D 366 -42.94 -3.58 18.20
N ASN D 367 -43.44 -4.81 18.25
CA ASN D 367 -44.88 -5.04 18.37
C ASN D 367 -45.45 -4.39 19.62
N ASN D 368 -44.78 -4.61 20.76
CA ASN D 368 -45.27 -4.00 22.00
C ASN D 368 -45.04 -2.49 22.00
N PHE D 369 -43.97 -2.03 21.36
CA PHE D 369 -43.64 -0.61 21.40
C PHE D 369 -44.66 0.23 20.62
N ILE D 370 -45.05 -0.23 19.44
CA ILE D 370 -45.90 0.58 18.57
C ILE D 370 -47.38 0.25 18.69
N PHE D 371 -47.76 -0.86 19.32
CA PHE D 371 -49.15 -1.24 19.44
C PHE D 371 -49.68 -1.19 20.86
N LYS D 372 -49.01 -1.86 21.80
CA LYS D 372 -49.51 -1.96 23.17
C LYS D 372 -49.03 -0.83 24.07
N ASN D 373 -48.26 0.12 23.55
CA ASN D 373 -47.73 1.25 24.33
C ASN D 373 -46.92 0.75 25.54
N ASP D 374 -46.14 -0.30 25.32
CA ASP D 374 -45.36 -0.89 26.40
C ASP D 374 -44.07 -0.10 26.60
N PRO D 375 -43.79 0.41 27.81
CA PRO D 375 -42.55 1.15 28.03
C PRO D 375 -41.38 0.28 28.44
N SER D 376 -41.51 -1.04 28.24
CA SER D 376 -40.44 -1.95 28.65
C SER D 376 -39.15 -1.70 27.88
N TYR D 377 -39.26 -1.45 26.57
CA TYR D 377 -38.07 -1.30 25.74
C TYR D 377 -37.25 -0.09 26.16
N LYS D 378 -37.91 1.01 26.52
CA LYS D 378 -37.18 2.21 26.90
C LYS D 378 -36.29 1.95 28.11
N ASN D 379 -36.87 1.38 29.17
CA ASN D 379 -36.10 1.09 30.37
C ASN D 379 -35.01 0.07 30.10
N TYR D 380 -35.33 -0.96 29.32
CA TYR D 380 -34.34 -1.99 29.02
C TYR D 380 -33.13 -1.39 28.28
N LEU D 381 -33.39 -0.57 27.27
CA LEU D 381 -32.31 0.04 26.51
C LEU D 381 -31.52 1.05 27.36
N ILE D 382 -32.22 1.83 28.18
CA ILE D 382 -31.52 2.80 29.03
C ILE D 382 -30.59 2.10 30.00
N ASN D 383 -31.07 1.02 30.64
CA ASN D 383 -30.23 0.27 31.56
C ASN D 383 -29.05 -0.37 30.83
N GLN D 384 -29.29 -0.93 29.64
CA GLN D 384 -28.20 -1.54 28.89
C GLN D 384 -27.13 -0.53 28.52
N LEU D 385 -27.54 0.66 28.06
CA LEU D 385 -26.57 1.68 27.68
C LEU D 385 -25.85 2.24 28.90
N ARG D 386 -26.54 2.36 30.03
CA ARG D 386 -25.88 2.81 31.25
C ARG D 386 -24.83 1.80 31.71
N GLU D 387 -25.14 0.50 31.62
CA GLU D 387 -24.15 -0.51 31.94
C GLU D 387 -22.97 -0.45 30.99
N ARG D 388 -23.23 -0.22 29.70
CA ARG D 388 -22.16 -0.16 28.72
C ARG D 388 -21.19 0.99 29.01
N GLY D 389 -21.68 2.08 29.58
CA GLY D 389 -20.79 3.19 29.94
C GLY D 389 -21.10 4.49 29.23
N THR D 390 -22.36 4.73 28.88
CA THR D 390 -22.75 5.95 28.20
C THR D 390 -22.96 7.07 29.20
N GLN D 391 -22.62 8.29 28.80
CA GLN D 391 -22.71 9.44 29.68
C GLN D 391 -24.17 9.78 29.99
N LYS D 392 -24.36 10.78 30.85
CA LYS D 392 -25.70 11.13 31.30
C LYS D 392 -26.47 11.91 30.25
N GLU D 393 -25.80 12.81 29.51
CA GLU D 393 -26.49 13.65 28.54
C GLU D 393 -27.11 12.82 27.42
N GLU D 394 -26.36 11.85 26.92
CA GLU D 394 -26.89 10.99 25.87
C GLU D 394 -28.09 10.20 26.37
N LEU D 395 -28.05 9.73 27.62
CA LEU D 395 -29.19 9.02 28.18
C LEU D 395 -30.41 9.92 28.31
N GLU D 396 -30.21 11.17 28.74
CA GLU D 396 -31.32 12.11 28.82
C GLU D 396 -31.94 12.35 27.44
N LYS D 397 -31.09 12.55 26.43
CA LYS D 397 -31.59 12.77 25.07
C LYS D 397 -32.34 11.54 24.57
N LEU D 398 -31.82 10.34 24.85
CA LEU D 398 -32.47 9.12 24.41
C LEU D 398 -33.84 8.96 25.08
N SER D 399 -33.93 9.26 26.37
CA SER D 399 -35.22 9.19 27.06
C SER D 399 -36.21 10.17 26.45
N ARG D 400 -35.76 11.40 26.18
CA ARG D 400 -36.65 12.39 25.57
C ARG D 400 -37.13 11.94 24.20
N ASP D 401 -36.24 11.37 23.39
CA ASP D 401 -36.63 10.91 22.06
C ASP D 401 -37.63 9.77 22.14
N PHE D 402 -37.39 8.81 23.05
CA PHE D 402 -38.35 7.74 23.26
C PHE D 402 -39.73 8.30 23.62
N ASP D 403 -39.76 9.24 24.57
CA ASP D 403 -41.04 9.81 24.97
C ASP D 403 -41.73 10.49 23.81
N ASN D 404 -40.97 11.28 23.04
CA ASN D 404 -41.56 12.03 21.93
C ASN D 404 -42.18 11.10 20.90
N ILE D 405 -41.42 10.09 20.47
CA ILE D 405 -41.92 9.22 19.40
C ILE D 405 -43.08 8.37 19.89
N GLN D 406 -42.99 7.84 21.11
CA GLN D 406 -44.09 7.03 21.63
C GLN D 406 -45.36 7.85 21.78
N ASN D 407 -45.24 9.09 22.29
CA ASN D 407 -46.40 9.96 22.41
C ASN D 407 -47.00 10.29 21.05
N PHE D 408 -46.14 10.56 20.06
CA PHE D 408 -46.62 10.83 18.71
C PHE D 408 -47.44 9.65 18.18
N ILE D 409 -46.89 8.44 18.29
CA ILE D 409 -47.58 7.26 17.77
C ILE D 409 -48.91 7.05 18.49
N VAL D 410 -48.91 7.17 19.81
CA VAL D 410 -50.14 6.94 20.58
C VAL D 410 -51.19 7.97 20.23
N GLU D 411 -50.81 9.26 20.18
CA GLU D 411 -51.79 10.31 19.96
C GLU D 411 -52.38 10.27 18.56
N GLU D 412 -51.54 10.09 17.54
CA GLU D 412 -52.02 10.16 16.16
C GLU D 412 -52.55 8.84 15.63
N LYS D 413 -52.43 7.75 16.41
CA LYS D 413 -52.92 6.43 16.00
C LYS D 413 -52.32 5.99 14.66
N LEU D 414 -51.00 6.09 14.56
CA LEU D 414 -50.30 5.72 13.34
C LEU D 414 -50.08 4.22 13.27
N GLN D 415 -49.93 3.72 12.05
CA GLN D 415 -49.73 2.30 11.80
C GLN D 415 -49.06 2.14 10.44
N PRO D 416 -48.35 1.05 10.21
CA PRO D 416 -47.69 0.85 8.92
C PRO D 416 -48.70 0.82 7.77
N VAL D 417 -48.30 1.40 6.63
CA VAL D 417 -49.17 1.53 5.48
C VAL D 417 -48.54 0.91 4.23
N LEU D 418 -47.32 1.30 3.90
CA LEU D 418 -46.68 0.85 2.67
C LEU D 418 -45.19 0.66 2.89
N ARG D 419 -44.58 -0.08 1.98
CA ARG D 419 -43.15 -0.39 2.01
C ARG D 419 -42.52 0.00 0.69
N ALA D 420 -41.39 0.68 0.74
CA ALA D 420 -40.66 1.12 -0.45
C ALA D 420 -39.25 0.56 -0.40
N THR D 421 -38.81 -0.03 -1.51
CA THR D 421 -37.47 -0.58 -1.62
C THR D 421 -36.74 0.07 -2.78
N TYR D 422 -35.47 0.40 -2.58
CA TYR D 422 -34.70 1.09 -3.61
C TYR D 422 -33.20 0.93 -3.35
N ASN D 423 -32.41 1.36 -4.33
CA ASN D 423 -30.96 1.39 -4.25
C ASN D 423 -30.48 2.83 -4.29
N ARG D 424 -29.48 3.16 -3.46
CA ARG D 424 -29.02 4.54 -3.30
C ARG D 424 -27.56 4.67 -3.71
N THR D 425 -27.26 5.77 -4.40
CA THR D 425 -25.90 6.12 -4.77
C THR D 425 -25.66 7.58 -4.38
N ALA D 426 -24.56 7.86 -3.69
CA ALA D 426 -24.30 9.18 -3.15
C ALA D 426 -22.98 9.75 -3.66
N PHE D 427 -22.91 11.08 -3.71
CA PHE D 427 -21.73 11.80 -4.15
C PHE D 427 -21.56 13.01 -3.24
N GLN D 428 -20.41 13.09 -2.57
CA GLN D 428 -20.13 14.16 -1.62
C GLN D 428 -18.66 14.11 -1.23
N ILE D 429 -18.06 15.29 -1.06
CA ILE D 429 -16.67 15.38 -0.61
C ILE D 429 -16.63 15.20 0.91
N PRO D 430 -15.79 14.31 1.44
CA PRO D 430 -15.76 14.12 2.90
C PRO D 430 -15.37 15.38 3.63
N GLY D 431 -16.03 15.63 4.76
CA GLY D 431 -15.76 16.81 5.54
C GLY D 431 -16.19 18.11 4.90
N ASP D 432 -17.18 18.07 4.01
CA ASP D 432 -17.64 19.27 3.31
C ASP D 432 -19.15 19.17 3.14
N GLN D 433 -19.89 19.88 4.00
CA GLN D 433 -21.35 19.87 3.96
C GLN D 433 -21.92 20.93 3.03
N SER D 434 -21.14 21.42 2.07
CA SER D 434 -21.64 22.44 1.17
C SER D 434 -22.59 21.87 0.13
N ILE D 435 -22.33 20.67 -0.37
CA ILE D 435 -23.08 20.10 -1.49
C ILE D 435 -23.18 18.60 -1.31
N ARG D 436 -24.31 18.03 -1.77
CA ARG D 436 -24.51 16.60 -1.76
C ARG D 436 -25.41 16.22 -2.92
N VAL D 437 -25.15 15.06 -3.53
CA VAL D 437 -26.01 14.54 -4.59
C VAL D 437 -26.35 13.10 -4.26
N THR D 438 -27.61 12.72 -4.45
CA THR D 438 -28.02 11.34 -4.22
C THR D 438 -28.94 10.90 -5.36
N ILE D 439 -28.92 9.61 -5.66
CA ILE D 439 -29.74 9.03 -6.71
C ILE D 439 -30.35 7.73 -6.19
N ASP D 440 -31.66 7.58 -6.36
CA ASP D 440 -32.39 6.38 -5.98
C ASP D 440 -32.88 5.68 -7.24
N SER D 441 -32.74 4.35 -7.27
CA SER D 441 -33.06 3.55 -8.43
C SER D 441 -33.83 2.31 -7.99
N ASN D 442 -34.49 1.67 -8.96
CA ASN D 442 -35.22 0.43 -8.76
C ASN D 442 -36.27 0.56 -7.65
N ILE D 443 -36.99 1.69 -7.65
CA ILE D 443 -37.98 1.94 -6.61
C ILE D 443 -39.18 1.02 -6.80
N MET D 444 -39.61 0.41 -5.70
CA MET D 444 -40.78 -0.47 -5.74
C MET D 444 -41.62 -0.25 -4.49
N TYR D 445 -42.93 -0.12 -4.68
CA TYR D 445 -43.88 0.11 -3.61
C TYR D 445 -44.76 -1.13 -3.42
N ILE D 446 -44.99 -1.50 -2.17
CA ILE D 446 -45.83 -2.65 -1.82
C ILE D 446 -46.79 -2.24 -0.71
N ARG D 447 -48.06 -2.64 -0.86
CA ARG D 447 -49.05 -2.35 0.17
C ARG D 447 -48.80 -3.20 1.40
N GLU D 448 -48.75 -2.56 2.57
CA GLU D 448 -48.48 -3.26 3.82
C GLU D 448 -49.39 -2.69 4.91
N ASP D 449 -50.66 -2.53 4.58
CA ASP D 449 -51.64 -1.92 5.48
C ASP D 449 -52.61 -2.97 6.01
N SER D 450 -53.50 -2.53 6.89
CA SER D 450 -54.53 -3.38 7.48
C SER D 450 -55.86 -2.66 7.48
N LEU D 451 -56.17 -1.97 6.37
CA LEU D 451 -57.39 -1.18 6.30
C LEU D 451 -58.62 -2.05 6.07
N ASP D 452 -58.48 -3.15 5.34
CA ASP D 452 -59.61 -4.04 5.10
C ASP D 452 -59.90 -4.86 6.35
N LYS D 453 -61.06 -4.65 6.97
CA LYS D 453 -61.34 -5.27 8.29
C LYS D 453 -61.82 -6.71 8.15
N ASN D 454 -61.86 -7.23 6.93
CA ASN D 454 -62.35 -8.60 6.69
C ASN D 454 -61.22 -9.43 6.10
N ARG D 455 -60.48 -8.91 5.12
CA ARG D 455 -59.27 -9.64 4.70
C ARG D 455 -58.04 -8.72 4.76
N PRO D 456 -57.51 -8.40 5.96
CA PRO D 456 -56.37 -7.49 6.07
C PRO D 456 -55.19 -7.97 5.24
N ILE D 457 -54.45 -7.05 4.59
CA ILE D 457 -53.24 -7.44 3.81
C ILE D 457 -52.17 -7.82 4.82
N ARG D 458 -52.08 -7.11 5.94
CA ARG D 458 -51.13 -7.46 7.00
C ARG D 458 -51.92 -7.61 8.27
N ASN D 459 -51.49 -8.52 9.12
CA ASN D 459 -52.21 -8.79 10.35
C ASN D 459 -52.24 -7.54 11.23
N PRO D 460 -53.37 -7.23 11.85
CA PRO D 460 -53.45 -6.01 12.68
C PRO D 460 -52.55 -6.05 13.91
N GLU D 461 -52.06 -7.22 14.32
CA GLU D 461 -51.22 -7.35 15.49
C GLU D 461 -49.76 -7.63 15.15
N ASN D 462 -49.37 -7.48 13.89
CA ASN D 462 -47.99 -7.69 13.47
C ASN D 462 -47.48 -6.43 12.80
N TRP D 463 -46.21 -6.09 13.07
CA TRP D 463 -45.63 -4.86 12.56
C TRP D 463 -45.18 -4.95 11.10
N HIS D 464 -45.18 -6.14 10.51
CA HIS D 464 -44.76 -6.28 9.13
C HIS D 464 -45.49 -7.45 8.49
N ARG D 465 -45.50 -7.44 7.16
CA ARG D 465 -46.12 -8.52 6.40
C ARG D 465 -45.37 -9.83 6.58
N ASP D 466 -46.11 -10.92 6.71
CA ASP D 466 -45.51 -12.23 6.97
C ASP D 466 -45.08 -12.95 5.70
N ASP D 467 -45.91 -12.89 4.66
CA ASP D 467 -45.64 -13.65 3.44
C ASP D 467 -44.41 -13.15 2.69
N ILE D 468 -44.16 -11.84 2.71
CA ILE D 468 -43.04 -11.29 1.95
C ILE D 468 -41.71 -11.72 2.54
N ASP D 469 -41.61 -11.78 3.86
CA ASP D 469 -40.35 -12.04 4.55
C ASP D 469 -40.12 -13.52 4.85
N SER D 470 -40.70 -14.41 4.05
CA SER D 470 -40.57 -15.84 4.29
C SER D 470 -39.22 -16.34 3.78
N ASN D 471 -38.94 -17.62 4.03
CA ASN D 471 -37.68 -18.23 3.62
C ASN D 471 -37.68 -18.68 2.17
N ILE D 472 -38.79 -18.53 1.46
CA ILE D 472 -38.85 -18.93 0.04
C ILE D 472 -37.87 -18.09 -0.75
N PRO D 473 -37.11 -18.68 -1.70
CA PRO D 473 -36.10 -17.88 -2.43
C PRO D 473 -36.68 -16.70 -3.19
N ASN D 474 -37.91 -16.80 -3.70
CA ASN D 474 -38.54 -15.72 -4.45
C ASN D 474 -39.93 -15.46 -3.89
N PRO D 475 -40.04 -14.68 -2.81
CA PRO D 475 -41.36 -14.41 -2.23
C PRO D 475 -42.23 -13.47 -3.05
N LEU D 476 -41.63 -12.59 -3.86
CA LEU D 476 -42.40 -11.61 -4.60
C LEU D 476 -43.31 -12.22 -5.64
N ARG D 477 -43.15 -13.51 -5.95
CA ARG D 477 -44.10 -14.18 -6.83
C ARG D 477 -45.49 -14.26 -6.20
N PHE D 478 -45.57 -14.27 -4.86
CA PHE D 478 -46.86 -14.41 -4.21
C PHE D 478 -47.75 -13.19 -4.43
N LEU D 479 -47.15 -12.03 -4.70
CA LEU D 479 -47.93 -10.79 -4.80
C LEU D 479 -48.91 -10.86 -5.96
N ARG D 480 -50.10 -10.31 -5.73
CA ARG D 480 -51.13 -10.22 -6.74
C ARG D 480 -51.15 -8.84 -7.39
N ALA D 481 -51.83 -8.75 -8.53
CA ALA D 481 -51.92 -7.49 -9.23
C ALA D 481 -52.71 -6.47 -8.41
N GLY D 482 -52.27 -5.22 -8.46
CA GLY D 482 -52.89 -4.15 -7.70
C GLY D 482 -52.37 -3.98 -6.29
N GLU D 483 -51.51 -4.88 -5.82
CA GLU D 483 -50.92 -4.78 -4.50
C GLU D 483 -49.50 -4.25 -4.53
N TYR D 484 -48.98 -3.87 -5.69
CA TYR D 484 -47.63 -3.37 -5.79
C TYR D 484 -47.52 -2.46 -7.00
N SER D 485 -46.45 -1.67 -7.02
CA SER D 485 -46.22 -0.72 -8.10
C SER D 485 -44.73 -0.52 -8.29
N LYS D 486 -44.34 -0.16 -9.51
CA LYS D 486 -42.95 0.06 -9.87
C LYS D 486 -42.81 1.46 -10.45
N PHE D 487 -41.94 2.26 -9.85
CA PHE D 487 -41.63 3.57 -10.42
C PHE D 487 -40.69 3.40 -11.60
N PRO D 488 -40.99 4.00 -12.76
CA PRO D 488 -40.18 3.73 -13.95
C PRO D 488 -38.86 4.47 -14.03
N TYR D 489 -38.71 5.60 -13.34
CA TYR D 489 -37.54 6.45 -13.48
C TYR D 489 -36.63 6.35 -12.25
N SER D 490 -35.53 7.08 -12.31
CA SER D 490 -34.62 7.25 -11.18
C SER D 490 -34.80 8.65 -10.61
N VAL D 491 -34.63 8.77 -9.29
CA VAL D 491 -34.90 10.04 -8.60
C VAL D 491 -33.58 10.61 -8.11
N MET D 492 -33.22 11.80 -8.59
CA MET D 492 -31.99 12.46 -8.19
C MET D 492 -32.31 13.67 -7.33
N GLU D 493 -31.59 13.82 -6.22
CA GLU D 493 -31.72 14.96 -5.34
C GLU D 493 -30.38 15.67 -5.21
N ILE D 494 -30.39 16.98 -5.31
CA ILE D 494 -29.22 17.83 -5.16
C ILE D 494 -29.46 18.79 -4.02
N LYS D 495 -28.64 18.70 -2.97
CA LYS D 495 -28.75 19.55 -1.80
C LYS D 495 -27.57 20.52 -1.79
N VAL D 496 -27.87 21.81 -1.80
CA VAL D 496 -26.85 22.86 -1.82
C VAL D 496 -27.06 23.74 -0.59
N ILE D 497 -25.98 23.99 0.14
CA ILE D 497 -26.02 24.77 1.37
C ILE D 497 -25.21 26.05 1.16
N ASN D 498 -25.87 27.20 1.36
CA ASN D 498 -25.22 28.51 1.32
C ASN D 498 -25.59 29.21 2.62
N GLN D 499 -24.78 28.99 3.66
CA GLN D 499 -25.12 29.48 5.00
C GLN D 499 -25.21 31.01 5.03
N ASP D 500 -24.27 31.69 4.39
CA ASP D 500 -24.30 33.14 4.38
C ASP D 500 -25.44 33.65 3.50
N ASN D 501 -25.84 34.90 3.75
CA ASN D 501 -26.86 35.56 2.94
C ASN D 501 -26.24 35.95 1.60
N SER D 502 -26.05 34.94 0.76
CA SER D 502 -25.39 35.10 -0.53
C SER D 502 -26.37 35.21 -1.68
N GLN D 503 -27.67 35.42 -1.40
CA GLN D 503 -28.70 35.61 -2.42
C GLN D 503 -28.79 34.38 -3.33
N MET D 504 -29.19 33.26 -2.71
CA MET D 504 -29.36 31.95 -3.35
C MET D 504 -28.01 31.38 -3.80
N PRO D 505 -27.87 30.05 -3.86
CA PRO D 505 -26.58 29.45 -4.26
C PRO D 505 -26.07 29.93 -5.61
N ASN D 506 -26.84 29.67 -6.67
CA ASN D 506 -26.52 30.10 -8.02
C ASN D 506 -25.11 29.66 -8.44
N TYR D 507 -24.88 28.35 -8.37
CA TYR D 507 -23.56 27.80 -8.67
C TYR D 507 -23.59 27.15 -10.05
N GLU D 508 -22.40 26.94 -10.62
CA GLU D 508 -22.28 26.85 -12.08
C GLU D 508 -22.76 25.50 -12.63
N TRP D 509 -22.10 24.40 -12.25
CA TRP D 509 -22.40 23.14 -12.91
C TRP D 509 -23.78 22.61 -12.51
N ILE D 510 -24.29 23.02 -11.35
CA ILE D 510 -25.64 22.63 -10.96
C ILE D 510 -26.66 23.24 -11.92
N LYS D 511 -26.53 24.53 -12.21
CA LYS D 511 -27.47 25.17 -13.11
C LYS D 511 -27.24 24.73 -14.55
N ASP D 512 -26.01 24.32 -14.89
CA ASP D 512 -25.77 23.75 -16.20
C ASP D 512 -26.47 22.41 -16.36
N LEU D 513 -26.42 21.56 -15.33
CA LEU D 513 -27.06 20.25 -15.40
C LEU D 513 -28.58 20.34 -15.31
N THR D 514 -29.09 21.32 -14.55
CA THR D 514 -30.54 21.46 -14.41
C THR D 514 -31.20 21.79 -15.74
N ASN D 515 -30.60 22.67 -16.52
CA ASN D 515 -31.15 23.08 -17.82
C ASN D 515 -30.51 22.24 -18.93
N SER D 516 -30.89 20.97 -18.96
CA SER D 516 -30.32 20.03 -19.91
C SER D 516 -31.37 19.00 -20.27
N HIS D 517 -31.10 18.27 -21.35
CA HIS D 517 -32.03 17.26 -21.86
C HIS D 517 -31.95 15.95 -21.08
N LEU D 518 -31.17 15.89 -20.01
CA LEU D 518 -30.96 14.64 -19.29
C LEU D 518 -31.88 14.46 -18.09
N VAL D 519 -32.37 15.56 -17.51
CA VAL D 519 -33.16 15.49 -16.29
C VAL D 519 -34.49 16.18 -16.50
N ASN D 520 -35.49 15.78 -15.71
CA ASN D 520 -36.80 16.42 -15.71
C ASN D 520 -37.10 16.88 -14.30
N GLU D 521 -37.12 18.19 -14.09
CA GLU D 521 -37.29 18.73 -12.73
C GLU D 521 -38.73 18.56 -12.26
N VAL D 522 -38.88 18.03 -11.05
CA VAL D 522 -40.18 17.88 -10.41
C VAL D 522 -40.10 18.51 -9.02
N PRO D 523 -40.47 19.78 -8.87
CA PRO D 523 -40.34 20.43 -7.56
C PRO D 523 -41.21 19.76 -6.51
N LYS D 524 -40.66 19.66 -5.30
CA LYS D 524 -41.35 19.13 -4.13
C LYS D 524 -41.84 17.69 -4.32
N PHE D 525 -41.10 16.91 -5.09
CA PHE D 525 -41.42 15.49 -5.23
C PHE D 525 -41.00 14.75 -3.96
N SER D 526 -41.75 13.71 -3.62
CA SER D 526 -41.46 12.91 -2.44
C SER D 526 -41.83 11.46 -2.72
N LEU D 527 -41.01 10.54 -2.22
CA LEU D 527 -41.26 9.12 -2.45
C LEU D 527 -42.49 8.64 -1.69
N TYR D 528 -42.71 9.15 -0.48
CA TYR D 528 -43.87 8.73 0.30
C TYR D 528 -45.17 9.17 -0.38
N LEU D 529 -45.23 10.42 -0.83
CA LEU D 529 -46.44 10.91 -1.47
C LEU D 529 -46.71 10.16 -2.77
N GLN D 530 -45.68 9.90 -3.55
CA GLN D 530 -45.84 9.14 -4.79
C GLN D 530 -46.32 7.72 -4.50
N GLY D 531 -45.78 7.10 -3.44
CA GLY D 531 -46.22 5.76 -3.09
C GLY D 531 -47.68 5.72 -2.66
N VAL D 532 -48.10 6.70 -1.87
CA VAL D 532 -49.51 6.75 -1.45
C VAL D 532 -50.41 6.98 -2.66
N ALA D 533 -50.00 7.87 -3.57
CA ALA D 533 -50.81 8.12 -4.76
C ALA D 533 -50.89 6.89 -5.65
N SER D 534 -49.79 6.15 -5.77
CA SER D 534 -49.78 4.98 -6.63
C SER D 534 -50.62 3.84 -6.07
N LEU D 535 -50.50 3.58 -4.76
CA LEU D 535 -51.14 2.40 -4.20
C LEU D 535 -52.59 2.67 -3.82
N PHE D 536 -52.86 3.81 -3.18
CA PHE D 536 -54.18 4.10 -2.64
C PHE D 536 -54.88 5.27 -3.35
N GLY D 537 -54.40 5.65 -4.53
CA GLY D 537 -54.95 6.82 -5.20
C GLY D 537 -56.25 6.61 -5.93
N GLU D 538 -56.65 5.36 -6.15
CA GLU D 538 -57.87 5.05 -6.89
C GLU D 538 -59.08 4.85 -5.97
N ASP D 539 -58.90 4.95 -4.67
CA ASP D 539 -59.99 4.73 -3.71
C ASP D 539 -60.47 6.06 -3.16
N ASP D 540 -61.77 6.31 -3.27
CA ASP D 540 -62.34 7.54 -2.73
C ASP D 540 -62.41 7.54 -1.22
N LYS D 541 -62.36 6.35 -0.59
CA LYS D 541 -62.46 6.28 0.86
C LYS D 541 -61.26 6.91 1.54
N TYR D 542 -60.06 6.66 1.01
CA TYR D 542 -58.82 7.00 1.70
C TYR D 542 -58.23 8.33 1.23
N VAL D 543 -57.99 8.47 -0.06
CA VAL D 543 -57.27 9.60 -0.62
C VAL D 543 -58.27 10.55 -1.26
N ASN D 544 -58.24 11.81 -0.82
CA ASN D 544 -59.10 12.85 -1.37
C ASN D 544 -58.33 13.99 -2.02
N ILE D 545 -57.01 13.88 -2.10
CA ILE D 545 -56.17 14.91 -2.69
C ILE D 545 -54.99 14.24 -3.37
N LEU D 546 -54.61 14.74 -4.53
CA LEU D 546 -53.57 14.10 -5.33
C LEU D 546 -52.53 15.12 -5.77
N PRO D 547 -51.26 14.71 -5.88
CA PRO D 547 -50.22 15.65 -6.29
C PRO D 547 -50.32 16.01 -7.76
N PHE D 548 -49.78 17.19 -8.09
CA PHE D 548 -49.91 17.76 -9.42
C PHE D 548 -48.98 17.12 -10.44
N TRP D 549 -48.04 16.28 -10.02
CA TRP D 549 -47.08 15.69 -10.95
C TRP D 549 -47.58 14.37 -11.55
N LEU D 550 -48.77 13.91 -11.19
CA LEU D 550 -49.26 12.64 -11.69
C LEU D 550 -49.39 12.58 -13.21
N PRO D 551 -49.96 13.58 -13.90
CA PRO D 551 -50.06 13.48 -15.36
C PRO D 551 -48.73 13.34 -16.08
N ASP D 552 -47.66 13.92 -15.54
CA ASP D 552 -46.36 13.88 -16.20
C ASP D 552 -45.74 12.49 -16.20
N LEU D 553 -46.26 11.55 -15.41
CA LEU D 553 -45.68 10.22 -15.36
C LEU D 553 -45.91 9.44 -16.64
N GLU D 554 -47.06 9.65 -17.30
CA GLU D 554 -47.39 8.89 -18.49
C GLU D 554 -46.62 9.35 -19.72
N THR D 555 -46.32 10.65 -19.81
CA THR D 555 -45.63 11.18 -20.99
C THR D 555 -44.18 10.72 -21.03
N ASP D 556 -43.62 10.74 -22.24
CA ASP D 556 -42.20 10.48 -22.42
C ASP D 556 -41.42 11.73 -21.99
N ILE D 557 -40.53 11.57 -21.02
CA ILE D 557 -39.87 12.70 -20.39
C ILE D 557 -38.53 12.97 -21.06
N ARG D 558 -38.23 12.23 -22.12
CA ARG D 558 -36.99 12.47 -22.86
C ARG D 558 -37.09 13.75 -23.68
N LYS D 559 -35.97 14.46 -23.77
CA LYS D 559 -35.91 15.75 -24.42
C LYS D 559 -34.76 15.76 -25.43
N ASN D 560 -34.96 16.48 -26.53
CA ASN D 560 -33.90 16.68 -27.49
C ASN D 560 -33.00 17.83 -27.05
N PRO D 561 -31.72 17.82 -27.46
CA PRO D 561 -30.83 18.92 -27.09
C PRO D 561 -31.29 20.28 -27.60
N GLN D 562 -31.94 20.34 -28.77
CA GLN D 562 -32.37 21.63 -29.32
C GLN D 562 -33.50 22.23 -28.49
N GLU D 563 -34.50 21.42 -28.16
CA GLU D 563 -35.60 21.90 -27.31
C GLU D 563 -35.09 22.30 -25.94
N ALA D 564 -34.16 21.52 -25.38
CA ALA D 564 -33.57 21.86 -24.09
C ALA D 564 -32.83 23.18 -24.15
N TYR D 565 -32.09 23.41 -25.24
CA TYR D 565 -31.39 24.69 -25.40
C TYR D 565 -32.38 25.85 -25.49
N GLU D 566 -33.46 25.68 -26.25
CA GLU D 566 -34.45 26.76 -26.37
C GLU D 566 -35.09 27.06 -25.01
N GLU D 567 -35.45 26.01 -24.26
CA GLU D 567 -36.05 26.21 -22.94
C GLU D 567 -35.06 26.88 -22.00
N GLU D 568 -33.79 26.49 -22.06
CA GLU D 568 -32.76 27.15 -21.26
C GLU D 568 -32.67 28.63 -21.58
N LYS D 569 -32.70 28.97 -22.87
CA LYS D 569 -32.65 30.38 -23.25
C LYS D 569 -33.84 31.14 -22.70
N LYS D 570 -35.04 30.57 -22.82
CA LYS D 570 -36.23 31.25 -22.30
C LYS D 570 -36.16 31.44 -20.80
N THR D 571 -35.74 30.39 -20.07
CA THR D 571 -35.65 30.48 -18.62
C THR D 571 -34.62 31.52 -18.18
N LEU D 572 -33.46 31.54 -18.84
CA LEU D 572 -32.44 32.52 -18.50
C LEU D 572 -32.92 33.93 -18.79
N GLN D 573 -33.62 34.13 -19.91
CA GLN D 573 -34.15 35.46 -20.22
C GLN D 573 -35.16 35.90 -19.18
N LYS D 574 -36.05 34.99 -18.76
CA LYS D 574 -37.03 35.35 -17.74
C LYS D 574 -36.37 35.70 -16.41
N GLN D 575 -35.39 34.89 -15.99
CA GLN D 575 -34.70 35.17 -14.74
C GLN D 575 -33.95 36.50 -14.81
N LYS D 576 -33.29 36.77 -15.93
CA LYS D 576 -32.57 38.03 -16.09
C LYS D 576 -33.52 39.21 -16.03
N SER D 577 -34.67 39.10 -16.71
CA SER D 577 -35.64 40.20 -16.67
C SER D 577 -36.17 40.43 -15.26
N ILE D 578 -36.46 39.34 -14.53
CA ILE D 578 -36.97 39.49 -13.16
C ILE D 578 -35.93 40.16 -12.28
N HIS D 579 -34.66 39.72 -12.39
CA HIS D 579 -33.60 40.30 -11.57
C HIS D 579 -33.39 41.77 -11.92
N ASP D 580 -33.40 42.11 -13.22
CA ASP D 580 -33.21 43.50 -13.61
C ASP D 580 -34.35 44.38 -13.13
N LYS D 581 -35.59 43.89 -13.21
CA LYS D 581 -36.71 44.67 -12.70
C LYS D 581 -36.60 44.88 -11.20
N LEU D 582 -36.23 43.83 -10.46
CA LEU D 582 -36.08 43.93 -9.02
C LEU D 582 -35.01 44.95 -8.65
N ASP D 583 -33.86 44.89 -9.32
CA ASP D 583 -32.79 45.86 -9.05
C ASP D 583 -33.19 47.26 -9.45
N ASN D 584 -33.94 47.40 -10.55
CA ASN D 584 -34.38 48.71 -11.01
C ASN D 584 -35.30 49.37 -9.99
N MET D 585 -36.27 48.64 -9.47
CA MET D 585 -37.24 49.23 -8.57
C MET D 585 -36.89 49.08 -7.10
N ARG D 586 -35.76 48.45 -6.78
CA ARG D 586 -35.39 48.27 -5.38
C ARG D 586 -34.67 49.49 -4.80
N ARG D 587 -33.52 49.84 -5.37
CA ARG D 587 -32.70 50.92 -4.83
C ARG D 587 -32.76 52.20 -5.65
N LEU D 588 -32.95 52.09 -6.97
CA LEU D 588 -33.01 53.29 -7.80
C LEU D 588 -34.20 54.16 -7.44
N SER D 589 -35.35 53.55 -7.18
CA SER D 589 -36.53 54.28 -6.74
C SER D 589 -36.68 54.32 -5.23
N LYS D 590 -35.69 53.81 -4.49
CA LYS D 590 -35.75 53.83 -3.04
C LYS D 590 -35.70 55.26 -2.51
N ILE D 591 -36.39 55.48 -1.40
CA ILE D 591 -36.43 56.79 -0.78
C ILE D 591 -35.17 57.03 0.05
N VAL D 695 15.79 -13.16 -8.59
CA VAL D 695 15.99 -14.47 -7.99
C VAL D 695 17.09 -14.41 -6.92
N GLU D 696 17.57 -13.20 -6.67
CA GLU D 696 18.61 -12.93 -5.66
C GLU D 696 19.83 -13.81 -5.91
N ALA D 697 20.45 -13.59 -7.07
CA ALA D 697 21.65 -14.35 -7.43
C ALA D 697 22.87 -13.95 -6.61
N LYS D 698 22.82 -12.78 -5.95
CA LYS D 698 23.98 -12.30 -5.20
C LYS D 698 24.32 -13.26 -4.06
N VAL D 699 23.30 -13.77 -3.37
CA VAL D 699 23.53 -14.74 -2.30
C VAL D 699 24.16 -16.01 -2.87
N TRP D 700 23.72 -16.42 -4.06
CA TRP D 700 24.31 -17.59 -4.72
C TRP D 700 25.79 -17.37 -4.99
N LEU D 701 26.13 -16.20 -5.54
CA LEU D 701 27.53 -15.89 -5.81
C LEU D 701 28.35 -15.86 -4.52
N ALA D 702 27.79 -15.28 -3.46
CA ALA D 702 28.50 -15.22 -2.19
C ALA D 702 28.76 -16.62 -1.64
N ASN D 703 27.77 -17.51 -1.75
CA ASN D 703 27.98 -18.89 -1.32
C ASN D 703 29.06 -19.58 -2.14
N GLU D 704 29.06 -19.37 -3.46
CA GLU D 704 30.09 -19.95 -4.31
C GLU D 704 31.48 -19.45 -3.90
N ARG D 705 31.61 -18.15 -3.66
CA ARG D 705 32.91 -17.59 -3.30
C ARG D 705 33.37 -18.10 -1.94
N THR D 706 32.45 -18.25 -0.98
CA THR D 706 32.82 -18.81 0.31
C THR D 706 33.31 -20.25 0.16
N PHE D 707 32.64 -21.04 -0.67
CA PHE D 707 33.11 -22.40 -0.92
C PHE D 707 34.49 -22.40 -1.56
N ASN D 708 34.74 -21.47 -2.48
CA ASN D 708 36.06 -21.38 -3.10
C ASN D 708 37.13 -21.06 -2.05
N ARG D 709 36.85 -20.13 -1.14
CA ARG D 709 37.82 -19.80 -0.11
C ARG D 709 38.09 -20.99 0.81
N TRP D 710 37.04 -21.73 1.17
CA TRP D 710 37.24 -22.93 1.97
C TRP D 710 38.11 -23.94 1.24
N LEU D 711 37.89 -24.10 -0.06
CA LEU D 711 38.72 -25.01 -0.85
C LEU D 711 40.17 -24.55 -0.87
N SER D 712 40.41 -23.24 -0.98
CA SER D 712 41.78 -22.73 -0.97
C SER D 712 42.48 -23.04 0.35
N VAL D 713 41.77 -22.84 1.47
CA VAL D 713 42.35 -23.18 2.77
C VAL D 713 42.68 -24.66 2.83
N THR D 714 41.78 -25.50 2.30
CA THR D 714 42.04 -26.94 2.30
C THR D 714 43.28 -27.28 1.48
N THR D 715 43.44 -26.65 0.31
CA THR D 715 44.63 -26.91 -0.51
C THR D 715 45.89 -26.54 0.24
N LEU D 716 45.90 -25.36 0.89
CA LEU D 716 47.10 -24.93 1.60
C LEU D 716 47.43 -25.89 2.75
N LEU D 717 46.41 -26.32 3.50
CA LEU D 717 46.65 -27.25 4.60
C LEU D 717 47.18 -28.58 4.09
N SER D 718 46.63 -29.09 2.98
CA SER D 718 47.12 -30.35 2.43
C SER D 718 48.57 -30.22 1.97
N VAL D 719 48.91 -29.10 1.34
CA VAL D 719 50.28 -28.89 0.87
C VAL D 719 51.24 -28.90 2.04
N LEU D 720 50.90 -28.16 3.11
CA LEU D 720 51.76 -28.16 4.29
C LEU D 720 51.87 -29.55 4.91
N THR D 721 50.74 -30.27 4.99
CA THR D 721 50.74 -31.61 5.58
C THR D 721 51.69 -32.53 4.83
N PHE D 722 51.57 -32.59 3.51
CA PHE D 722 52.40 -33.51 2.75
C PHE D 722 53.86 -33.07 2.71
N SER D 723 54.11 -31.75 2.68
CA SER D 723 55.49 -31.27 2.74
C SER D 723 56.16 -31.68 4.04
N ILE D 724 55.44 -31.59 5.16
CA ILE D 724 56.02 -32.01 6.43
C ILE D 724 56.16 -33.53 6.47
N TYR D 725 55.18 -34.27 5.94
CA TYR D 725 55.19 -35.72 6.09
C TYR D 725 56.27 -36.38 5.25
N ASN D 726 56.45 -35.96 4.00
CA ASN D 726 57.37 -36.62 3.10
C ASN D 726 58.82 -36.22 3.32
N SER D 727 59.15 -35.63 4.46
CA SER D 727 60.52 -35.26 4.80
C SER D 727 60.83 -35.58 6.26
N VAL D 728 60.19 -36.62 6.80
CA VAL D 728 60.35 -36.95 8.21
C VAL D 728 61.75 -37.48 8.50
N GLN D 729 62.35 -38.21 7.54
CA GLN D 729 63.63 -38.86 7.80
C GLN D 729 64.76 -37.86 8.05
N LYS D 730 64.60 -36.62 7.58
CA LYS D 730 65.60 -35.59 7.77
C LYS D 730 65.31 -34.70 8.98
N ALA D 731 64.24 -34.99 9.72
CA ALA D 731 63.89 -34.17 10.87
C ALA D 731 64.83 -34.44 12.03
N GLU D 732 65.14 -33.38 12.78
CA GLU D 732 65.95 -33.53 13.98
C GLU D 732 65.24 -34.36 15.04
N PHE D 733 63.91 -34.40 15.03
CA PHE D 733 63.11 -35.19 15.95
C PHE D 733 62.09 -35.98 15.15
N PRO D 734 62.52 -37.06 14.48
CA PRO D 734 61.57 -37.83 13.65
C PRO D 734 60.41 -38.41 14.44
N GLN D 735 60.58 -38.64 15.74
CA GLN D 735 59.49 -39.13 16.57
C GLN D 735 58.41 -38.09 16.81
N LEU D 736 58.66 -36.82 16.43
CA LEU D 736 57.67 -35.76 16.57
C LEU D 736 57.02 -35.39 15.25
N ALA D 737 57.73 -35.51 14.13
CA ALA D 737 57.17 -35.13 12.84
C ALA D 737 56.10 -36.09 12.34
N ASP D 738 55.94 -37.25 12.99
CA ASP D 738 54.92 -38.22 12.59
C ASP D 738 53.55 -37.93 13.19
N LEU D 739 53.47 -37.00 14.13
CA LEU D 739 52.20 -36.60 14.74
C LEU D 739 51.62 -35.34 14.10
N LEU D 740 52.47 -34.38 13.75
CA LEU D 740 52.01 -33.17 13.08
C LEU D 740 51.38 -33.50 11.74
N ALA D 741 51.99 -34.43 10.99
CA ALA D 741 51.42 -34.85 9.71
C ALA D 741 50.05 -35.49 9.91
N TYR D 742 49.90 -36.33 10.94
CA TYR D 742 48.61 -36.98 11.20
C TYR D 742 47.55 -35.93 11.54
N VAL D 743 47.87 -35.00 12.44
CA VAL D 743 46.87 -34.02 12.83
C VAL D 743 46.53 -33.10 11.67
N TYR D 744 47.50 -32.77 10.81
CA TYR D 744 47.21 -31.90 9.68
C TYR D 744 46.41 -32.62 8.60
N PHE D 745 46.64 -33.93 8.43
CA PHE D 745 45.79 -34.72 7.55
C PHE D 745 44.37 -34.76 8.07
N PHE D 746 44.20 -34.93 9.37
CA PHE D 746 42.86 -34.86 9.96
C PHE D 746 42.23 -33.49 9.73
N LEU D 747 43.02 -32.42 9.87
CA LEU D 747 42.50 -31.07 9.65
C LEU D 747 42.07 -30.85 8.22
N THR D 748 42.85 -31.33 7.25
CA THR D 748 42.45 -31.11 5.86
C THR D 748 41.20 -31.91 5.52
N LEU D 749 41.08 -33.13 6.05
CA LEU D 749 39.85 -33.90 5.84
C LEU D 749 38.66 -33.17 6.46
N PHE D 750 38.83 -32.68 7.69
CA PHE D 750 37.74 -31.98 8.36
C PHE D 750 37.34 -30.72 7.62
N CYS D 751 38.33 -29.97 7.12
CA CYS D 751 38.03 -28.76 6.37
C CYS D 751 37.25 -29.07 5.11
N GLY D 752 37.67 -30.09 4.36
CA GLY D 752 36.92 -30.44 3.16
C GLY D 752 35.50 -30.88 3.46
N VAL D 753 35.33 -31.74 4.46
CA VAL D 753 34.00 -32.24 4.81
C VAL D 753 33.11 -31.10 5.28
N TRP D 754 33.63 -30.24 6.16
CA TRP D 754 32.84 -29.13 6.67
C TRP D 754 32.48 -28.14 5.57
N ALA D 755 33.41 -27.86 4.66
CA ALA D 755 33.12 -26.97 3.54
C ALA D 755 31.98 -27.53 2.71
N TYR D 756 32.04 -28.81 2.36
CA TYR D 756 30.98 -29.39 1.55
C TYR D 756 29.64 -29.37 2.28
N ARG D 757 29.63 -29.77 3.56
CA ARG D 757 28.38 -29.85 4.30
C ARG D 757 27.75 -28.47 4.50
N THR D 758 28.56 -27.47 4.85
CA THR D 758 28.05 -26.12 5.02
C THR D 758 27.55 -25.56 3.69
N TYR D 759 28.26 -25.84 2.59
CA TYR D 759 27.80 -25.39 1.29
C TYR D 759 26.43 -25.99 0.97
N LEU D 760 26.26 -27.29 1.20
CA LEU D 760 24.99 -27.93 0.89
C LEU D 760 23.87 -27.38 1.77
N LYS D 761 24.13 -27.21 3.06
CA LYS D 761 23.10 -26.69 3.95
C LYS D 761 22.69 -25.27 3.58
N ARG D 762 23.67 -24.42 3.26
CA ARG D 762 23.34 -23.05 2.90
C ARG D 762 22.67 -22.98 1.54
N LEU D 763 23.00 -23.89 0.62
CA LEU D 763 22.27 -23.95 -0.64
C LEU D 763 20.83 -24.36 -0.41
N THR D 764 20.59 -25.29 0.52
CA THR D 764 19.22 -25.65 0.88
C THR D 764 18.47 -24.45 1.45
N LEU D 765 19.12 -23.69 2.34
CA LEU D 765 18.47 -22.52 2.92
C LEU D 765 18.17 -21.46 1.87
N ILE D 766 19.11 -21.22 0.94
CA ILE D 766 18.91 -20.20 -0.09
C ILE D 766 17.76 -20.58 -1.01
N LYS D 767 17.68 -21.85 -1.41
CA LYS D 767 16.54 -22.31 -2.20
C LYS D 767 15.28 -22.24 -1.34
N GLY D 768 14.24 -21.64 -1.89
CA GLY D 768 13.10 -21.26 -1.06
C GLY D 768 13.46 -20.05 -0.22
N ARG D 769 12.67 -19.85 0.83
CA ARG D 769 12.89 -18.72 1.75
C ARG D 769 12.65 -19.22 3.16
N SER D 770 13.72 -19.50 3.89
CA SER D 770 13.61 -20.02 5.25
C SER D 770 14.93 -19.77 5.98
N GLY D 771 14.99 -20.20 7.22
CA GLY D 771 16.19 -20.06 8.02
C GLY D 771 16.29 -18.71 8.71
N LYS D 772 16.55 -18.74 10.02
CA LYS D 772 16.69 -17.48 10.76
C LYS D 772 17.94 -16.74 10.36
N HIS D 773 19.07 -17.44 10.23
CA HIS D 773 20.35 -16.81 9.92
C HIS D 773 21.16 -17.73 9.02
N LEU D 774 22.04 -17.12 8.25
CA LEU D 774 22.95 -17.86 7.36
C LEU D 774 24.36 -17.81 7.96
N ASP D 775 24.64 -18.76 8.85
CA ASP D 775 25.96 -18.81 9.47
C ASP D 775 26.24 -20.22 9.98
N ALA D 776 27.52 -20.50 10.19
CA ALA D 776 27.96 -21.79 10.70
C ALA D 776 29.28 -21.61 11.43
N PRO D 777 29.24 -21.06 12.65
CA PRO D 777 30.47 -20.69 13.35
C PRO D 777 31.23 -21.86 13.97
N VAL D 778 30.73 -23.08 13.88
CA VAL D 778 31.37 -24.20 14.58
C VAL D 778 32.72 -24.52 13.95
N GLY D 779 32.75 -24.68 12.63
CA GLY D 779 33.96 -25.05 11.92
C GLY D 779 35.09 -24.04 12.02
N PRO D 780 34.78 -22.75 11.77
CA PRO D 780 35.81 -21.72 11.94
C PRO D 780 36.40 -21.64 13.33
N ILE D 781 35.66 -22.06 14.36
CA ILE D 781 36.20 -22.05 15.71
C ILE D 781 37.00 -23.32 16.00
N LEU D 782 36.47 -24.49 15.60
CA LEU D 782 37.18 -25.74 15.85
C LEU D 782 38.51 -25.78 15.12
N VAL D 783 38.55 -25.33 13.86
CA VAL D 783 39.80 -25.37 13.10
C VAL D 783 40.87 -24.53 13.80
N ALA D 784 40.50 -23.31 14.21
CA ALA D 784 41.45 -22.44 14.89
C ALA D 784 41.90 -23.02 16.22
N VAL D 785 40.97 -23.60 16.98
CA VAL D 785 41.33 -24.18 18.28
C VAL D 785 42.31 -25.34 18.08
N VAL D 786 42.04 -26.21 17.11
CA VAL D 786 42.92 -27.35 16.88
C VAL D 786 44.30 -26.88 16.41
N LEU D 787 44.33 -25.85 15.56
CA LEU D 787 45.62 -25.32 15.14
C LEU D 787 46.41 -24.75 16.31
N ILE D 788 45.73 -24.03 17.22
CA ILE D 788 46.39 -23.53 18.42
C ILE D 788 46.96 -24.67 19.24
N VAL D 789 46.15 -25.72 19.44
CA VAL D 789 46.59 -26.85 20.25
C VAL D 789 47.80 -27.53 19.62
N THR D 790 47.75 -27.75 18.30
CA THR D 790 48.84 -28.42 17.62
C THR D 790 50.12 -27.60 17.69
N LEU D 791 50.03 -26.28 17.45
CA LEU D 791 51.23 -25.45 17.51
C LEU D 791 51.83 -25.42 18.91
N VAL D 792 50.97 -25.28 19.93
CA VAL D 792 51.47 -25.23 21.31
C VAL D 792 52.12 -26.56 21.69
N VAL D 793 51.48 -27.67 21.33
CA VAL D 793 52.03 -28.99 21.65
C VAL D 793 53.37 -29.19 20.95
N ASN D 794 53.45 -28.80 19.67
CA ASN D 794 54.71 -28.94 18.95
C ASN D 794 55.82 -28.13 19.60
N PHE D 795 55.53 -26.88 19.95
CA PHE D 795 56.54 -26.04 20.60
C PHE D 795 56.98 -26.64 21.93
N SER D 796 56.01 -27.07 22.75
CA SER D 796 56.34 -27.59 24.07
C SER D 796 57.16 -28.87 23.98
N VAL D 797 56.78 -29.78 23.07
CA VAL D 797 57.52 -31.03 22.94
C VAL D 797 58.91 -30.77 22.38
N ALA D 798 59.03 -29.88 21.39
CA ALA D 798 60.34 -29.59 20.82
C ALA D 798 61.28 -29.02 21.86
N PHE D 799 60.81 -28.07 22.68
CA PHE D 799 61.69 -27.49 23.67
C PHE D 799 61.81 -28.33 24.94
N LYS D 800 60.95 -29.33 25.13
CA LYS D 800 61.18 -30.30 26.20
C LYS D 800 62.25 -31.30 25.80
N GLU D 801 62.26 -31.71 24.53
CA GLU D 801 63.27 -32.65 24.05
C GLU D 801 64.58 -31.97 23.67
N ALA D 802 64.58 -30.65 23.50
CA ALA D 802 65.83 -29.95 23.22
C ALA D 802 66.75 -29.88 24.44
N ALA D 803 66.22 -30.11 25.64
CA ALA D 803 67.04 -30.11 26.84
C ALA D 803 67.61 -31.49 27.15
N ARG D 804 66.83 -32.55 26.89
CA ARG D 804 67.30 -33.90 27.18
C ARG D 804 68.46 -34.29 26.28
N ARG D 805 68.48 -33.78 25.04
CA ARG D 805 69.55 -34.11 24.10
C ARG D 805 70.86 -33.41 24.42
N GLU D 806 70.82 -32.27 25.10
CA GLU D 806 72.03 -31.54 25.47
C GLU D 806 72.53 -31.88 26.86
N ARG D 807 71.94 -32.87 27.51
CA ARG D 807 72.38 -33.33 28.83
C ARG D 807 73.19 -34.61 28.64
N GLY D 808 74.43 -34.59 29.12
CA GLY D 808 75.29 -35.76 28.98
C GLY D 808 75.63 -36.13 27.55
N LEU D 809 75.92 -35.13 26.71
CA LEU D 809 76.25 -35.40 25.31
C LEU D 809 77.76 -35.52 25.13
N PRO D 816 79.52 -24.42 22.70
CA PRO D 816 79.65 -25.39 21.61
C PRO D 816 78.79 -25.02 20.39
N SER D 817 77.47 -25.16 20.52
CA SER D 817 76.55 -24.84 19.45
C SER D 817 75.85 -23.50 19.63
N LEU D 818 75.72 -23.03 20.88
CA LEU D 818 74.98 -21.80 21.10
C LEU D 818 75.92 -20.62 21.31
N PRO D 819 75.54 -19.44 20.83
CA PRO D 819 76.34 -18.25 21.11
C PRO D 819 76.31 -17.90 22.59
N ARG D 820 77.36 -17.24 23.05
CA ARG D 820 77.44 -16.85 24.46
C ARG D 820 76.33 -15.87 24.82
N THR D 821 76.08 -14.89 23.95
CA THR D 821 75.08 -13.86 24.25
C THR D 821 73.68 -14.46 24.39
N LEU D 822 73.41 -15.56 23.71
CA LEU D 822 72.11 -16.22 23.79
C LEU D 822 72.07 -17.30 24.87
N LYS D 823 73.15 -17.48 25.63
CA LYS D 823 73.16 -18.51 26.65
C LYS D 823 72.09 -18.32 27.72
N PRO D 824 71.94 -17.14 28.34
CA PRO D 824 70.90 -17.01 29.38
C PRO D 824 69.49 -17.23 28.86
N ILE D 825 69.20 -16.83 27.62
CA ILE D 825 67.83 -16.86 27.11
C ILE D 825 67.27 -18.27 27.17
N GLN D 826 68.05 -19.25 26.69
CA GLN D 826 67.61 -20.64 26.74
C GLN D 826 67.33 -21.06 28.17
N ASP D 827 68.18 -20.65 29.11
CA ASP D 827 67.98 -20.99 30.51
C ASP D 827 66.64 -20.47 31.04
N PHE D 828 66.06 -19.47 30.40
CA PHE D 828 64.71 -19.07 30.73
C PHE D 828 63.69 -20.08 30.25
N ILE D 829 63.72 -20.40 28.94
CA ILE D 829 62.75 -21.35 28.38
C ILE D 829 62.93 -22.71 29.03
N PHE D 830 64.17 -23.16 29.20
CA PHE D 830 64.41 -24.43 29.87
C PHE D 830 63.85 -24.44 31.28
N ASN D 831 63.80 -23.27 31.93
CA ASN D 831 63.15 -23.18 33.23
C ASN D 831 61.63 -23.16 33.09
N LEU D 832 61.12 -22.49 32.04
CA LEU D 832 59.68 -22.47 31.80
C LEU D 832 59.16 -23.87 31.46
N VAL D 833 59.89 -24.60 30.61
CA VAL D 833 59.48 -25.95 30.25
C VAL D 833 59.59 -26.88 31.46
N GLY D 834 60.67 -26.78 32.21
CA GLY D 834 60.88 -27.64 33.36
C GLY D 834 62.03 -28.61 33.17
N GLU D 835 62.81 -28.40 32.12
CA GLU D 835 63.96 -29.25 31.80
C GLU D 835 63.56 -30.72 31.65
N MET E 1 -0.66 22.04 -14.15
CA MET E 1 -1.97 22.63 -13.93
C MET E 1 -2.85 22.40 -15.16
N LYS E 2 -2.20 22.20 -16.31
CA LYS E 2 -2.91 22.02 -17.56
C LYS E 2 -3.72 20.72 -17.54
N PHE E 3 -4.86 20.73 -18.23
CA PHE E 3 -5.72 19.54 -18.26
C PHE E 3 -5.02 18.37 -18.93
N GLY E 4 -4.29 18.62 -20.02
CA GLY E 4 -3.50 17.57 -20.64
C GLY E 4 -2.41 17.06 -19.73
N GLU E 5 -1.82 17.94 -18.91
CA GLU E 5 -0.79 17.53 -17.97
C GLU E 5 -1.34 16.54 -16.96
N HIS E 6 -2.54 16.80 -16.43
CA HIS E 6 -3.17 15.84 -15.52
C HIS E 6 -3.64 14.59 -16.24
N LEU E 7 -4.05 14.73 -17.50
CA LEU E 7 -4.44 13.56 -18.28
C LEU E 7 -3.27 12.61 -18.49
N SER E 8 -2.05 13.15 -18.65
CA SER E 8 -0.90 12.32 -18.96
C SER E 8 -0.59 11.32 -17.83
N LYS E 9 -0.64 11.78 -16.58
CA LYS E 9 -0.28 10.95 -15.45
C LYS E 9 -1.48 10.30 -14.77
N SER E 10 -2.67 10.44 -15.36
CA SER E 10 -3.86 9.81 -14.78
C SER E 10 -3.75 8.29 -14.80
N LEU E 11 -3.26 7.73 -15.91
CA LEU E 11 -3.15 6.28 -16.05
C LEU E 11 -1.76 5.88 -16.53
N ILE E 12 -1.57 4.60 -16.85
CA ILE E 12 -0.28 4.11 -17.32
C ILE E 12 -0.07 4.53 -18.77
N ARG E 13 1.15 4.35 -19.27
CA ARG E 13 1.51 4.87 -20.58
C ARG E 13 0.79 4.14 -21.72
N GLN E 14 0.41 2.88 -21.50
CA GLN E 14 -0.26 2.13 -22.57
C GLN E 14 -1.61 2.74 -22.92
N TYR E 15 -2.24 3.43 -21.97
CA TYR E 15 -3.50 4.13 -22.24
C TYR E 15 -3.29 5.52 -22.82
N SER E 16 -2.06 6.04 -22.79
CA SER E 16 -1.77 7.33 -23.39
C SER E 16 -1.69 7.19 -24.91
N TYR E 17 -1.48 8.33 -25.57
CA TYR E 17 -1.48 8.48 -27.03
C TYR E 17 -2.85 8.25 -27.63
N TYR E 18 -3.85 7.87 -26.83
CA TYR E 18 -5.21 7.69 -27.29
C TYR E 18 -6.19 8.67 -26.67
N TYR E 19 -5.76 9.45 -25.69
CA TYR E 19 -6.59 10.46 -25.07
C TYR E 19 -6.94 11.56 -26.07
N ILE E 20 -7.95 12.36 -25.73
CA ILE E 20 -8.28 13.52 -26.54
C ILE E 20 -7.10 14.49 -26.53
N SER E 21 -6.81 15.05 -27.71
CA SER E 21 -5.73 16.03 -27.84
C SER E 21 -6.27 17.41 -27.43
N TYR E 22 -6.52 17.53 -26.13
CA TYR E 22 -7.09 18.77 -25.59
C TYR E 22 -6.14 19.94 -25.80
N ASP E 23 -4.84 19.74 -25.52
CA ASP E 23 -3.88 20.81 -25.67
C ASP E 23 -3.74 21.24 -27.11
N ASP E 24 -3.69 20.28 -28.04
CA ASP E 24 -3.53 20.60 -29.45
C ASP E 24 -4.74 21.40 -29.96
N LEU E 25 -5.95 20.95 -29.61
CA LEU E 25 -7.15 21.65 -30.05
C LEU E 25 -7.23 23.04 -29.45
N LYS E 26 -6.88 23.18 -28.18
CA LYS E 26 -6.90 24.48 -27.53
C LYS E 26 -5.93 25.44 -28.19
N THR E 27 -4.70 24.97 -28.46
CA THR E 27 -3.71 25.82 -29.11
C THR E 27 -4.13 26.19 -30.53
N GLU E 28 -4.71 25.24 -31.28
CA GLU E 28 -5.18 25.56 -32.61
C GLU E 28 -6.27 26.63 -32.57
N LEU E 29 -7.23 26.48 -31.64
CA LEU E 29 -8.30 27.45 -31.52
C LEU E 29 -7.75 28.84 -31.20
N GLU E 30 -6.87 28.91 -30.21
CA GLU E 30 -6.32 30.21 -29.81
C GLU E 30 -5.49 30.83 -30.93
N ASP E 31 -4.69 30.02 -31.62
CA ASP E 31 -3.85 30.55 -32.70
C ASP E 31 -4.69 31.06 -33.85
N ASN E 32 -5.71 30.31 -34.25
CA ASN E 32 -6.56 30.77 -35.35
C ASN E 32 -7.32 32.04 -34.97
N LEU E 33 -7.82 32.10 -33.73
CA LEU E 33 -8.52 33.30 -33.29
C LEU E 33 -7.59 34.50 -33.27
N SER E 34 -6.34 34.31 -32.82
CA SER E 34 -5.38 35.41 -32.82
C SER E 34 -5.04 35.86 -34.24
N LYS E 35 -4.82 34.90 -35.14
CA LYS E 35 -4.45 35.27 -36.51
C LYS E 35 -5.58 36.00 -37.22
N ASN E 36 -6.81 35.53 -37.07
CA ASN E 36 -7.93 36.21 -37.71
C ASN E 36 -8.48 37.38 -36.89
N ASN E 37 -7.96 37.60 -35.69
CA ASN E 37 -8.40 38.68 -34.80
C ASN E 37 -9.92 38.61 -34.60
N GLY E 38 -10.36 37.50 -34.01
CA GLY E 38 -11.77 37.27 -33.90
C GLY E 38 -12.35 36.92 -35.27
N GLN E 39 -13.66 37.17 -35.40
CA GLN E 39 -14.37 36.99 -36.66
C GLN E 39 -14.21 35.55 -37.18
N TRP E 40 -14.75 34.61 -36.40
CA TRP E 40 -14.66 33.20 -36.75
C TRP E 40 -15.26 32.92 -38.12
N THR E 41 -14.58 32.11 -38.91
CA THR E 41 -14.98 31.78 -40.27
C THR E 41 -15.54 30.36 -40.31
N GLN E 42 -16.49 30.14 -41.22
CA GLN E 42 -17.16 28.84 -41.31
C GLN E 42 -16.17 27.72 -41.61
N GLU E 43 -15.15 27.99 -42.43
CA GLU E 43 -14.17 26.96 -42.73
C GLU E 43 -13.33 26.60 -41.51
N LEU E 44 -13.05 27.58 -40.65
CA LEU E 44 -12.36 27.28 -39.39
C LEU E 44 -13.20 26.36 -38.52
N GLU E 45 -14.51 26.62 -38.45
CA GLU E 45 -15.40 25.73 -37.71
C GLU E 45 -15.45 24.35 -38.34
N THR E 46 -15.42 24.28 -39.67
CA THR E 46 -15.42 22.99 -40.35
C THR E 46 -14.18 22.18 -40.01
N ASP E 47 -13.01 22.82 -40.01
CA ASP E 47 -11.79 22.12 -39.63
C ASP E 47 -11.83 21.70 -38.16
N PHE E 48 -12.36 22.57 -37.30
CA PHE E 48 -12.51 22.22 -35.89
C PHE E 48 -13.38 20.98 -35.73
N LEU E 49 -14.50 20.93 -36.44
CA LEU E 49 -15.39 19.77 -36.37
C LEU E 49 -14.72 18.52 -36.94
N GLU E 50 -13.94 18.67 -38.01
CA GLU E 50 -13.25 17.50 -38.57
C GLU E 50 -12.24 16.94 -37.57
N SER E 51 -11.48 17.80 -36.91
CA SER E 51 -10.53 17.33 -35.90
C SER E 51 -11.27 16.68 -34.73
N LEU E 52 -12.37 17.28 -34.28
CA LEU E 52 -13.15 16.70 -33.21
C LEU E 52 -13.69 15.33 -33.61
N GLU E 53 -14.15 15.21 -34.85
CA GLU E 53 -14.70 13.93 -35.32
C GLU E 53 -13.64 12.85 -35.38
N ILE E 54 -12.44 13.18 -35.86
CA ILE E 54 -11.41 12.14 -35.93
C ILE E 54 -10.97 11.73 -34.53
N GLU E 55 -10.86 12.69 -33.60
CA GLU E 55 -10.53 12.34 -32.23
C GLU E 55 -11.60 11.46 -31.61
N LEU E 56 -12.87 11.80 -31.83
CA LEU E 56 -13.98 11.00 -31.30
C LEU E 56 -13.95 9.59 -31.88
N ASP E 57 -13.69 9.46 -33.18
CA ASP E 57 -13.64 8.14 -33.79
C ASP E 57 -12.51 7.30 -33.21
N LYS E 58 -11.33 7.91 -33.02
CA LYS E 58 -10.22 7.17 -32.43
C LYS E 58 -10.57 6.68 -31.02
N VAL E 59 -11.13 7.58 -30.19
CA VAL E 59 -11.47 7.20 -28.82
C VAL E 59 -12.52 6.09 -28.82
N TYR E 60 -13.53 6.22 -29.68
CA TYR E 60 -14.59 5.20 -29.73
C TYR E 60 -14.05 3.85 -30.17
N THR E 61 -13.16 3.84 -31.17
CA THR E 61 -12.60 2.56 -31.62
C THR E 61 -11.75 1.91 -30.54
N PHE E 62 -10.93 2.70 -29.85
CA PHE E 62 -10.14 2.14 -28.76
C PHE E 62 -11.02 1.58 -27.66
N CYS E 63 -12.07 2.32 -27.28
CA CYS E 63 -12.97 1.84 -26.24
C CYS E 63 -13.67 0.55 -26.66
N LYS E 64 -14.10 0.47 -27.92
CA LYS E 64 -14.76 -0.75 -28.39
C LYS E 64 -13.82 -1.94 -28.36
N VAL E 65 -12.58 -1.76 -28.80
CA VAL E 65 -11.61 -2.85 -28.77
C VAL E 65 -11.37 -3.30 -27.34
N LYS E 66 -11.17 -2.36 -26.43
CA LYS E 66 -10.91 -2.71 -25.04
C LYS E 66 -12.10 -3.42 -24.41
N HIS E 67 -13.32 -2.96 -24.70
CA HIS E 67 -14.51 -3.60 -24.16
C HIS E 67 -14.64 -5.03 -24.65
N SER E 68 -14.41 -5.27 -25.95
CA SER E 68 -14.47 -6.62 -26.48
C SER E 68 -13.42 -7.51 -25.82
N GLU E 69 -12.20 -7.00 -25.66
CA GLU E 69 -11.14 -7.78 -25.02
C GLU E 69 -11.52 -8.15 -23.58
N VAL E 70 -12.04 -7.18 -22.83
CA VAL E 70 -12.38 -7.42 -21.43
C VAL E 70 -13.48 -8.45 -21.32
N PHE E 71 -14.52 -8.34 -22.16
CA PHE E 71 -15.62 -9.29 -22.11
C PHE E 71 -15.16 -10.69 -22.49
N ARG E 72 -14.31 -10.80 -23.51
CA ARG E 72 -13.80 -12.11 -23.89
C ARG E 72 -12.98 -12.74 -22.77
N ARG E 73 -12.12 -11.95 -22.11
CA ARG E 73 -11.34 -12.47 -21.01
C ARG E 73 -12.22 -12.93 -19.86
N VAL E 74 -13.27 -12.15 -19.56
CA VAL E 74 -14.17 -12.54 -18.47
C VAL E 74 -14.88 -13.85 -18.80
N LYS E 75 -15.36 -13.99 -20.04
CA LYS E 75 -16.03 -15.24 -20.42
C LYS E 75 -15.09 -16.43 -20.32
N GLU E 76 -13.86 -16.28 -20.83
CA GLU E 76 -12.91 -17.39 -20.79
C GLU E 76 -12.59 -17.78 -19.35
N VAL E 77 -12.36 -16.80 -18.48
CA VAL E 77 -12.01 -17.11 -17.10
C VAL E 77 -13.19 -17.72 -16.37
N GLN E 78 -14.40 -17.26 -16.66
CA GLN E 78 -15.60 -17.84 -16.03
C GLN E 78 -15.75 -19.31 -16.43
N GLU E 79 -15.56 -19.61 -17.73
CA GLU E 79 -15.63 -21.00 -18.17
C GLU E 79 -14.55 -21.85 -17.52
N GLN E 80 -13.33 -21.30 -17.41
CA GLN E 80 -12.23 -22.02 -16.77
C GLN E 80 -12.53 -22.31 -15.30
N VAL E 81 -13.09 -21.32 -14.59
CA VAL E 81 -13.42 -21.51 -13.19
C VAL E 81 -14.52 -22.56 -13.04
N GLN E 82 -15.52 -22.52 -13.91
CA GLN E 82 -16.58 -23.53 -13.86
C GLN E 82 -16.03 -24.92 -14.10
N HIS E 83 -15.12 -25.07 -15.06
CA HIS E 83 -14.51 -26.37 -15.31
C HIS E 83 -13.66 -26.83 -14.12
N THR E 84 -12.92 -25.92 -13.51
CA THR E 84 -12.13 -26.28 -12.33
C THR E 84 -13.03 -26.73 -11.19
N VAL E 85 -14.16 -26.04 -11.00
CA VAL E 85 -15.12 -26.46 -9.97
C VAL E 85 -15.68 -27.84 -10.28
N ARG E 86 -16.01 -28.10 -11.55
CA ARG E 86 -16.48 -29.42 -11.94
C ARG E 86 -15.42 -30.49 -11.68
N LEU E 87 -14.15 -30.14 -11.85
CA LEU E 87 -13.04 -31.07 -11.61
C LEU E 87 -12.60 -31.09 -10.15
N LEU E 88 -13.22 -30.28 -9.28
CA LEU E 88 -12.83 -30.26 -7.88
C LEU E 88 -13.08 -31.61 -7.20
N ASP E 89 -14.22 -32.23 -7.50
CA ASP E 89 -14.56 -33.51 -6.88
C ASP E 89 -13.83 -34.69 -7.51
N SER E 90 -13.11 -34.47 -8.62
CA SER E 90 -12.42 -35.55 -9.31
C SER E 90 -11.10 -35.85 -8.60
N ASN E 91 -10.25 -36.65 -9.24
CA ASN E 91 -9.01 -37.08 -8.64
C ASN E 91 -7.92 -36.02 -8.81
N ASN E 92 -7.18 -35.75 -7.73
CA ASN E 92 -6.04 -34.85 -7.70
C ASN E 92 -6.39 -33.46 -8.25
N PRO E 93 -7.24 -32.70 -7.57
CA PRO E 93 -7.47 -31.31 -7.98
C PRO E 93 -6.43 -30.39 -7.39
N PRO E 94 -5.55 -29.81 -8.22
CA PRO E 94 -4.54 -28.89 -7.68
C PRO E 94 -5.18 -27.66 -7.04
N THR E 95 -4.58 -27.20 -5.95
CA THR E 95 -5.10 -26.06 -5.22
C THR E 95 -4.06 -24.98 -4.94
N GLN E 96 -2.77 -25.27 -5.09
CA GLN E 96 -1.74 -24.32 -4.73
C GLN E 96 -1.30 -23.44 -5.89
N LEU E 97 -1.55 -23.83 -7.13
CA LEU E 97 -1.10 -23.07 -8.29
C LEU E 97 -2.24 -22.60 -9.18
N ASP E 98 -3.17 -23.49 -9.54
CA ASP E 98 -4.24 -23.10 -10.46
C ASP E 98 -5.14 -22.04 -9.85
N PHE E 99 -5.49 -22.20 -8.57
CA PHE E 99 -6.31 -21.18 -7.91
C PHE E 99 -5.58 -19.85 -7.82
N GLU E 100 -4.28 -19.88 -7.57
CA GLU E 100 -3.51 -18.64 -7.47
C GLU E 100 -3.46 -17.91 -8.79
N ILE E 101 -3.18 -18.62 -9.90
CA ILE E 101 -3.14 -17.95 -11.19
C ILE E 101 -4.52 -17.49 -11.62
N LEU E 102 -5.57 -18.24 -11.26
CA LEU E 102 -6.93 -17.76 -11.53
C LEU E 102 -7.20 -16.46 -10.78
N GLU E 103 -6.81 -16.38 -9.51
CA GLU E 103 -7.00 -15.15 -8.75
C GLU E 103 -6.20 -14.00 -9.35
N GLU E 104 -4.97 -14.26 -9.78
CA GLU E 104 -4.17 -13.22 -10.39
C GLU E 104 -4.81 -12.70 -11.68
N GLU E 105 -5.34 -13.61 -12.50
CA GLU E 105 -6.04 -13.20 -13.71
C GLU E 105 -7.27 -12.38 -13.39
N LEU E 106 -8.03 -12.79 -12.37
CA LEU E 106 -9.21 -12.03 -11.97
C LEU E 106 -8.84 -10.62 -11.51
N SER E 107 -7.78 -10.49 -10.72
CA SER E 107 -7.34 -9.19 -10.27
C SER E 107 -6.90 -8.31 -11.44
N ASP E 108 -6.19 -8.90 -12.41
CA ASP E 108 -5.79 -8.16 -13.59
C ASP E 108 -6.99 -7.66 -14.37
N ILE E 109 -8.01 -8.51 -14.52
CA ILE E 109 -9.23 -8.11 -15.23
C ILE E 109 -9.91 -6.95 -14.50
N ILE E 110 -9.96 -7.03 -13.17
CA ILE E 110 -10.59 -5.96 -12.38
C ILE E 110 -9.85 -4.64 -12.60
N ALA E 111 -8.51 -4.69 -12.56
CA ALA E 111 -7.72 -3.48 -12.78
C ALA E 111 -7.98 -2.91 -14.16
N ASP E 112 -8.06 -3.78 -15.17
CA ASP E 112 -8.32 -3.31 -16.53
C ASP E 112 -9.68 -2.66 -16.64
N VAL E 113 -10.70 -3.24 -16.00
CA VAL E 113 -12.04 -2.67 -16.04
C VAL E 113 -12.05 -1.27 -15.41
N HIS E 114 -11.41 -1.14 -14.24
CA HIS E 114 -11.37 0.15 -13.58
C HIS E 114 -10.65 1.20 -14.43
N ASP E 115 -9.53 0.81 -15.05
CA ASP E 115 -8.79 1.75 -15.88
C ASP E 115 -9.61 2.16 -17.09
N LEU E 116 -10.34 1.22 -17.70
CA LEU E 116 -11.17 1.56 -18.85
C LEU E 116 -12.28 2.53 -18.47
N ALA E 117 -12.92 2.31 -17.31
CA ALA E 117 -13.96 3.23 -16.86
C ALA E 117 -13.41 4.64 -16.64
N LYS E 118 -12.24 4.72 -15.98
CA LYS E 118 -11.65 6.04 -15.74
C LYS E 118 -11.27 6.72 -17.06
N PHE E 119 -10.77 5.93 -18.02
CA PHE E 119 -10.42 6.47 -19.33
C PHE E 119 -11.63 7.07 -20.02
N SER E 120 -12.74 6.33 -20.02
CA SER E 120 -13.96 6.83 -20.66
C SER E 120 -14.45 8.12 -20.01
N ARG E 121 -14.47 8.15 -18.68
CA ARG E 121 -14.94 9.35 -17.98
C ARG E 121 -14.05 10.55 -18.27
N LEU E 122 -12.72 10.35 -18.24
CA LEU E 122 -11.82 11.47 -18.49
C LEU E 122 -11.98 12.00 -19.90
N ASN E 123 -12.14 11.11 -20.89
CA ASN E 123 -12.32 11.58 -22.26
C ASN E 123 -13.62 12.35 -22.42
N TYR E 124 -14.70 11.87 -21.79
CA TYR E 124 -15.96 12.63 -21.86
C TYR E 124 -15.80 14.00 -21.24
N THR E 125 -15.12 14.09 -20.10
CA THR E 125 -14.90 15.39 -19.45
C THR E 125 -14.10 16.31 -20.35
N GLY E 126 -13.06 15.80 -21.00
CA GLY E 126 -12.28 16.62 -21.91
C GLY E 126 -13.09 17.13 -23.09
N PHE E 127 -13.91 16.26 -23.67
CA PHE E 127 -14.78 16.69 -24.78
C PHE E 127 -15.71 17.81 -24.34
N GLN E 128 -16.35 17.65 -23.18
CA GLN E 128 -17.26 18.68 -22.69
C GLN E 128 -16.52 19.98 -22.44
N LYS E 129 -15.32 19.91 -21.85
CA LYS E 129 -14.55 21.11 -21.56
C LYS E 129 -14.20 21.87 -22.84
N ILE E 130 -13.71 21.15 -23.86
CA ILE E 130 -13.29 21.83 -25.07
C ILE E 130 -14.49 22.41 -25.82
N ILE E 131 -15.62 21.69 -25.82
CA ILE E 131 -16.81 22.22 -26.48
C ILE E 131 -17.30 23.48 -25.77
N LYS E 132 -17.31 23.46 -24.43
CA LYS E 132 -17.72 24.64 -23.68
C LYS E 132 -16.80 25.82 -23.95
N LYS E 133 -15.48 25.57 -23.99
CA LYS E 133 -14.53 26.65 -24.23
C LYS E 133 -14.71 27.23 -25.62
N HIS E 134 -14.90 26.38 -26.63
CA HIS E 134 -15.13 26.88 -27.99
C HIS E 134 -16.41 27.70 -28.06
N ASP E 135 -17.47 27.23 -27.40
CA ASP E 135 -18.73 27.98 -27.38
C ASP E 135 -18.55 29.34 -26.71
N LYS E 136 -17.80 29.38 -25.60
CA LYS E 136 -17.62 30.63 -24.87
C LYS E 136 -16.77 31.62 -25.66
N LYS E 137 -15.63 31.17 -26.19
CA LYS E 137 -14.71 32.08 -26.86
C LYS E 137 -15.26 32.55 -28.19
N THR E 138 -15.87 31.65 -28.95
CA THR E 138 -16.37 31.94 -30.29
C THR E 138 -17.88 32.22 -30.24
N GLY E 139 -18.32 33.22 -31.01
CA GLY E 139 -19.72 33.58 -31.01
C GLY E 139 -20.66 32.48 -31.49
N PHE E 140 -20.15 31.52 -32.26
CA PHE E 140 -20.99 30.45 -32.76
C PHE E 140 -21.35 29.48 -31.65
N ILE E 141 -22.45 28.75 -31.85
CA ILE E 141 -22.96 27.77 -30.90
C ILE E 141 -22.74 26.37 -31.49
N LEU E 142 -22.20 25.47 -30.68
CA LEU E 142 -21.89 24.12 -31.13
C LEU E 142 -22.38 23.02 -30.20
N LYS E 143 -22.68 23.31 -28.94
CA LYS E 143 -23.03 22.26 -27.98
C LYS E 143 -24.24 21.43 -28.41
N PRO E 144 -25.38 22.01 -28.81
CA PRO E 144 -26.49 21.17 -29.26
C PRO E 144 -26.15 20.33 -30.49
N VAL E 145 -25.33 20.85 -31.39
CA VAL E 145 -24.97 20.09 -32.59
C VAL E 145 -24.06 18.93 -32.24
N PHE E 146 -23.05 19.17 -31.41
CA PHE E 146 -22.09 18.12 -31.08
C PHE E 146 -22.64 17.11 -30.08
N GLN E 147 -23.70 17.46 -29.35
CA GLN E 147 -24.33 16.48 -28.46
C GLN E 147 -24.87 15.30 -29.26
N VAL E 148 -25.44 15.58 -30.44
CA VAL E 148 -25.96 14.50 -31.29
C VAL E 148 -24.82 13.61 -31.77
N ARG E 149 -23.70 14.21 -32.19
CA ARG E 149 -22.56 13.43 -32.63
C ARG E 149 -22.01 12.55 -31.50
N LEU E 150 -21.94 13.10 -30.29
CA LEU E 150 -21.49 12.31 -29.15
C LEU E 150 -22.45 11.17 -28.86
N ASP E 151 -23.75 11.42 -28.94
CA ASP E 151 -24.73 10.37 -28.67
C ASP E 151 -24.72 9.29 -29.75
N SER E 152 -24.31 9.65 -30.98
CA SER E 152 -24.21 8.66 -32.04
C SER E 152 -23.06 7.69 -31.83
N LYS E 153 -22.06 8.07 -31.03
CA LYS E 153 -20.92 7.21 -30.72
C LYS E 153 -20.75 7.16 -29.22
N PRO E 154 -21.57 6.36 -28.53
CA PRO E 154 -21.59 6.35 -27.05
C PRO E 154 -20.52 5.48 -26.41
N PHE E 155 -19.32 6.04 -26.28
CA PHE E 155 -18.23 5.36 -25.61
C PHE E 155 -18.24 5.56 -24.09
N PHE E 156 -19.17 6.37 -23.59
CA PHE E 156 -19.23 6.70 -22.17
C PHE E 156 -20.47 6.15 -21.49
N LYS E 157 -21.37 5.51 -22.22
CA LYS E 157 -22.60 4.98 -21.66
C LYS E 157 -22.50 3.52 -21.24
N GLU E 158 -21.32 2.92 -21.35
CA GLU E 158 -21.17 1.52 -20.96
C GLU E 158 -21.12 1.38 -19.44
N ASN E 159 -21.80 0.36 -18.93
CA ASN E 159 -21.88 0.11 -17.49
C ASN E 159 -20.91 -1.01 -17.16
N TYR E 160 -19.82 -0.65 -16.47
CA TYR E 160 -18.80 -1.61 -16.08
C TYR E 160 -18.98 -2.14 -14.66
N ASP E 161 -20.01 -1.69 -13.94
CA ASP E 161 -20.20 -2.13 -12.56
C ASP E 161 -20.67 -3.57 -12.50
N GLU E 162 -21.51 -3.99 -13.46
CA GLU E 162 -21.98 -5.37 -13.48
C GLU E 162 -20.83 -6.35 -13.71
N LEU E 163 -19.88 -5.98 -14.56
CA LEU E 163 -18.69 -6.80 -14.75
C LEU E 163 -17.91 -6.93 -13.45
N VAL E 164 -17.76 -5.81 -12.72
CA VAL E 164 -17.05 -5.84 -11.45
C VAL E 164 -17.75 -6.77 -10.47
N VAL E 165 -19.08 -6.70 -10.41
CA VAL E 165 -19.83 -7.56 -9.51
C VAL E 165 -19.63 -9.03 -9.88
N LYS E 166 -19.69 -9.35 -11.18
CA LYS E 166 -19.51 -10.73 -11.61
C LYS E 166 -18.12 -11.24 -11.28
N ILE E 167 -17.09 -10.43 -11.52
CA ILE E 167 -15.72 -10.86 -11.23
C ILE E 167 -15.53 -11.03 -9.73
N SER E 168 -16.14 -10.16 -8.93
CA SER E 168 -16.07 -10.33 -7.48
C SER E 168 -16.76 -11.60 -7.03
N GLN E 169 -17.88 -11.95 -7.65
CA GLN E 169 -18.56 -13.20 -7.33
C GLN E 169 -17.67 -14.40 -7.67
N LEU E 170 -17.02 -14.37 -8.82
CA LEU E 170 -16.10 -15.45 -9.18
C LEU E 170 -14.94 -15.52 -8.20
N TYR E 171 -14.41 -14.36 -7.79
CA TYR E 171 -13.34 -14.33 -6.79
C TYR E 171 -13.78 -14.95 -5.48
N ASP E 172 -14.99 -14.64 -5.03
CA ASP E 172 -15.51 -15.21 -3.80
C ASP E 172 -15.66 -16.72 -3.92
N ILE E 173 -16.16 -17.20 -5.06
CA ILE E 173 -16.32 -18.64 -5.26
C ILE E 173 -14.96 -19.33 -5.23
N ALA E 174 -13.97 -18.75 -5.90
CA ALA E 174 -12.63 -19.34 -5.92
C ALA E 174 -12.01 -19.36 -4.53
N ARG E 175 -12.20 -18.29 -3.75
CA ARG E 175 -11.69 -18.26 -2.39
C ARG E 175 -12.38 -19.31 -1.52
N THR E 176 -13.70 -19.44 -1.67
CA THR E 176 -14.45 -20.39 -0.85
C THR E 176 -14.04 -21.83 -1.15
N SER E 177 -13.89 -22.18 -2.43
CA SER E 177 -13.53 -23.54 -2.81
C SER E 177 -12.03 -23.78 -2.84
N GLY E 178 -11.22 -22.74 -2.63
CA GLY E 178 -9.78 -22.88 -2.63
C GLY E 178 -9.14 -23.16 -1.30
N ARG E 179 -9.93 -23.30 -0.23
CA ARG E 179 -9.39 -23.52 1.10
C ARG E 179 -9.57 -24.99 1.47
N PRO E 180 -8.49 -25.77 1.60
CA PRO E 180 -8.55 -27.20 1.95
C PRO E 180 -9.23 -27.45 3.29
N ASN E 193 4.33 -12.78 -9.66
CA ASN E 193 3.57 -12.49 -8.45
C ASN E 193 3.40 -10.99 -8.19
N PHE E 194 3.73 -10.59 -6.97
CA PHE E 194 3.40 -9.27 -6.46
C PHE E 194 4.23 -9.00 -5.21
N VAL E 195 4.37 -7.72 -4.88
CA VAL E 195 5.13 -7.29 -3.72
C VAL E 195 4.33 -6.24 -2.95
N ARG E 196 4.29 -6.39 -1.63
CA ARG E 196 3.75 -5.39 -0.72
C ARG E 196 4.72 -4.24 -0.51
N GLN E 197 4.17 -3.09 -0.17
CA GLN E 197 4.90 -1.96 0.39
C GLN E 197 3.96 -1.19 1.31
N THR E 198 4.50 -0.70 2.42
CA THR E 198 3.69 0.02 3.40
C THR E 198 4.51 1.16 3.96
N THR E 199 4.01 2.39 3.83
CA THR E 199 4.72 3.56 4.31
C THR E 199 3.79 4.48 5.08
N LYS E 200 4.37 5.23 6.02
CA LYS E 200 3.65 6.15 6.90
C LYS E 200 4.24 7.54 6.77
N TYR E 201 3.37 8.55 6.91
CA TYR E 201 3.75 9.95 6.72
C TYR E 201 3.04 10.83 7.73
N TRP E 202 3.64 11.97 8.01
CA TRP E 202 3.02 13.03 8.79
C TRP E 202 2.54 14.13 7.85
N VAL E 203 1.34 14.65 8.10
CA VAL E 203 0.75 15.70 7.29
C VAL E 203 0.37 16.85 8.20
N HIS E 204 0.80 18.05 7.83
CA HIS E 204 0.44 19.25 8.58
C HIS E 204 -1.05 19.55 8.39
N PRO E 205 -1.73 20.05 9.42
CA PRO E 205 -3.16 20.34 9.29
C PRO E 205 -3.49 21.35 8.20
N ASP E 206 -2.56 22.23 7.86
CA ASP E 206 -2.80 23.19 6.78
C ASP E 206 -2.82 22.54 5.40
N ASN E 207 -2.28 21.33 5.27
CA ASN E 207 -2.20 20.66 3.98
C ASN E 207 -3.16 19.48 3.86
N ILE E 208 -4.07 19.32 4.82
CA ILE E 208 -4.94 18.15 4.81
C ILE E 208 -5.96 18.23 3.68
N THR E 209 -6.57 19.41 3.47
CA THR E 209 -7.58 19.55 2.44
C THR E 209 -7.00 19.35 1.05
N GLU E 210 -5.83 19.93 0.78
CA GLU E 210 -5.21 19.77 -0.54
C GLU E 210 -4.83 18.31 -0.78
N LEU E 211 -4.27 17.64 0.22
CA LEU E 211 -3.95 16.23 0.09
C LEU E 211 -5.19 15.39 -0.17
N LYS E 212 -6.28 15.67 0.55
CA LYS E 212 -7.51 14.93 0.35
C LYS E 212 -8.06 15.15 -1.06
N LEU E 213 -8.02 16.38 -1.55
CA LEU E 213 -8.49 16.66 -2.90
C LEU E 213 -7.64 15.94 -3.93
N ILE E 214 -6.33 15.88 -3.71
CA ILE E 214 -5.46 15.16 -4.64
C ILE E 214 -5.79 13.66 -4.64
N ILE E 215 -5.98 13.08 -3.46
CA ILE E 215 -6.26 11.64 -3.39
C ILE E 215 -7.63 11.33 -4.01
N LEU E 216 -8.61 12.21 -3.81
CA LEU E 216 -9.98 11.93 -4.22
C LEU E 216 -10.13 11.83 -5.74
N LYS E 217 -9.15 12.29 -6.50
CA LYS E 217 -9.23 12.24 -7.95
C LYS E 217 -8.96 10.86 -8.52
N HIS E 218 -8.55 9.90 -7.70
CA HIS E 218 -8.16 8.59 -8.21
C HIS E 218 -8.87 7.44 -7.49
N LEU E 219 -9.27 7.66 -6.23
CA LEU E 219 -9.95 6.62 -5.47
C LEU E 219 -11.22 7.18 -4.85
N PRO E 220 -12.24 6.35 -4.68
CA PRO E 220 -13.46 6.79 -3.99
C PRO E 220 -13.29 6.66 -2.47
N VAL E 221 -14.37 6.97 -1.76
CA VAL E 221 -14.37 7.00 -0.30
C VAL E 221 -15.19 5.83 0.21
N LEU E 222 -14.84 5.35 1.40
CA LEU E 222 -15.58 4.30 2.08
C LEU E 222 -16.44 4.92 3.18
N VAL E 223 -17.73 4.61 3.17
CA VAL E 223 -18.67 5.13 4.15
C VAL E 223 -19.21 3.95 4.95
N PHE E 224 -19.12 4.05 6.28
CA PHE E 224 -19.64 3.03 7.17
C PHE E 224 -21.02 3.42 7.69
N ASN E 225 -21.96 3.54 6.75
CA ASN E 225 -23.33 3.94 7.06
C ASN E 225 -24.24 3.40 5.98
N THR E 226 -25.44 2.97 6.39
CA THR E 226 -26.38 2.38 5.43
C THR E 226 -26.99 3.44 4.51
N ASN E 227 -27.13 4.68 4.99
CA ASN E 227 -27.63 5.77 4.17
C ASN E 227 -26.54 6.43 3.34
N LYS E 228 -25.29 5.97 3.46
CA LYS E 228 -24.15 6.59 2.78
C LYS E 228 -24.00 8.06 3.17
N GLU E 229 -24.12 8.34 4.47
CA GLU E 229 -23.99 9.69 5.00
C GLU E 229 -22.77 9.76 5.92
N PHE E 230 -22.20 10.96 6.02
CA PHE E 230 -21.01 11.19 6.84
C PHE E 230 -21.45 11.67 8.22
N GLU E 231 -21.45 10.77 9.19
CA GLU E 231 -21.80 11.09 10.56
C GLU E 231 -20.55 11.22 11.41
N ARG E 232 -20.72 11.82 12.60
CA ARG E 232 -19.57 12.14 13.43
C ARG E 232 -18.93 10.89 14.03
N GLU E 233 -19.74 9.99 14.58
CA GLU E 233 -19.24 8.84 15.30
C GLU E 233 -19.08 7.60 14.42
N ASP E 234 -19.29 7.72 13.11
CA ASP E 234 -19.20 6.57 12.23
C ASP E 234 -17.76 6.21 11.86
N SER E 235 -16.80 7.09 12.13
CA SER E 235 -15.42 6.86 11.73
C SER E 235 -14.46 6.75 12.90
N ALA E 236 -14.94 6.87 14.14
CA ALA E 236 -14.07 6.79 15.30
C ALA E 236 -13.58 5.36 15.51
N ILE E 237 -12.32 5.24 15.91
CA ILE E 237 -11.70 3.96 16.25
C ILE E 237 -10.97 4.13 17.58
N THR E 238 -11.22 3.22 18.53
CA THR E 238 -10.57 3.32 19.83
C THR E 238 -9.89 2.00 20.17
N SER E 239 -8.67 2.11 20.69
CA SER E 239 -7.85 0.97 21.05
C SER E 239 -7.30 1.17 22.45
N ILE E 240 -7.34 0.12 23.26
CA ILE E 240 -6.72 0.09 24.59
C ILE E 240 -5.58 -0.91 24.53
N TYR E 241 -4.37 -0.46 24.86
CA TYR E 241 -3.18 -1.29 24.82
C TYR E 241 -2.85 -1.81 26.21
N PHE E 242 -2.37 -3.05 26.26
CA PHE E 242 -2.08 -3.72 27.53
C PHE E 242 -0.58 -3.83 27.76
N ASP E 243 -0.17 -3.63 29.00
CA ASP E 243 1.23 -3.74 29.41
C ASP E 243 1.30 -3.94 30.92
N ASN E 244 2.47 -4.34 31.39
CA ASN E 244 2.68 -4.61 32.81
C ASN E 244 3.35 -3.42 33.48
N GLU E 245 3.71 -3.59 34.75
CA GLU E 245 4.30 -2.49 35.52
C GLU E 245 5.71 -2.16 35.06
N ASN E 246 6.45 -3.15 34.58
CA ASN E 246 7.82 -2.95 34.12
C ASN E 246 7.89 -2.50 32.66
N LEU E 247 6.75 -2.36 31.99
CA LEU E 247 6.70 -1.94 30.58
C LEU E 247 7.49 -2.91 29.70
N ASP E 248 7.34 -4.21 29.94
CA ASP E 248 8.07 -5.20 29.16
C ASP E 248 7.69 -5.17 27.69
N LEU E 249 6.39 -5.06 27.40
CA LEU E 249 5.94 -5.05 26.01
C LEU E 249 6.38 -3.79 25.27
N TYR E 250 6.46 -2.67 25.98
CA TYR E 250 6.94 -1.44 25.34
C TYR E 250 8.37 -1.60 24.85
N TYR E 251 9.25 -2.14 25.69
CA TYR E 251 10.63 -2.36 25.27
C TYR E 251 10.72 -3.44 24.22
N GLY E 252 9.91 -4.48 24.34
CA GLY E 252 9.90 -5.53 23.33
C GLY E 252 9.48 -5.04 21.96
N ARG E 253 8.58 -4.07 21.90
CA ARG E 253 8.19 -3.48 20.63
C ARG E 253 9.16 -2.42 20.14
N LEU E 254 9.81 -1.70 21.06
CA LEU E 254 10.78 -0.70 20.66
C LEU E 254 12.02 -1.35 20.06
N ARG E 255 12.68 -2.22 20.82
CA ARG E 255 13.72 -3.09 20.29
C ARG E 255 13.02 -4.29 19.66
N LYS E 256 13.02 -4.34 18.32
CA LYS E 256 12.12 -5.26 17.64
C LYS E 256 12.56 -6.71 17.82
N ASP E 257 12.34 -7.25 19.01
CA ASP E 257 12.72 -8.63 19.31
C ASP E 257 11.87 -9.60 18.50
N GLU E 258 12.45 -10.76 18.22
CA GLU E 258 11.68 -11.82 17.58
C GLU E 258 10.60 -12.31 18.53
N GLY E 259 9.38 -12.45 18.02
CA GLY E 259 8.27 -12.86 18.85
C GLY E 259 7.70 -11.78 19.74
N ALA E 260 8.06 -10.52 19.52
CA ALA E 260 7.48 -9.43 20.29
C ALA E 260 6.00 -9.28 19.98
N GLU E 261 5.20 -9.14 21.03
CA GLU E 261 3.75 -9.14 20.91
C GLU E 261 3.17 -7.85 21.47
N ALA E 262 2.12 -7.36 20.79
CA ALA E 262 1.33 -6.24 21.27
C ALA E 262 -0.13 -6.69 21.39
N HIS E 263 -0.73 -6.44 22.54
CA HIS E 263 -2.09 -6.86 22.84
C HIS E 263 -2.98 -5.64 23.01
N ARG E 264 -4.11 -5.62 22.30
CA ARG E 264 -5.03 -4.49 22.37
C ARG E 264 -6.47 -4.94 22.26
N LEU E 265 -7.36 -4.08 22.78
CA LEU E 265 -8.80 -4.23 22.68
C LEU E 265 -9.31 -3.06 21.84
N ARG E 266 -10.03 -3.35 20.76
CA ARG E 266 -10.42 -2.35 19.80
C ARG E 266 -11.93 -2.32 19.60
N TRP E 267 -12.48 -1.13 19.37
CA TRP E 267 -13.86 -1.02 18.91
C TRP E 267 -14.04 0.18 17.99
N TYR E 268 -15.10 0.11 17.20
CA TYR E 268 -15.43 1.11 16.19
C TYR E 268 -16.71 1.83 16.58
N GLY E 269 -16.70 3.14 16.48
CA GLY E 269 -17.88 3.94 16.71
C GLY E 269 -17.95 4.52 18.11
N GLY E 270 -19.16 4.81 18.54
CA GLY E 270 -19.41 5.41 19.83
C GLY E 270 -19.47 4.37 20.94
N MET E 271 -19.93 4.83 22.10
CA MET E 271 -19.98 4.01 23.29
C MET E 271 -21.15 3.02 23.31
N SER E 272 -21.96 3.00 22.26
CA SER E 272 -23.07 2.05 22.17
C SER E 272 -22.66 0.71 21.57
N THR E 273 -21.46 0.61 21.02
CA THR E 273 -21.00 -0.63 20.39
C THR E 273 -20.82 -1.72 21.42
N ASP E 274 -21.27 -2.93 21.08
CA ASP E 274 -21.20 -4.08 21.99
C ASP E 274 -20.32 -5.19 21.44
N THR E 275 -19.48 -4.89 20.45
CA THR E 275 -18.52 -5.86 19.92
C THR E 275 -17.12 -5.30 20.12
N ILE E 276 -16.31 -6.01 20.88
CA ILE E 276 -14.93 -5.62 21.16
C ILE E 276 -14.02 -6.67 20.57
N PHE E 277 -13.02 -6.24 19.80
CA PHE E 277 -12.10 -7.15 19.13
C PHE E 277 -10.83 -7.24 19.95
N VAL E 278 -10.44 -8.46 20.30
CA VAL E 278 -9.17 -8.72 20.98
C VAL E 278 -8.14 -9.02 19.89
N GLU E 279 -7.09 -8.20 19.82
CA GLU E 279 -6.10 -8.29 18.76
C GLU E 279 -4.70 -8.47 19.34
N ARG E 280 -3.91 -9.31 18.67
CA ARG E 280 -2.52 -9.53 19.00
C ARG E 280 -1.67 -9.39 17.74
N LYS E 281 -0.62 -8.58 17.83
CA LYS E 281 0.32 -8.38 16.75
C LYS E 281 1.66 -9.00 17.14
N THR E 282 2.18 -9.89 16.30
CA THR E 282 3.43 -10.59 16.58
C THR E 282 4.46 -10.26 15.52
N HIS E 283 5.66 -9.91 15.95
CA HIS E 283 6.75 -9.51 15.07
C HIS E 283 7.70 -10.67 14.85
N ARG E 284 7.94 -11.01 13.58
CA ARG E 284 8.88 -12.06 13.22
C ARG E 284 9.79 -11.56 12.10
N GLU E 285 10.99 -12.14 12.04
CA GLU E 285 12.04 -11.65 11.15
C GLU E 285 12.85 -12.82 10.62
N ASP E 286 13.20 -12.75 9.33
CA ASP E 286 14.10 -13.71 8.71
C ASP E 286 15.23 -12.96 8.01
N TRP E 287 16.08 -13.69 7.27
CA TRP E 287 17.06 -13.00 6.45
C TRP E 287 16.44 -12.40 5.21
N THR E 288 15.17 -12.71 4.92
CA THR E 288 14.43 -12.00 3.88
C THR E 288 13.85 -10.70 4.41
N GLY E 289 13.12 -10.78 5.52
CA GLY E 289 12.75 -9.54 6.22
C GLY E 289 11.27 -9.30 6.46
N GLU E 290 10.95 -9.04 7.73
CA GLU E 290 9.66 -8.48 8.16
C GLU E 290 8.48 -9.37 7.74
N LYS E 291 8.44 -10.56 8.35
CA LYS E 291 7.30 -11.45 8.21
C LYS E 291 6.49 -11.39 9.51
N SER E 292 5.67 -10.35 9.63
CA SER E 292 4.88 -10.11 10.83
C SER E 292 3.46 -10.68 10.65
N VAL E 293 2.83 -11.01 11.77
CA VAL E 293 1.51 -11.62 11.75
C VAL E 293 0.58 -10.89 12.71
N LYS E 294 -0.72 -11.05 12.47
CA LYS E 294 -1.76 -10.39 13.25
C LYS E 294 -2.93 -11.33 13.41
N ALA E 295 -3.50 -11.36 14.62
CA ALA E 295 -4.65 -12.20 14.93
C ALA E 295 -5.66 -11.40 15.73
N ARG E 296 -6.94 -11.81 15.63
CA ARG E 296 -7.98 -11.17 16.42
C ARG E 296 -9.19 -12.08 16.53
N PHE E 297 -9.98 -11.84 17.56
CA PHE E 297 -11.27 -12.50 17.70
C PHE E 297 -12.24 -11.58 18.43
N ALA E 298 -13.53 -11.76 18.15
CA ALA E 298 -14.56 -10.86 18.67
C ALA E 298 -15.06 -11.33 20.03
N LEU E 299 -15.62 -10.39 20.79
CA LEU E 299 -16.13 -10.66 22.11
C LEU E 299 -17.22 -9.64 22.44
N LYS E 300 -18.06 -10.00 23.40
CA LYS E 300 -19.09 -9.10 23.89
C LYS E 300 -18.55 -8.22 25.01
N GLU E 301 -19.11 -7.03 25.14
CA GLU E 301 -18.60 -6.07 26.12
C GLU E 301 -18.76 -6.60 27.54
N ARG E 302 -19.96 -7.09 27.88
CA ARG E 302 -20.23 -7.48 29.26
C ARG E 302 -19.37 -8.65 29.72
N HIS E 303 -18.80 -9.41 28.80
CA HIS E 303 -17.93 -10.53 29.14
C HIS E 303 -16.45 -10.19 29.05
N VAL E 304 -16.10 -8.94 28.74
CA VAL E 304 -14.70 -8.59 28.59
C VAL E 304 -13.96 -8.71 29.91
N ASN E 305 -14.50 -8.09 30.97
CA ASN E 305 -13.82 -8.09 32.27
C ASN E 305 -13.59 -9.51 32.75
N ASP E 306 -14.62 -10.36 32.68
CA ASP E 306 -14.46 -11.75 33.08
C ASP E 306 -13.38 -12.42 32.26
N PHE E 307 -13.32 -12.16 30.96
CA PHE E 307 -12.30 -12.78 30.13
C PHE E 307 -10.91 -12.33 30.56
N LEU E 308 -10.78 -11.14 31.13
CA LEU E 308 -9.48 -10.67 31.59
C LEU E 308 -9.07 -11.31 32.91
N LYS E 309 -9.98 -12.03 33.57
CA LYS E 309 -9.67 -12.67 34.84
C LYS E 309 -9.79 -14.19 34.78
N GLY E 310 -10.14 -14.76 33.63
CA GLY E 310 -10.24 -16.19 33.48
C GLY E 310 -11.58 -16.80 33.87
N LYS E 311 -12.48 -16.01 34.43
CA LYS E 311 -13.80 -16.54 34.79
C LYS E 311 -14.58 -16.96 33.55
N TYR E 312 -14.49 -16.17 32.49
CA TYR E 312 -15.12 -16.51 31.22
C TYR E 312 -14.20 -17.46 30.47
N THR E 313 -14.58 -18.73 30.40
CA THR E 313 -13.74 -19.73 29.77
C THR E 313 -13.80 -19.63 28.25
N VAL E 314 -12.81 -20.22 27.59
CA VAL E 314 -12.78 -20.22 26.13
C VAL E 314 -13.91 -21.06 25.55
N ASP E 315 -14.41 -22.04 26.29
CA ASP E 315 -15.53 -22.85 25.81
C ASP E 315 -16.78 -21.99 25.62
N GLN E 316 -17.05 -21.09 26.56
CA GLN E 316 -18.21 -20.23 26.46
C GLN E 316 -18.05 -19.15 25.38
N VAL E 317 -16.82 -18.86 24.97
CA VAL E 317 -16.60 -17.82 23.97
C VAL E 317 -17.13 -18.27 22.61
N PHE E 318 -16.81 -19.49 22.20
CA PHE E 318 -17.14 -19.99 20.87
C PHE E 318 -18.31 -20.97 20.90
N ALA E 319 -19.22 -20.81 21.87
CA ALA E 319 -20.39 -21.69 21.93
C ALA E 319 -21.32 -21.45 20.75
N LYS E 320 -21.57 -20.18 20.40
CA LYS E 320 -22.49 -19.86 19.31
C LYS E 320 -21.95 -20.36 17.97
N MET E 321 -20.66 -20.16 17.71
CA MET E 321 -20.08 -20.60 16.45
C MET E 321 -20.12 -22.12 16.33
N ARG E 322 -19.86 -22.83 17.42
CA ARG E 322 -19.98 -24.29 17.40
C ARG E 322 -21.42 -24.73 17.16
N LYS E 323 -22.37 -24.05 17.80
CA LYS E 323 -23.77 -24.43 17.65
C LYS E 323 -24.27 -24.22 16.23
N GLU E 324 -23.95 -23.08 15.63
CA GLU E 324 -24.47 -22.78 14.30
C GLU E 324 -23.81 -23.66 13.24
N GLY E 325 -22.52 -23.96 13.40
CA GLY E 325 -21.84 -24.81 12.46
C GLY E 325 -21.53 -24.18 11.13
N LYS E 326 -21.68 -22.86 10.99
CA LYS E 326 -21.38 -22.21 9.73
C LYS E 326 -19.89 -22.30 9.38
N LYS E 327 -19.02 -22.14 10.37
CA LYS E 327 -17.57 -22.16 10.23
C LYS E 327 -17.05 -23.60 10.34
N PRO E 328 -16.03 -23.94 9.57
CA PRO E 328 -15.41 -25.27 9.72
C PRO E 328 -14.80 -25.44 11.10
N MET E 329 -14.77 -26.70 11.56
CA MET E 329 -14.37 -26.97 12.93
C MET E 329 -12.89 -26.71 13.18
N ASN E 330 -12.03 -26.91 12.17
CA ASN E 330 -10.61 -26.69 12.35
C ASN E 330 -10.31 -25.22 12.62
N GLU E 331 -10.97 -24.31 11.90
CA GLU E 331 -10.79 -22.89 12.16
C GLU E 331 -11.27 -22.52 13.56
N ILE E 332 -12.36 -23.14 14.01
CA ILE E 332 -12.83 -22.90 15.37
C ILE E 332 -11.80 -23.35 16.39
N GLU E 333 -11.18 -24.51 16.16
CA GLU E 333 -10.12 -24.97 17.06
C GLU E 333 -8.93 -24.02 17.06
N ASN E 334 -8.56 -23.51 15.88
CA ASN E 334 -7.45 -22.56 15.80
C ASN E 334 -7.77 -21.29 16.60
N LEU E 335 -8.99 -20.77 16.45
CA LEU E 335 -9.39 -19.59 17.21
C LEU E 335 -9.42 -19.88 18.70
N GLU E 336 -9.84 -21.08 19.09
CA GLU E 336 -9.82 -21.47 20.50
C GLU E 336 -8.39 -21.48 21.03
N ALA E 337 -7.46 -22.01 20.26
CA ALA E 337 -6.05 -22.01 20.66
C ALA E 337 -5.52 -20.59 20.81
N LEU E 338 -5.88 -19.70 19.87
CA LEU E 338 -5.44 -18.32 19.97
C LEU E 338 -5.99 -17.65 21.22
N ALA E 339 -7.28 -17.87 21.51
CA ALA E 339 -7.87 -17.29 22.70
C ALA E 339 -7.21 -17.83 23.97
N SER E 340 -6.91 -19.13 23.99
CA SER E 340 -6.24 -19.72 25.14
C SER E 340 -4.86 -19.12 25.35
N GLU E 341 -4.10 -18.95 24.26
CA GLU E 341 -2.78 -18.33 24.38
C GLU E 341 -2.88 -16.90 24.90
N ILE E 342 -3.83 -16.12 24.39
CA ILE E 342 -3.98 -14.74 24.84
C ILE E 342 -4.33 -14.68 26.31
N GLN E 343 -5.28 -15.53 26.74
CA GLN E 343 -5.68 -15.53 28.13
C GLN E 343 -4.53 -15.95 29.04
N TYR E 344 -3.76 -16.97 28.63
CA TYR E 344 -2.64 -17.44 29.43
C TYR E 344 -1.58 -16.35 29.57
N VAL E 345 -1.26 -15.67 28.47
CA VAL E 345 -0.27 -14.60 28.54
C VAL E 345 -0.76 -13.47 29.43
N MET E 346 -2.04 -13.10 29.31
CA MET E 346 -2.61 -12.03 30.12
C MET E 346 -2.52 -12.37 31.60
N LEU E 347 -2.85 -13.61 31.96
CA LEU E 347 -2.80 -14.01 33.36
C LEU E 347 -1.37 -14.09 33.89
N LYS E 348 -0.46 -14.65 33.10
CA LYS E 348 0.89 -14.88 33.58
C LYS E 348 1.69 -13.58 33.72
N LYS E 349 1.62 -12.71 32.71
CA LYS E 349 2.46 -11.51 32.70
C LYS E 349 1.87 -10.36 33.51
N LYS E 350 0.65 -10.51 34.03
CA LYS E 350 -0.01 -9.46 34.83
C LYS E 350 -0.18 -8.18 34.02
N LEU E 351 -0.73 -8.31 32.83
CA LEU E 351 -0.96 -7.16 31.96
C LEU E 351 -2.22 -6.40 32.38
N ARG E 352 -2.19 -5.08 32.19
CA ARG E 352 -3.30 -4.20 32.50
C ARG E 352 -3.34 -3.09 31.46
N PRO E 353 -4.49 -2.43 31.27
CA PRO E 353 -4.54 -1.29 30.34
C PRO E 353 -3.54 -0.21 30.74
N VAL E 354 -2.85 0.35 29.75
CA VAL E 354 -1.84 1.36 30.05
C VAL E 354 -2.08 2.66 29.27
N VAL E 355 -2.67 2.56 28.08
CA VAL E 355 -2.81 3.74 27.23
C VAL E 355 -3.96 3.51 26.26
N ARG E 356 -4.59 4.60 25.83
CA ARG E 356 -5.67 4.57 24.86
C ARG E 356 -5.33 5.51 23.71
N SER E 357 -5.60 5.07 22.48
CA SER E 357 -5.41 5.91 21.30
C SER E 357 -6.74 6.08 20.60
N PHE E 358 -7.05 7.32 20.23
CA PHE E 358 -8.27 7.66 19.53
C PHE E 358 -7.95 8.45 18.27
N TYR E 359 -8.66 8.15 17.19
CA TYR E 359 -8.49 8.91 15.95
C TYR E 359 -9.69 8.65 15.05
N ASN E 360 -9.86 9.53 14.07
CA ASN E 360 -10.87 9.37 13.03
C ASN E 360 -10.19 8.94 11.74
N ARG E 361 -10.70 7.87 11.13
CA ARG E 361 -10.07 7.27 9.97
C ARG E 361 -10.92 7.47 8.73
N THR E 362 -10.25 7.83 7.62
CA THR E 362 -10.85 7.88 6.30
C THR E 362 -10.08 6.94 5.39
N ALA E 363 -10.80 6.06 4.70
CA ALA E 363 -10.20 5.04 3.85
C ALA E 363 -10.51 5.32 2.39
N PHE E 364 -9.49 5.15 1.53
CA PHE E 364 -9.62 5.32 0.10
C PHE E 364 -9.14 4.05 -0.58
N GLN E 365 -10.03 3.40 -1.32
CA GLN E 365 -9.70 2.21 -2.10
C GLN E 365 -10.79 1.97 -3.13
N LEU E 366 -10.44 1.18 -4.17
CA LEU E 366 -11.38 0.82 -5.23
C LEU E 366 -11.97 -0.56 -4.95
N PRO E 367 -13.23 -0.78 -5.34
CA PRO E 367 -13.90 -2.06 -5.03
C PRO E 367 -13.22 -3.22 -5.75
N GLY E 368 -12.68 -4.16 -4.97
CA GLY E 368 -12.06 -5.35 -5.51
C GLY E 368 -10.63 -5.17 -5.99
N ASP E 369 -10.09 -3.97 -5.89
CA ASP E 369 -8.75 -3.65 -6.37
C ASP E 369 -7.85 -3.33 -5.19
N ALA E 370 -6.72 -4.03 -5.08
CA ALA E 370 -5.82 -3.87 -3.94
C ALA E 370 -4.47 -3.28 -4.35
N ARG E 371 -4.40 -2.67 -5.54
CA ARG E 371 -3.12 -2.10 -5.98
C ARG E 371 -2.69 -0.94 -5.11
N VAL E 372 -3.61 -0.04 -4.77
CA VAL E 372 -3.32 1.12 -3.93
C VAL E 372 -4.42 1.23 -2.87
N ARG E 373 -4.01 1.40 -1.62
CA ARG E 373 -4.94 1.67 -0.53
C ARG E 373 -4.39 2.79 0.32
N ILE E 374 -5.21 3.77 0.65
CA ILE E 374 -4.78 4.93 1.42
C ILE E 374 -5.64 5.04 2.67
N SER E 375 -5.01 5.42 3.78
CA SER E 375 -5.73 5.66 5.02
C SER E 375 -5.24 6.98 5.62
N LEU E 376 -6.17 7.78 6.11
CA LEU E 376 -5.84 9.07 6.72
C LEU E 376 -6.44 9.11 8.11
N ASP E 377 -5.60 9.37 9.11
CA ASP E 377 -6.01 9.39 10.51
C ASP E 377 -5.84 10.79 11.07
N THR E 378 -6.93 11.37 11.57
CA THR E 378 -6.94 12.73 12.08
C THR E 378 -7.41 12.73 13.52
N GLU E 379 -7.13 13.85 14.21
CA GLU E 379 -7.50 14.04 15.60
C GLU E 379 -6.93 12.95 16.50
N LEU E 380 -5.68 12.58 16.22
CA LEU E 380 -5.00 11.55 16.98
C LEU E 380 -4.77 12.02 18.41
N THR E 381 -5.14 11.19 19.38
CA THR E 381 -5.06 11.54 20.79
C THR E 381 -4.66 10.32 21.59
N MET E 382 -3.82 10.53 22.60
CA MET E 382 -3.40 9.50 23.53
C MET E 382 -3.88 9.87 24.93
N VAL E 383 -4.47 8.91 25.63
CA VAL E 383 -5.04 9.13 26.96
C VAL E 383 -4.44 8.10 27.90
N ARG E 384 -4.05 8.54 29.10
CA ARG E 384 -3.43 7.68 30.08
C ARG E 384 -4.49 6.90 30.85
N GLU E 385 -4.25 5.60 31.03
CA GLU E 385 -5.23 4.74 31.71
C GLU E 385 -4.56 3.80 32.70
N ASP E 386 -3.44 4.19 33.28
CA ASP E 386 -2.69 3.34 34.19
C ASP E 386 -2.79 3.85 35.62
N ASN E 387 -2.45 2.98 36.57
CA ASN E 387 -2.47 3.32 37.98
C ASN E 387 -1.07 3.35 38.58
N PHE E 388 -0.04 3.56 37.75
CA PHE E 388 1.33 3.58 38.25
C PHE E 388 1.60 4.83 39.09
N ASP E 389 0.97 5.96 38.73
CA ASP E 389 1.18 7.20 39.48
C ASP E 389 0.69 7.03 40.92
N GLY E 390 -0.48 6.45 41.09
CA GLY E 390 -1.06 6.29 42.41
C GLY E 390 -2.53 6.68 42.43
N VAL E 391 -3.09 6.98 41.26
CA VAL E 391 -4.48 7.35 41.10
C VAL E 391 -5.15 6.33 40.20
N ASP E 392 -6.24 5.74 40.70
CA ASP E 392 -6.99 4.74 39.93
C ASP E 392 -7.83 5.46 38.90
N ARG E 393 -7.57 5.19 37.62
CA ARG E 393 -8.25 5.88 36.52
C ARG E 393 -9.39 5.08 35.91
N THR E 394 -9.37 3.75 36.03
CA THR E 394 -10.40 2.92 35.42
C THR E 394 -11.42 2.38 36.41
N HIS E 395 -11.08 2.30 37.70
CA HIS E 395 -11.96 1.77 38.74
C HIS E 395 -12.38 0.33 38.43
N LYS E 396 -11.37 -0.53 38.31
CA LYS E 396 -11.51 -1.98 38.10
C LYS E 396 -12.02 -2.33 36.70
N ASN E 397 -12.37 -1.34 35.90
CA ASN E 397 -12.86 -1.57 34.55
C ASN E 397 -11.70 -1.67 33.57
N TRP E 398 -11.99 -2.21 32.38
CA TRP E 398 -10.97 -2.31 31.35
C TRP E 398 -10.81 -1.02 30.56
N ARG E 399 -11.65 -0.02 30.82
CA ARG E 399 -11.52 1.30 30.20
C ARG E 399 -12.13 2.33 31.12
N ARG E 400 -11.61 3.55 31.07
CA ARG E 400 -12.15 4.64 31.87
C ARG E 400 -13.38 5.21 31.18
N THR E 401 -14.49 5.26 31.90
CA THR E 401 -15.78 5.62 31.33
C THR E 401 -16.13 7.09 31.48
N ASP E 402 -15.26 7.91 32.08
CA ASP E 402 -15.53 9.33 32.19
C ASP E 402 -15.34 10.08 30.89
N ILE E 403 -14.71 9.45 29.89
CA ILE E 403 -14.57 10.02 28.56
C ILE E 403 -14.94 8.96 27.53
N GLY E 404 -15.65 9.37 26.49
CA GLY E 404 -15.84 8.48 25.36
C GLY E 404 -16.23 9.18 24.08
N VAL E 405 -15.44 8.95 23.02
CA VAL E 405 -15.68 9.45 21.66
C VAL E 405 -16.26 10.86 21.69
N ASP E 406 -15.54 11.79 22.30
CA ASP E 406 -15.98 13.20 22.30
C ASP E 406 -14.71 14.06 22.28
N TRP E 407 -14.30 14.44 21.09
CA TRP E 407 -13.07 15.19 20.87
C TRP E 407 -13.35 16.68 20.74
N PRO E 408 -12.55 17.55 21.38
CA PRO E 408 -11.44 17.18 22.27
C PRO E 408 -11.92 16.82 23.67
N PHE E 409 -11.21 15.95 24.35
CA PHE E 409 -11.58 15.50 25.70
C PHE E 409 -11.17 16.59 26.68
N LYS E 410 -12.06 17.56 26.88
CA LYS E 410 -11.76 18.72 27.69
C LYS E 410 -11.89 18.46 29.19
N GLN E 411 -12.55 17.37 29.59
CA GLN E 411 -12.71 17.04 30.99
C GLN E 411 -11.52 16.25 31.54
N LEU E 412 -10.38 16.28 30.85
CA LEU E 412 -9.19 15.56 31.26
C LEU E 412 -8.09 16.57 31.56
N ASP E 413 -7.42 16.38 32.70
CA ASP E 413 -6.30 17.25 33.05
C ASP E 413 -5.16 17.06 32.06
N ASP E 414 -4.35 18.12 31.90
CA ASP E 414 -3.37 18.16 30.83
C ASP E 414 -2.30 17.08 30.99
N LYS E 415 -2.13 16.56 32.19
CA LYS E 415 -1.10 15.54 32.44
C LYS E 415 -1.52 14.14 32.01
N ASP E 416 -2.78 13.95 31.61
CA ASP E 416 -3.28 12.63 31.21
C ASP E 416 -3.66 12.57 29.74
N ILE E 417 -3.33 13.59 28.95
CA ILE E 417 -3.74 13.63 27.55
C ILE E 417 -2.60 14.18 26.71
N CYS E 418 -2.38 13.56 25.56
CA CYS E 418 -1.45 14.04 24.55
C CYS E 418 -2.21 14.21 23.24
N ARG E 419 -2.07 15.37 22.62
CA ARG E 419 -2.77 15.68 21.37
C ARG E 419 -1.75 15.81 20.26
N PHE E 420 -1.73 14.83 19.37
CA PHE E 420 -0.80 14.83 18.25
C PHE E 420 -1.11 16.01 17.32
N PRO E 421 -0.11 16.81 16.94
CA PRO E 421 -0.38 18.02 16.15
C PRO E 421 -0.47 17.80 14.65
N TYR E 422 -0.35 16.57 14.17
CA TYR E 422 -0.38 16.28 12.74
C TYR E 422 -1.34 15.13 12.46
N ALA E 423 -1.60 14.91 11.18
CA ALA E 423 -2.37 13.77 10.72
C ALA E 423 -1.44 12.68 10.20
N VAL E 424 -1.89 11.44 10.27
CA VAL E 424 -1.07 10.29 9.90
C VAL E 424 -1.61 9.71 8.60
N LEU E 425 -0.75 9.64 7.58
CA LEU E 425 -1.11 9.05 6.31
C LEU E 425 -0.46 7.68 6.18
N GLU E 426 -1.21 6.71 5.66
CA GLU E 426 -0.73 5.35 5.49
C GLU E 426 -0.99 4.92 4.06
N VAL E 427 0.07 4.55 3.34
CA VAL E 427 -0.04 4.12 1.96
C VAL E 427 0.36 2.65 1.89
N LYS E 428 -0.51 1.83 1.30
CA LYS E 428 -0.25 0.41 1.09
C LYS E 428 -0.32 0.13 -0.39
N LEU E 429 0.74 -0.49 -0.92
CA LEU E 429 0.86 -0.79 -2.33
C LEU E 429 1.05 -2.28 -2.51
N GLN E 430 0.46 -2.83 -3.58
CA GLN E 430 0.59 -4.23 -3.95
C GLN E 430 0.90 -4.24 -5.45
N THR E 431 2.18 -4.21 -5.79
CA THR E 431 2.61 -4.01 -7.17
C THR E 431 3.01 -5.33 -7.81
N GLN E 432 2.50 -5.57 -9.01
CA GLN E 432 2.86 -6.77 -9.75
C GLN E 432 4.29 -6.65 -10.28
N LEU E 433 5.01 -7.77 -10.27
CA LEU E 433 6.40 -7.77 -10.71
C LEU E 433 6.50 -7.41 -12.19
N GLY E 434 7.44 -6.53 -12.51
CA GLY E 434 7.65 -6.09 -13.87
C GLY E 434 7.05 -4.75 -14.23
N GLN E 435 6.42 -4.06 -13.28
CA GLN E 435 5.84 -2.75 -13.54
C GLN E 435 5.99 -1.86 -12.32
N GLU E 436 5.99 -0.56 -12.56
CA GLU E 436 6.17 0.47 -11.54
C GLU E 436 4.83 0.88 -10.95
N PRO E 437 4.84 1.43 -9.73
CA PRO E 437 3.60 1.93 -9.13
C PRO E 437 3.06 3.11 -9.93
N PRO E 438 1.78 3.44 -9.77
CA PRO E 438 1.20 4.53 -10.55
C PRO E 438 1.91 5.86 -10.29
N GLU E 439 1.95 6.70 -11.33
CA GLU E 439 2.71 7.94 -11.26
C GLU E 439 2.15 8.87 -10.19
N TRP E 440 0.82 8.90 -10.02
CA TRP E 440 0.23 9.82 -9.05
C TRP E 440 0.64 9.47 -7.63
N VAL E 441 0.74 8.19 -7.30
CA VAL E 441 1.16 7.78 -5.97
C VAL E 441 2.60 8.24 -5.70
N ARG E 442 3.48 8.05 -6.68
CA ARG E 442 4.88 8.44 -6.51
C ARG E 442 5.02 9.95 -6.40
N GLU E 443 4.25 10.70 -7.19
CA GLU E 443 4.27 12.15 -7.06
C GLU E 443 3.69 12.60 -5.73
N LEU E 444 2.73 11.85 -5.17
CA LEU E 444 2.15 12.21 -3.89
C LEU E 444 3.14 11.98 -2.75
N VAL E 445 3.78 10.81 -2.71
CA VAL E 445 4.64 10.48 -1.58
C VAL E 445 5.86 11.39 -1.54
N GLY E 446 6.40 11.75 -2.69
CA GLY E 446 7.44 12.76 -2.73
C GLY E 446 6.89 14.12 -3.12
N SER E 447 6.63 14.97 -2.12
CA SER E 447 6.07 16.29 -2.34
C SER E 447 6.21 17.08 -1.05
N HIS E 448 5.70 18.31 -1.06
CA HIS E 448 5.79 19.19 0.09
C HIS E 448 4.60 19.06 1.03
N LEU E 449 3.72 18.09 0.79
CA LEU E 449 2.54 17.91 1.64
C LEU E 449 2.73 16.86 2.72
N VAL E 450 3.67 15.92 2.55
CA VAL E 450 3.86 14.84 3.50
C VAL E 450 5.32 14.79 3.93
N GLU E 451 5.55 14.32 5.15
CA GLU E 451 6.89 14.11 5.70
C GLU E 451 7.05 12.65 6.09
N PRO E 452 7.92 11.88 5.43
CA PRO E 452 8.01 10.45 5.73
C PRO E 452 8.65 10.19 7.08
N VAL E 453 7.99 9.36 7.89
CA VAL E 453 8.52 8.92 9.19
C VAL E 453 8.44 7.40 9.24
N PRO E 454 9.45 6.69 8.76
CA PRO E 454 9.36 5.23 8.71
C PRO E 454 9.24 4.59 10.08
N LYS E 455 8.43 3.53 10.16
CA LYS E 455 8.23 2.76 11.38
C LYS E 455 7.68 3.62 12.53
N PHE E 456 6.76 4.53 12.20
CA PHE E 456 6.06 5.26 13.24
C PHE E 456 4.98 4.38 13.87
N SER E 457 4.78 4.56 15.17
CA SER E 457 3.81 3.77 15.91
C SER E 457 3.09 4.65 16.92
N LYS E 458 1.80 4.38 17.14
CA LYS E 458 1.01 5.16 18.09
C LYS E 458 1.20 4.68 19.52
N PHE E 459 1.34 3.37 19.73
CA PHE E 459 1.50 2.83 21.07
C PHE E 459 2.82 3.29 21.70
N ILE E 460 3.91 3.19 20.94
CA ILE E 460 5.22 3.61 21.45
C ILE E 460 5.23 5.10 21.72
N HIS E 461 4.67 5.90 20.80
CA HIS E 461 4.63 7.34 21.00
C HIS E 461 3.82 7.70 22.23
N GLY E 462 2.66 7.05 22.42
CA GLY E 462 1.85 7.35 23.59
C GLY E 462 2.56 7.02 24.89
N VAL E 463 3.19 5.84 24.96
CA VAL E 463 3.88 5.45 26.17
C VAL E 463 5.06 6.39 26.44
N ALA E 464 5.83 6.71 25.40
CA ALA E 464 6.99 7.58 25.59
C ALA E 464 6.58 8.98 26.03
N THR E 465 5.51 9.53 25.45
CA THR E 465 5.11 10.90 25.77
C THR E 465 4.45 10.97 27.14
N LEU E 466 3.57 10.01 27.46
CA LEU E 466 2.84 10.10 28.72
C LEU E 466 3.70 9.67 29.91
N LEU E 467 4.26 8.45 29.84
CA LEU E 467 5.09 7.93 30.92
C LEU E 467 6.57 8.23 30.67
N ASN E 468 6.85 9.51 30.44
CA ASN E 468 8.21 9.94 30.11
C ASN E 468 9.14 9.94 31.30
N ASP E 469 8.63 9.78 32.52
CA ASP E 469 9.46 9.71 33.72
C ASP E 469 9.66 8.27 34.19
N LYS E 470 9.36 7.29 33.34
CA LYS E 470 9.46 5.89 33.70
C LYS E 470 10.14 5.04 32.64
N VAL E 471 10.58 5.63 31.52
CA VAL E 471 11.15 4.90 30.41
C VAL E 471 12.59 5.38 30.20
N ASP E 472 13.48 4.43 29.87
CA ASP E 472 14.87 4.74 29.61
C ASP E 472 15.18 4.92 28.13
N SER E 473 14.43 4.26 27.25
CA SER E 473 14.66 4.34 25.81
C SER E 473 13.47 5.01 25.15
N ILE E 474 13.75 5.89 24.19
CA ILE E 474 12.71 6.64 23.48
C ILE E 474 12.95 6.51 21.98
N PRO E 475 11.92 6.62 21.15
CA PRO E 475 12.13 6.54 19.70
C PRO E 475 12.88 7.76 19.18
N PHE E 476 13.24 7.70 17.89
CA PHE E 476 14.04 8.75 17.30
C PHE E 476 13.25 10.02 17.03
N TRP E 477 11.95 9.90 16.73
CA TRP E 477 11.15 11.07 16.37
C TRP E 477 10.77 11.93 17.56
N LEU E 478 10.88 11.40 18.78
CA LEU E 478 10.39 12.13 19.94
C LEU E 478 11.12 13.44 20.19
N PRO E 479 12.47 13.51 20.18
CA PRO E 479 13.11 14.82 20.36
C PRO E 479 12.81 15.82 19.26
N GLN E 480 12.42 15.36 18.07
CA GLN E 480 12.17 16.24 16.93
C GLN E 480 10.71 16.64 16.81
N MET E 481 9.99 16.69 17.93
CA MET E 481 8.57 17.01 17.87
C MET E 481 8.31 18.51 17.65
N ASP E 482 9.32 19.35 17.87
CA ASP E 482 9.18 20.79 17.69
C ASP E 482 9.69 21.28 16.35
N VAL E 483 10.11 20.38 15.47
CA VAL E 483 10.60 20.77 14.16
C VAL E 483 9.41 21.09 13.25
N ASP E 484 9.43 22.27 12.65
CA ASP E 484 8.39 22.63 11.69
C ASP E 484 8.56 21.81 10.41
N ILE E 485 7.49 21.16 9.96
CA ILE E 485 7.58 20.24 8.84
C ILE E 485 7.02 20.80 7.56
N ARG E 486 6.59 22.07 7.55
CA ARG E 486 6.11 22.69 6.33
C ARG E 486 7.26 22.90 5.35
N LYS E 487 7.02 22.60 4.08
CA LYS E 487 8.04 22.67 3.05
C LYS E 487 7.53 23.46 1.86
N PRO E 488 8.41 24.18 1.17
CA PRO E 488 7.98 24.99 0.02
C PRO E 488 7.76 24.11 -1.20
N PRO E 489 6.91 24.55 -2.13
CA PRO E 489 6.65 23.74 -3.33
C PRO E 489 7.93 23.52 -4.13
N LEU E 490 8.05 22.32 -4.70
CA LEU E 490 9.22 21.94 -5.47
C LEU E 490 8.93 22.03 -6.96
N ASP E 508 24.65 -10.15 -14.17
CA ASP E 508 24.55 -9.46 -12.89
C ASP E 508 25.87 -8.78 -12.53
N PHE E 509 25.80 -7.83 -11.60
CA PHE E 509 26.99 -7.10 -11.18
C PHE E 509 27.90 -8.00 -10.35
N ASP E 510 29.18 -7.66 -10.35
CA ASP E 510 30.16 -8.36 -9.54
C ASP E 510 30.19 -7.77 -8.13
N GLU E 511 30.34 -8.66 -7.14
CA GLU E 511 30.36 -8.21 -5.74
C GLU E 511 31.58 -7.33 -5.47
N ASP E 512 32.76 -7.74 -5.94
CA ASP E 512 33.95 -6.92 -5.78
C ASP E 512 33.79 -5.59 -6.50
N ASP E 513 33.12 -5.60 -7.67
CA ASP E 513 32.87 -4.36 -8.39
C ASP E 513 31.95 -3.45 -7.60
N GLU E 514 30.92 -4.02 -6.96
CA GLU E 514 30.02 -3.20 -6.14
C GLU E 514 30.75 -2.59 -4.95
N ASP E 515 31.62 -3.38 -4.30
CA ASP E 515 32.41 -2.84 -3.19
C ASP E 515 33.35 -1.75 -3.67
N ASP E 516 33.94 -1.92 -4.85
CA ASP E 516 34.80 -0.90 -5.42
C ASP E 516 34.02 0.39 -5.70
N ALA E 517 32.80 0.25 -6.25
CA ALA E 517 31.98 1.42 -6.52
C ALA E 517 31.61 2.14 -5.23
N ALA E 518 31.27 1.38 -4.19
CA ALA E 518 30.97 1.99 -2.90
C ALA E 518 32.17 2.71 -2.33
N LEU E 519 33.37 2.12 -2.45
CA LEU E 519 34.58 2.77 -1.97
C LEU E 519 34.84 4.06 -2.71
N VAL E 520 34.67 4.05 -4.05
CA VAL E 520 34.86 5.27 -4.83
C VAL E 520 33.84 6.33 -4.42
N ALA E 521 32.59 5.94 -4.23
CA ALA E 521 31.55 6.90 -3.86
C ALA E 521 31.84 7.52 -2.49
N ALA E 522 32.25 6.69 -1.53
CA ALA E 522 32.52 7.18 -0.19
C ALA E 522 33.82 7.98 -0.09
N MET E 523 34.79 7.72 -0.95
CA MET E 523 36.07 8.42 -0.87
C MET E 523 35.96 9.86 -1.39
N THR E 524 35.21 10.07 -2.47
CA THR E 524 35.09 11.39 -3.06
C THR E 524 33.87 12.13 -2.56
N ILE E 605 18.28 15.58 17.48
CA ILE E 605 19.72 15.65 17.58
C ILE E 605 20.24 14.67 18.63
N ARG E 606 19.98 14.98 19.90
CA ARG E 606 20.41 14.14 21.00
C ARG E 606 19.26 13.94 21.98
N ALA E 607 19.24 12.77 22.62
CA ALA E 607 18.22 12.48 23.60
C ALA E 607 18.45 13.26 24.88
N PRO E 608 17.39 13.54 25.64
CA PRO E 608 17.55 14.25 26.91
C PRO E 608 18.33 13.40 27.91
N PRO E 609 18.96 14.03 28.90
CA PRO E 609 19.76 13.27 29.88
C PRO E 609 18.90 12.22 30.59
N GLY E 610 19.49 11.03 30.77
CA GLY E 610 18.79 9.92 31.35
C GLY E 610 18.08 9.03 30.34
N LYS E 611 18.04 9.41 29.07
CA LYS E 611 17.37 8.65 28.02
C LYS E 611 18.29 8.49 26.83
N THR E 612 18.12 7.38 26.12
CA THR E 612 18.90 7.08 24.92
C THR E 612 17.96 6.75 23.77
N ILE E 613 18.28 7.28 22.59
CA ILE E 613 17.49 7.03 21.39
C ILE E 613 17.72 5.59 20.96
N CYS E 614 16.69 4.76 21.02
CA CYS E 614 16.82 3.35 20.70
C CYS E 614 16.38 3.11 19.25
N VAL E 615 17.28 2.55 18.45
CA VAL E 615 16.99 2.21 17.07
C VAL E 615 17.52 0.80 16.78
N PRO E 616 16.70 -0.10 16.24
CA PRO E 616 17.20 -1.43 15.89
C PRO E 616 17.95 -1.41 14.58
N VAL E 617 18.97 -2.26 14.49
CA VAL E 617 19.91 -2.28 13.37
C VAL E 617 19.68 -3.55 12.56
N ARG E 618 19.49 -3.39 11.25
CA ARG E 618 19.29 -4.50 10.34
C ARG E 618 20.47 -4.56 9.37
N VAL E 619 20.94 -5.79 9.11
CA VAL E 619 22.07 -6.01 8.21
C VAL E 619 21.59 -6.73 6.97
N GLU E 620 22.18 -6.39 5.85
CA GLU E 620 21.91 -7.11 4.61
C GLU E 620 22.37 -8.56 4.76
N PRO E 621 21.64 -9.52 4.19
CA PRO E 621 22.10 -10.92 4.28
C PRO E 621 23.49 -11.13 3.74
N LYS E 622 23.88 -10.37 2.71
CA LYS E 622 25.22 -10.48 2.16
C LYS E 622 26.20 -9.71 3.05
N VAL E 623 26.14 -10.01 4.35
CA VAL E 623 27.16 -9.62 5.31
C VAL E 623 27.55 -10.91 6.02
N TYR E 624 26.62 -11.86 6.05
CA TYR E 624 26.90 -13.16 6.66
C TYR E 624 28.07 -13.84 5.96
N PHE E 625 28.10 -13.77 4.64
CA PHE E 625 29.21 -14.32 3.86
C PHE E 625 30.42 -13.41 3.87
N ALA E 626 30.27 -12.14 4.25
CA ALA E 626 31.41 -11.23 4.22
C ALA E 626 32.40 -11.56 5.33
N THR E 627 31.93 -11.52 6.58
CA THR E 627 32.83 -11.69 7.73
C THR E 627 33.62 -13.00 7.63
N GLU E 628 32.94 -14.11 7.33
CA GLU E 628 33.63 -15.39 7.20
C GLU E 628 34.75 -15.29 6.18
N ARG E 629 34.47 -14.69 5.02
CA ARG E 629 35.52 -14.53 4.02
C ARG E 629 36.72 -13.80 4.62
N THR E 630 36.46 -12.67 5.28
CA THR E 630 37.54 -11.95 5.95
C THR E 630 38.26 -12.87 6.93
N TYR E 631 37.48 -13.59 7.75
CA TYR E 631 38.07 -14.54 8.69
C TYR E 631 39.00 -15.50 7.96
N LEU E 632 38.52 -16.09 6.86
CA LEU E 632 39.35 -17.03 6.13
C LEU E 632 40.60 -16.34 5.60
N SER E 633 40.45 -15.13 5.08
CA SER E 633 41.59 -14.40 4.56
C SER E 633 42.62 -14.13 5.64
N TRP E 634 42.23 -14.19 6.91
CA TRP E 634 43.20 -14.10 7.99
C TRP E 634 43.79 -15.46 8.33
N LEU E 635 42.94 -16.49 8.38
CA LEU E 635 43.40 -17.78 8.88
C LEU E 635 44.56 -18.32 8.06
N SER E 636 44.43 -18.29 6.73
CA SER E 636 45.51 -18.73 5.86
C SER E 636 46.82 -18.06 6.23
N ILE E 637 46.78 -16.74 6.47
CA ILE E 637 48.00 -16.02 6.82
C ILE E 637 48.66 -16.66 8.02
N SER E 638 47.87 -16.92 9.07
CA SER E 638 48.43 -17.54 10.27
C SER E 638 49.12 -18.86 9.92
N ILE E 639 48.47 -19.68 9.09
CA ILE E 639 49.05 -20.97 8.73
C ILE E 639 50.44 -20.77 8.14
N LEU E 640 50.57 -19.80 7.22
CA LEU E 640 51.87 -19.54 6.64
C LEU E 640 52.89 -19.22 7.73
N LEU E 641 52.55 -18.30 8.62
CA LEU E 641 53.44 -18.01 9.74
C LEU E 641 53.66 -19.26 10.58
N GLY E 642 52.58 -19.99 10.87
CA GLY E 642 52.72 -21.23 11.60
C GLY E 642 53.67 -22.19 10.92
N GLY E 643 53.60 -22.25 9.59
CA GLY E 643 54.52 -23.10 8.86
C GLY E 643 55.96 -22.77 9.18
N VAL E 644 56.29 -21.47 9.17
CA VAL E 644 57.65 -21.08 9.51
C VAL E 644 58.03 -21.65 10.87
N SER E 645 57.12 -21.51 11.85
CA SER E 645 57.39 -22.02 13.18
C SER E 645 57.79 -23.49 13.12
N THR E 646 56.99 -24.31 12.43
CA THR E 646 57.31 -25.74 12.46
C THR E 646 58.59 -26.03 11.71
N THR E 647 58.86 -25.31 10.62
CA THR E 647 60.11 -25.61 9.92
C THR E 647 61.31 -25.06 10.66
N LEU E 648 61.09 -24.29 11.73
CA LEU E 648 62.16 -23.88 12.62
C LEU E 648 62.08 -24.59 13.96
N LEU E 649 61.17 -25.56 14.12
CA LEU E 649 61.07 -26.31 15.36
C LEU E 649 61.67 -27.70 15.29
N THR E 650 61.81 -28.26 14.08
CA THR E 650 62.32 -29.62 13.93
C THR E 650 63.36 -29.76 12.83
N TYR E 651 63.65 -28.72 12.05
CA TYR E 651 64.58 -28.82 10.95
C TYR E 651 65.78 -27.89 11.07
N GLY E 652 65.84 -27.07 12.11
CA GLY E 652 66.88 -26.06 12.24
C GLY E 652 67.94 -26.43 13.27
N SER E 653 69.00 -25.62 13.28
CA SER E 653 70.05 -25.76 14.26
C SER E 653 69.55 -25.27 15.62
N PRO E 654 70.16 -25.73 16.71
CA PRO E 654 69.72 -25.28 18.05
C PRO E 654 69.89 -23.79 18.27
N THR E 655 70.71 -23.11 17.47
CA THR E 655 70.93 -21.68 17.64
C THR E 655 69.86 -20.82 16.97
N ALA E 656 68.94 -21.42 16.21
CA ALA E 656 67.94 -20.67 15.47
C ALA E 656 66.52 -20.93 15.97
N MET E 657 66.36 -21.54 17.14
CA MET E 657 65.04 -21.83 17.67
C MET E 657 64.40 -20.64 18.37
N ILE E 658 65.16 -19.61 18.71
CA ILE E 658 64.58 -18.44 19.37
C ILE E 658 63.72 -17.64 18.37
N GLY E 659 64.16 -17.57 17.11
CA GLY E 659 63.29 -17.03 16.08
C GLY E 659 62.03 -17.86 15.89
N SER E 660 62.15 -19.17 16.07
CA SER E 660 60.96 -20.02 16.07
C SER E 660 60.02 -19.64 17.21
N ILE E 661 60.57 -19.33 18.39
CA ILE E 661 59.73 -18.87 19.49
C ILE E 661 59.03 -17.57 19.13
N GLY E 662 59.76 -16.65 18.52
CA GLY E 662 59.16 -15.37 18.13
C GLY E 662 58.02 -15.54 17.15
N PHE E 663 58.24 -16.34 16.11
CA PHE E 663 57.18 -16.60 15.13
C PHE E 663 56.01 -17.35 15.77
N PHE E 664 56.29 -18.24 16.72
CA PHE E 664 55.25 -18.94 17.46
C PHE E 664 54.35 -17.94 18.19
N ILE E 665 54.98 -16.98 18.89
CA ILE E 665 54.21 -15.97 19.62
C ILE E 665 53.39 -15.13 18.66
N THR E 666 53.99 -14.70 17.55
CA THR E 666 53.26 -13.86 16.59
C THR E 666 52.07 -14.60 16.00
N SER E 667 52.26 -15.86 15.61
CA SER E 667 51.16 -16.63 15.04
C SER E 667 50.05 -16.83 16.06
N LEU E 668 50.40 -17.15 17.31
CA LEU E 668 49.36 -17.31 18.32
C LEU E 668 48.57 -16.01 18.51
N ALA E 669 49.28 -14.88 18.59
CA ALA E 669 48.60 -13.61 18.80
C ALA E 669 47.64 -13.30 17.66
N VAL E 670 48.12 -13.43 16.42
CA VAL E 670 47.27 -13.11 15.27
C VAL E 670 46.06 -14.03 15.23
N LEU E 671 46.27 -15.33 15.43
CA LEU E 671 45.16 -16.27 15.31
C LEU E 671 44.12 -16.03 16.40
N ILE E 672 44.54 -15.86 17.65
CA ILE E 672 43.56 -15.64 18.71
C ILE E 672 42.84 -14.30 18.52
N ARG E 673 43.54 -13.28 18.00
CA ARG E 673 42.87 -12.03 17.71
C ARG E 673 41.77 -12.23 16.68
N THR E 674 42.07 -12.95 15.60
CA THR E 674 41.07 -13.16 14.56
C THR E 674 39.88 -13.96 15.09
N VAL E 675 40.14 -14.98 15.90
CA VAL E 675 39.03 -15.74 16.48
C VAL E 675 38.17 -14.85 17.38
N MET E 676 38.80 -14.00 18.18
CA MET E 676 38.04 -13.10 19.03
C MET E 676 37.17 -12.17 18.21
N VAL E 677 37.73 -11.58 17.15
CA VAL E 677 36.97 -10.64 16.32
C VAL E 677 35.81 -11.35 15.65
N TYR E 678 36.04 -12.55 15.11
CA TYR E 678 34.97 -13.28 14.43
C TYR E 678 33.85 -13.64 15.40
N ALA E 679 34.21 -14.13 16.60
CA ALA E 679 33.18 -14.48 17.58
C ALA E 679 32.40 -13.25 18.01
N LYS E 680 33.08 -12.13 18.24
CA LYS E 680 32.40 -10.89 18.62
C LYS E 680 31.42 -10.46 17.53
N ARG E 681 31.86 -10.45 16.28
CA ARG E 681 30.99 -10.02 15.20
C ARG E 681 29.78 -10.94 15.07
N VAL E 682 29.99 -12.25 15.14
CA VAL E 682 28.88 -13.19 14.99
C VAL E 682 27.88 -13.02 16.13
N VAL E 683 28.36 -12.94 17.37
CA VAL E 683 27.44 -12.84 18.50
C VAL E 683 26.71 -11.51 18.50
N ASN E 684 27.35 -10.44 18.04
CA ASN E 684 26.68 -9.14 18.02
C ASN E 684 25.64 -9.07 16.90
N ILE E 685 25.96 -9.59 15.72
CA ILE E 685 24.99 -9.59 14.63
C ILE E 685 23.82 -10.51 14.97
N ARG E 686 24.08 -11.60 15.68
CA ARG E 686 23.02 -12.53 16.04
C ARG E 686 21.94 -11.86 16.87
N LEU E 687 22.34 -11.01 17.82
CA LEU E 687 21.41 -10.38 18.74
C LEU E 687 21.15 -8.91 18.42
N LYS E 688 21.30 -8.53 17.16
CA LYS E 688 20.81 -7.27 16.60
C LYS E 688 21.49 -6.02 17.18
N ARG E 689 22.69 -6.15 17.76
CA ARG E 689 23.38 -4.95 18.19
C ARG E 689 24.07 -4.27 17.01
N ALA E 690 24.58 -3.07 17.26
CA ALA E 690 25.31 -2.30 16.26
C ALA E 690 26.80 -2.52 16.45
N VAL E 691 27.51 -2.76 15.35
CA VAL E 691 28.90 -3.17 15.40
C VAL E 691 29.76 -2.18 14.63
N ASP E 692 31.05 -2.19 14.94
CA ASP E 692 32.04 -1.43 14.19
C ASP E 692 32.70 -2.32 13.16
N TYR E 693 32.69 -1.88 11.90
CA TYR E 693 33.17 -2.69 10.79
C TYR E 693 34.57 -2.27 10.33
N GLU E 694 35.22 -1.36 11.05
CA GLU E 694 36.57 -0.91 10.73
C GLU E 694 37.51 -1.39 11.83
N ASP E 695 38.43 -2.28 11.49
CA ASP E 695 39.41 -2.79 12.44
C ASP E 695 40.67 -1.95 12.32
N LYS E 696 40.95 -1.15 13.36
CA LYS E 696 42.04 -0.20 13.36
C LYS E 696 43.33 -0.77 13.95
N ILE E 697 43.28 -1.96 14.55
CA ILE E 697 44.41 -2.50 15.27
C ILE E 697 45.14 -3.60 14.49
N GLY E 698 44.47 -4.28 13.58
CA GLY E 698 45.04 -5.42 12.88
C GLY E 698 46.32 -5.12 12.12
N PRO E 699 46.24 -4.21 11.15
CA PRO E 699 47.45 -3.89 10.37
C PRO E 699 48.63 -3.43 11.20
N GLY E 700 48.39 -2.57 12.20
CA GLY E 700 49.49 -2.11 13.04
C GLY E 700 50.11 -3.22 13.87
N MET E 701 49.27 -4.07 14.47
CA MET E 701 49.78 -5.18 15.27
C MET E 701 50.59 -6.15 14.40
N VAL E 702 50.06 -6.48 13.23
CA VAL E 702 50.79 -7.38 12.33
C VAL E 702 52.10 -6.76 11.90
N SER E 703 52.09 -5.46 11.56
CA SER E 703 53.30 -4.76 11.19
C SER E 703 54.36 -4.86 12.29
N VAL E 704 53.99 -4.48 13.52
CA VAL E 704 54.99 -4.43 14.58
C VAL E 704 55.49 -5.83 14.92
N PHE E 705 54.60 -6.82 14.96
CA PHE E 705 55.03 -8.17 15.32
C PHE E 705 55.94 -8.76 14.24
N LEU E 706 55.58 -8.59 12.96
CA LEU E 706 56.43 -9.11 11.89
C LEU E 706 57.79 -8.43 11.88
N ILE E 707 57.83 -7.10 12.05
CA ILE E 707 59.10 -6.40 12.06
C ILE E 707 59.98 -6.90 13.21
N LEU E 708 59.38 -7.01 14.40
CA LEU E 708 60.14 -7.47 15.56
C LEU E 708 60.67 -8.88 15.34
N SER E 709 59.83 -9.78 14.85
CA SER E 709 60.27 -11.17 14.65
C SER E 709 61.38 -11.26 13.62
N ILE E 710 61.24 -10.55 12.50
CA ILE E 710 62.25 -10.63 11.45
C ILE E 710 63.58 -10.05 11.93
N LEU E 711 63.54 -8.88 12.56
CA LEU E 711 64.79 -8.27 13.02
C LEU E 711 65.44 -9.11 14.11
N PHE E 712 64.64 -9.66 15.02
CA PHE E 712 65.19 -10.50 16.07
C PHE E 712 65.83 -11.76 15.52
N SER E 713 65.18 -12.40 14.52
CA SER E 713 65.77 -13.58 13.91
C SER E 713 67.08 -13.23 13.19
N PHE E 714 67.11 -12.10 12.48
CA PHE E 714 68.34 -11.68 11.82
C PHE E 714 69.46 -11.48 12.84
N PHE E 715 69.16 -10.77 13.93
CA PHE E 715 70.18 -10.52 14.94
C PHE E 715 70.66 -11.81 15.57
N CYS E 716 69.74 -12.72 15.90
CA CYS E 716 70.12 -13.95 16.59
C CYS E 716 70.89 -14.90 15.68
N ASN E 717 70.64 -14.85 14.37
CA ASN E 717 71.41 -15.67 13.45
C ASN E 717 72.68 -14.99 12.95
N LEU E 718 72.86 -13.71 13.27
CA LEU E 718 74.09 -12.99 12.93
C LEU E 718 74.71 -12.36 14.17
N VAL E 719 74.81 -13.14 15.25
CA VAL E 719 75.41 -12.68 16.50
C VAL E 719 76.55 -13.62 16.86
N ALA E 720 77.64 -13.05 17.37
CA ALA E 720 78.82 -13.79 17.81
C ALA E 720 79.37 -14.67 16.68
#